data_3GK0
#
_entry.id   3GK0
#
_cell.length_a   90.090
_cell.length_b   91.864
_cell.length_c   90.024
_cell.angle_alpha   118.480
_cell.angle_beta   116.810
_cell.angle_gamma   93.500
#
_symmetry.space_group_name_H-M   'P 1'
#
loop_
_entity.id
_entity.type
_entity.pdbx_description
1 polymer "Pyridoxine 5'-phosphate synthase"
2 non-polymer 'PHOSPHATE ION'
3 non-polymer 1-DEOXY-D-XYLULOSE-5-PHOSPHATE
4 water water
#
_entity_poly.entity_id   1
_entity_poly.type   'polypeptide(L)'
_entity_poly.pdbx_seq_one_letter_code
;MAHHHHHHMGTLEAQTQGPGSMSFFLTTPAAIDLGVNIDHVATLRNARGTAYPDPVRAALAAEDAGADAITLHLREDRRH
IVDADVRTLRPRVKTRMNLECAVTPEMLDIACEIRPHDACLVPEKRSELTTEGGLDVVGHFDAVRAACKQLADAGVRVSL
FIDPDEAQIRAAHETGAPVIELHTGRYADAHDAAEQQREFERIATGVDAGIALGLKVNAGHGLHYTNVQAIAALPGIAEL
NIGHAIVAHAVFVGWDNAVREMKAIMVAARVAALHGGR
;
_entity_poly.pdbx_strand_id   A,B,C,D,E,F,G,H
#
# COMPACT_ATOMS: atom_id res chain seq x y z
N PHE A 24 12.40 13.09 -32.31
CA PHE A 24 11.72 14.41 -32.14
C PHE A 24 10.23 14.30 -32.42
N PHE A 25 9.46 15.13 -31.71
CA PHE A 25 8.03 15.22 -31.92
C PHE A 25 7.41 16.52 -31.39
N LEU A 26 6.27 16.87 -31.97
CA LEU A 26 5.40 17.94 -31.50
C LEU A 26 4.35 17.35 -30.56
N THR A 27 4.14 17.98 -29.42
CA THR A 27 3.04 17.60 -28.53
C THR A 27 1.76 18.21 -29.07
N THR A 28 0.73 17.39 -29.22
CA THR A 28 -0.58 17.84 -29.73
C THR A 28 -1.73 17.07 -29.05
N PRO A 29 -2.79 17.79 -28.59
CA PRO A 29 -3.90 17.19 -27.81
C PRO A 29 -4.76 16.14 -28.54
N ALA A 30 -4.67 16.09 -29.88
CA ALA A 30 -5.46 15.16 -30.70
C ALA A 30 -4.97 13.71 -30.65
N ALA A 31 -3.79 13.49 -30.06
CA ALA A 31 -3.17 12.14 -30.03
C ALA A 31 -4.01 11.11 -29.26
N ILE A 32 -4.74 11.56 -28.24
CA ILE A 32 -5.51 10.67 -27.37
C ILE A 32 -6.63 11.46 -26.69
N ASP A 33 -7.88 10.99 -26.83
CA ASP A 33 -9.02 11.74 -26.29
C ASP A 33 -9.31 11.41 -24.82
N LEU A 34 -9.73 12.42 -24.07
CA LEU A 34 -10.14 12.23 -22.67
C LEU A 34 -11.62 12.51 -22.54
N GLY A 35 -12.34 11.50 -22.01
CA GLY A 35 -13.71 11.66 -21.57
C GLY A 35 -13.72 11.81 -20.05
N VAL A 36 -14.38 12.86 -19.57
CA VAL A 36 -14.52 13.10 -18.13
C VAL A 36 -15.88 12.64 -17.67
N ASN A 37 -15.90 11.75 -16.68
CA ASN A 37 -17.14 11.23 -16.13
C ASN A 37 -17.53 12.07 -14.92
N ILE A 38 -18.72 12.65 -14.95
CA ILE A 38 -19.16 13.60 -13.91
C ILE A 38 -20.11 13.00 -12.86
N ASP A 39 -20.27 11.66 -12.86
CA ASP A 39 -21.21 10.98 -11.97
C ASP A 39 -21.00 11.41 -10.52
N HIS A 40 -19.76 11.35 -10.04
CA HIS A 40 -19.49 11.55 -8.63
C HIS A 40 -19.58 13.00 -8.15
N VAL A 41 -19.72 13.95 -9.06
CA VAL A 41 -20.10 15.29 -8.65
C VAL A 41 -21.56 15.25 -8.20
N ALA A 42 -22.35 14.45 -8.93
CA ALA A 42 -23.72 14.16 -8.58
C ALA A 42 -23.82 13.45 -7.25
N THR A 43 -22.95 12.48 -7.01
CA THR A 43 -22.94 11.77 -5.72
C THR A 43 -22.82 12.81 -4.61
N LEU A 44 -21.95 13.79 -4.81
CA LEU A 44 -21.68 14.80 -3.79
C LEU A 44 -22.88 15.73 -3.60
N ARG A 45 -23.48 16.17 -4.70
CA ARG A 45 -24.67 17.01 -4.63
C ARG A 45 -25.84 16.31 -3.94
N ASN A 46 -26.10 15.05 -4.30
CA ASN A 46 -27.23 14.30 -3.75
C ASN A 46 -27.09 14.06 -2.24
N ALA A 47 -25.86 14.02 -1.76
CA ALA A 47 -25.58 13.87 -0.34
C ALA A 47 -26.30 14.91 0.52
N ARG A 48 -26.33 16.16 0.07
CA ARG A 48 -26.93 17.24 0.88
C ARG A 48 -28.35 17.60 0.43
N GLY A 49 -28.64 17.52 -0.86
CA GLY A 49 -29.98 17.79 -1.38
C GLY A 49 -30.15 19.11 -2.12
N THR A 50 -29.13 19.96 -2.11
CA THR A 50 -29.17 21.22 -2.85
C THR A 50 -28.81 20.95 -4.32
N ALA A 51 -28.60 22.00 -5.10
CA ALA A 51 -28.21 21.84 -6.49
C ALA A 51 -26.70 21.79 -6.69
N TYR A 52 -25.91 21.83 -5.61
CA TYR A 52 -24.46 22.03 -5.68
C TYR A 52 -23.71 20.91 -4.97
N PRO A 53 -22.54 20.51 -5.50
CA PRO A 53 -21.87 21.04 -6.68
C PRO A 53 -22.57 20.56 -7.94
N ASP A 54 -22.79 21.48 -8.87
CA ASP A 54 -23.59 21.23 -10.05
C ASP A 54 -22.84 20.38 -11.07
N PRO A 55 -23.36 19.19 -11.40
CA PRO A 55 -22.78 18.32 -12.44
C PRO A 55 -22.76 18.96 -13.84
N VAL A 56 -23.77 19.76 -14.12
CA VAL A 56 -23.84 20.46 -15.41
C VAL A 56 -22.70 21.46 -15.58
N ARG A 57 -22.41 22.21 -14.53
CA ARG A 57 -21.30 23.16 -14.55
C ARG A 57 -19.97 22.42 -14.63
N ALA A 58 -19.89 21.31 -13.90
CA ALA A 58 -18.74 20.40 -13.93
C ALA A 58 -18.37 19.98 -15.36
N ALA A 59 -19.38 19.54 -16.10
CA ALA A 59 -19.22 19.11 -17.48
C ALA A 59 -18.71 20.21 -18.40
N LEU A 60 -19.32 21.39 -18.33
CA LEU A 60 -18.92 22.50 -19.20
C LEU A 60 -17.54 23.06 -18.86
N ALA A 61 -17.21 23.10 -17.57
CA ALA A 61 -15.88 23.53 -17.14
C ALA A 61 -14.79 22.52 -17.57
N ALA A 62 -15.15 21.24 -17.65
CA ALA A 62 -14.20 20.20 -18.09
C ALA A 62 -13.86 20.34 -19.57
N GLU A 63 -14.86 20.69 -20.36
CA GLU A 63 -14.70 20.99 -21.78
C GLU A 63 -13.77 22.18 -21.97
N ASP A 64 -13.95 23.22 -21.16
CA ASP A 64 -13.06 24.39 -21.22
C ASP A 64 -11.63 24.01 -20.83
N ALA A 65 -11.50 22.98 -19.98
CA ALA A 65 -10.20 22.55 -19.48
C ALA A 65 -9.49 21.55 -20.39
N GLY A 66 -10.14 21.15 -21.48
CA GLY A 66 -9.53 20.28 -22.50
C GLY A 66 -10.11 18.87 -22.62
N ALA A 67 -11.21 18.60 -21.92
CA ALA A 67 -11.91 17.32 -22.08
C ALA A 67 -12.40 17.23 -23.52
N ASP A 68 -12.34 16.04 -24.11
CA ASP A 68 -12.80 15.84 -25.49
C ASP A 68 -14.22 15.30 -25.55
N ALA A 69 -14.68 14.75 -24.44
CA ALA A 69 -16.08 14.34 -24.29
C ALA A 69 -16.43 14.41 -22.82
N ILE A 70 -17.72 14.50 -22.54
CA ILE A 70 -18.27 14.41 -21.18
C ILE A 70 -19.02 13.10 -21.05
N THR A 71 -18.73 12.36 -20.00
CA THR A 71 -19.38 11.07 -19.79
C THR A 71 -20.27 11.14 -18.55
N LEU A 72 -21.45 10.53 -18.65
CA LEU A 72 -22.37 10.49 -17.53
C LEU A 72 -23.26 9.26 -17.61
N HIS A 73 -23.37 8.55 -16.50
CA HIS A 73 -24.17 7.34 -16.43
C HIS A 73 -25.54 7.61 -15.79
N LEU A 74 -26.59 7.60 -16.60
CA LEU A 74 -27.97 7.71 -16.10
C LEU A 74 -28.45 6.33 -15.70
N ARG A 75 -28.38 6.03 -14.41
CA ARG A 75 -28.79 4.74 -13.91
C ARG A 75 -30.31 4.61 -13.87
N GLU A 76 -30.80 3.38 -13.99
CA GLU A 76 -32.23 3.08 -13.86
C GLU A 76 -32.72 3.58 -12.51
N ASP A 77 -31.94 3.30 -11.46
CA ASP A 77 -32.28 3.70 -10.10
C ASP A 77 -31.98 5.17 -9.76
N ARG A 78 -31.50 5.93 -10.75
CA ARG A 78 -31.18 7.37 -10.60
C ARG A 78 -30.47 7.69 -9.30
N ARG A 79 -29.42 6.94 -9.01
CA ARG A 79 -28.73 7.07 -7.73
C ARG A 79 -27.81 8.29 -7.65
N HIS A 80 -27.14 8.62 -8.74
CA HIS A 80 -26.28 9.82 -8.79
C HIS A 80 -26.76 10.83 -9.83
N ILE A 81 -26.34 10.71 -11.08
CA ILE A 81 -26.90 11.51 -12.17
C ILE A 81 -28.40 11.26 -12.28
N VAL A 82 -29.16 12.31 -12.55
CA VAL A 82 -30.62 12.23 -12.67
C VAL A 82 -30.97 12.76 -14.05
N ASP A 83 -32.24 12.63 -14.44
CA ASP A 83 -32.66 12.92 -15.82
C ASP A 83 -32.46 14.39 -16.20
N ALA A 84 -32.82 15.30 -15.28
CA ALA A 84 -32.67 16.74 -15.50
C ALA A 84 -31.20 17.12 -15.82
N ASP A 85 -30.25 16.42 -15.20
CA ASP A 85 -28.83 16.65 -15.52
C ASP A 85 -28.57 16.37 -16.99
N VAL A 86 -29.05 15.23 -17.47
CA VAL A 86 -28.80 14.82 -18.85
C VAL A 86 -29.50 15.74 -19.84
N ARG A 87 -30.76 16.04 -19.56
CA ARG A 87 -31.56 16.89 -20.44
C ARG A 87 -31.07 18.33 -20.44
N THR A 88 -30.64 18.85 -19.29
CA THR A 88 -30.13 20.22 -19.24
C THR A 88 -28.80 20.31 -20.01
N LEU A 89 -27.92 19.33 -19.78
CA LEU A 89 -26.57 19.39 -20.36
C LEU A 89 -26.51 19.15 -21.86
N ARG A 90 -27.38 18.28 -22.38
CA ARG A 90 -27.30 17.87 -23.79
C ARG A 90 -27.22 19.02 -24.80
N PRO A 91 -28.13 20.00 -24.72
CA PRO A 91 -28.04 21.15 -25.65
C PRO A 91 -26.88 22.11 -25.37
N ARG A 92 -26.30 22.09 -24.18
CA ARG A 92 -25.18 22.97 -23.80
C ARG A 92 -23.80 22.42 -24.17
N VAL A 93 -23.71 21.11 -24.41
CA VAL A 93 -22.43 20.43 -24.68
C VAL A 93 -21.70 21.01 -25.90
N LYS A 94 -20.48 21.49 -25.65
CA LYS A 94 -19.60 22.03 -26.68
C LYS A 94 -18.85 20.94 -27.46
N THR A 95 -18.55 19.81 -26.83
CA THR A 95 -17.79 18.74 -27.45
C THR A 95 -18.68 17.52 -27.77
N ARG A 96 -18.60 16.47 -26.97
CA ARG A 96 -19.41 15.26 -27.14
CA ARG A 96 -19.43 15.28 -27.15
C ARG A 96 -20.01 14.82 -25.82
N MET A 97 -21.25 14.33 -25.87
CA MET A 97 -21.86 13.71 -24.72
C MET A 97 -21.70 12.22 -24.92
N ASN A 98 -21.21 11.54 -23.90
CA ASN A 98 -21.16 10.10 -23.91
C ASN A 98 -22.06 9.57 -22.81
N LEU A 99 -23.23 9.09 -23.20
CA LEU A 99 -24.23 8.68 -22.23
C LEU A 99 -24.08 7.17 -21.97
N GLU A 100 -23.75 6.83 -20.72
CA GLU A 100 -23.73 5.45 -20.30
C GLU A 100 -25.14 5.11 -19.85
N CYS A 101 -25.62 3.94 -20.26
CA CYS A 101 -26.94 3.46 -19.85
C CYS A 101 -27.13 1.96 -20.07
N ALA A 102 -28.16 1.44 -19.41
CA ALA A 102 -28.47 0.00 -19.40
C ALA A 102 -29.19 -0.42 -20.67
N VAL A 103 -29.14 -1.72 -20.95
CA VAL A 103 -29.84 -2.31 -22.09
C VAL A 103 -31.27 -2.70 -21.70
N THR A 104 -32.08 -1.69 -21.39
CA THR A 104 -33.51 -1.90 -21.13
C THR A 104 -34.25 -1.04 -22.12
N PRO A 105 -35.46 -1.45 -22.52
CA PRO A 105 -36.18 -0.66 -23.53
C PRO A 105 -36.43 0.79 -23.13
N GLU A 106 -36.64 1.05 -21.84
CA GLU A 106 -37.04 2.39 -21.40
C GLU A 106 -35.83 3.35 -21.35
N MET A 107 -34.67 2.87 -20.92
CA MET A 107 -33.47 3.69 -20.94
C MET A 107 -32.98 3.93 -22.36
N LEU A 108 -33.14 2.93 -23.22
CA LEU A 108 -32.75 3.06 -24.62
C LEU A 108 -33.60 4.10 -25.31
N ASP A 109 -34.88 4.18 -24.94
CA ASP A 109 -35.79 5.20 -25.48
C ASP A 109 -35.29 6.61 -25.08
N ILE A 110 -34.87 6.76 -23.83
CA ILE A 110 -34.29 8.01 -23.37
C ILE A 110 -33.05 8.36 -24.20
N ALA A 111 -32.18 7.37 -24.41
CA ALA A 111 -30.98 7.58 -25.22
C ALA A 111 -31.29 7.98 -26.65
N CYS A 112 -32.30 7.37 -27.28
CA CYS A 112 -32.67 7.74 -28.65
C CYS A 112 -33.39 9.09 -28.76
N GLU A 113 -33.98 9.55 -27.66
CA GLU A 113 -34.61 10.87 -27.63
C GLU A 113 -33.55 11.97 -27.47
N ILE A 114 -32.63 11.77 -26.53
CA ILE A 114 -31.57 12.75 -26.23
C ILE A 114 -30.50 12.84 -27.33
N ARG A 115 -30.31 11.76 -28.08
CA ARG A 115 -29.35 11.73 -29.18
C ARG A 115 -27.96 12.23 -28.76
N PRO A 116 -27.36 11.58 -27.77
CA PRO A 116 -26.00 11.92 -27.46
C PRO A 116 -25.12 11.46 -28.63
N HIS A 117 -23.95 12.05 -28.74
CA HIS A 117 -23.01 11.72 -29.81
C HIS A 117 -22.54 10.27 -29.68
N ASP A 118 -22.25 9.85 -28.45
CA ASP A 118 -21.82 8.48 -28.14
C ASP A 118 -22.71 7.92 -27.04
N ALA A 119 -22.74 6.60 -26.93
CA ALA A 119 -23.38 5.93 -25.80
C ALA A 119 -22.59 4.67 -25.45
N CYS A 120 -22.49 4.38 -24.17
CA CYS A 120 -21.81 3.18 -23.73
C CYS A 120 -22.78 2.31 -22.96
N LEU A 121 -23.06 1.13 -23.49
CA LEU A 121 -23.96 0.19 -22.84
C LEU A 121 -23.23 -0.49 -21.72
N VAL A 122 -23.77 -0.35 -20.51
CA VAL A 122 -23.16 -0.86 -19.29
C VAL A 122 -24.17 -1.74 -18.56
N PRO A 123 -23.69 -2.76 -17.83
CA PRO A 123 -24.59 -3.58 -17.02
C PRO A 123 -24.96 -2.89 -15.71
N GLU A 124 -26.18 -3.10 -15.25
CA GLU A 124 -26.62 -2.57 -13.95
C GLU A 124 -27.12 -3.71 -13.06
N LYS A 125 -27.96 -4.56 -13.61
CA LYS A 125 -28.45 -5.74 -12.89
C LYS A 125 -27.47 -6.91 -13.01
N ARG A 126 -27.40 -7.72 -11.97
CA ARG A 126 -26.37 -8.77 -11.87
C ARG A 126 -26.49 -9.85 -12.95
N SER A 127 -27.71 -10.14 -13.40
CA SER A 127 -27.91 -11.08 -14.50
C SER A 127 -27.29 -10.57 -15.81
N GLU A 128 -26.93 -9.29 -15.86
CA GLU A 128 -26.40 -8.64 -17.06
C GLU A 128 -24.87 -8.55 -17.11
N LEU A 129 -24.18 -8.77 -15.97
CA LEU A 129 -22.71 -8.69 -15.93
C LEU A 129 -22.03 -10.03 -15.67
N THR A 130 -20.72 -10.05 -15.92
CA THR A 130 -19.84 -11.17 -15.57
C THR A 130 -19.25 -10.96 -14.17
N THR A 131 -18.49 -11.94 -13.71
CA THR A 131 -17.83 -11.86 -12.40
C THR A 131 -16.72 -10.81 -12.37
N GLU A 132 -16.22 -10.40 -13.54
CA GLU A 132 -15.21 -9.35 -13.62
C GLU A 132 -15.88 -7.97 -13.68
N GLY A 133 -17.06 -7.91 -14.31
CA GLY A 133 -17.90 -6.71 -14.25
C GLY A 133 -18.38 -6.10 -15.56
N GLY A 134 -17.86 -6.57 -16.70
CA GLY A 134 -18.30 -6.06 -18.01
C GLY A 134 -19.67 -6.57 -18.44
N LEU A 135 -20.27 -5.95 -19.46
CA LEU A 135 -21.49 -6.51 -20.10
C LEU A 135 -21.23 -7.92 -20.54
N ASP A 136 -22.20 -8.80 -20.29
CA ASP A 136 -22.14 -10.15 -20.82
C ASP A 136 -22.76 -10.14 -22.19
N VAL A 137 -21.98 -9.70 -23.17
CA VAL A 137 -22.49 -9.61 -24.53
C VAL A 137 -22.82 -11.00 -25.07
N VAL A 138 -21.97 -11.99 -24.75
CA VAL A 138 -22.22 -13.38 -25.14
C VAL A 138 -23.61 -13.89 -24.73
N GLY A 139 -23.93 -13.73 -23.45
CA GLY A 139 -25.21 -14.21 -22.91
C GLY A 139 -26.46 -13.40 -23.24
N HIS A 140 -26.28 -12.15 -23.65
CA HIS A 140 -27.44 -11.28 -23.97
C HIS A 140 -27.31 -10.76 -25.39
N PHE A 141 -26.73 -11.59 -26.25
CA PHE A 141 -26.34 -11.15 -27.59
C PHE A 141 -27.46 -10.47 -28.36
N ASP A 142 -28.62 -11.12 -28.45
CA ASP A 142 -29.72 -10.62 -29.28
C ASP A 142 -30.19 -9.25 -28.80
N ALA A 143 -30.33 -9.10 -27.49
CA ALA A 143 -30.80 -7.84 -26.91
C ALA A 143 -29.82 -6.68 -27.20
N VAL A 144 -28.53 -6.97 -27.06
CA VAL A 144 -27.51 -5.96 -27.33
C VAL A 144 -27.45 -5.60 -28.81
N ARG A 145 -27.51 -6.59 -29.70
CA ARG A 145 -27.49 -6.30 -31.13
C ARG A 145 -28.66 -5.41 -31.52
N ALA A 146 -29.81 -5.62 -30.87
CA ALA A 146 -31.00 -4.81 -31.15
C ALA A 146 -30.82 -3.36 -30.67
N ALA A 147 -30.33 -3.20 -29.45
CA ALA A 147 -29.99 -1.89 -28.90
C ALA A 147 -29.01 -1.15 -29.81
N CYS A 148 -27.96 -1.84 -30.23
CA CYS A 148 -26.98 -1.26 -31.15
C CYS A 148 -27.64 -0.74 -32.43
N LYS A 149 -28.66 -1.46 -32.88
CA LYS A 149 -29.35 -1.08 -34.10
C LYS A 149 -30.19 0.18 -33.90
N GLN A 150 -30.99 0.24 -32.86
CA GLN A 150 -31.88 1.40 -32.67
C GLN A 150 -31.09 2.66 -32.32
N LEU A 151 -30.05 2.52 -31.51
CA LEU A 151 -29.20 3.67 -31.20
C LEU A 151 -28.54 4.19 -32.48
N ALA A 152 -28.02 3.27 -33.29
CA ALA A 152 -27.41 3.66 -34.58
C ALA A 152 -28.42 4.33 -35.48
N ASP A 153 -29.65 3.83 -35.49
CA ASP A 153 -30.70 4.43 -36.32
C ASP A 153 -30.98 5.88 -35.90
N ALA A 154 -30.78 6.18 -34.62
CA ALA A 154 -30.92 7.54 -34.10
C ALA A 154 -29.60 8.29 -34.10
N GLY A 155 -28.62 7.80 -34.86
CA GLY A 155 -27.34 8.49 -35.04
C GLY A 155 -26.36 8.50 -33.86
N VAL A 156 -26.48 7.55 -32.95
CA VAL A 156 -25.54 7.46 -31.82
C VAL A 156 -24.42 6.44 -32.11
N ARG A 157 -23.17 6.85 -31.87
CA ARG A 157 -22.03 5.94 -31.98
CA ARG A 157 -22.03 5.93 -31.99
C ARG A 157 -21.94 5.09 -30.71
N VAL A 158 -22.21 3.79 -30.85
CA VAL A 158 -22.36 2.91 -29.71
C VAL A 158 -21.08 2.20 -29.29
N SER A 159 -20.83 2.20 -27.98
CA SER A 159 -19.73 1.47 -27.35
C SER A 159 -20.28 0.45 -26.37
N LEU A 160 -19.61 -0.71 -26.24
CA LEU A 160 -19.95 -1.72 -25.23
C LEU A 160 -18.86 -1.85 -24.17
N PHE A 161 -19.24 -1.66 -22.91
CA PHE A 161 -18.34 -1.81 -21.78
C PHE A 161 -18.18 -3.29 -21.45
N ILE A 162 -17.02 -3.85 -21.78
CA ILE A 162 -16.78 -5.29 -21.68
C ILE A 162 -15.46 -5.62 -20.99
N ASP A 163 -15.35 -6.86 -20.56
CA ASP A 163 -14.10 -7.37 -19.99
C ASP A 163 -13.10 -7.56 -21.11
N PRO A 164 -11.80 -7.51 -20.80
CA PRO A 164 -10.80 -7.78 -21.84
C PRO A 164 -10.65 -9.30 -22.13
N ASP A 165 -11.74 -9.88 -22.62
CA ASP A 165 -11.86 -11.31 -22.85
C ASP A 165 -12.16 -11.45 -24.33
N GLU A 166 -11.39 -12.28 -25.02
CA GLU A 166 -11.46 -12.35 -26.47
C GLU A 166 -12.83 -12.79 -26.98
N ALA A 167 -13.50 -13.70 -26.29
CA ALA A 167 -14.85 -14.12 -26.69
C ALA A 167 -15.84 -12.94 -26.63
N GLN A 168 -15.77 -12.13 -25.58
CA GLN A 168 -16.67 -10.97 -25.47
C GLN A 168 -16.33 -9.92 -26.53
N ILE A 169 -15.05 -9.78 -26.84
CA ILE A 169 -14.61 -8.82 -27.86
C ILE A 169 -15.13 -9.23 -29.22
N ARG A 170 -14.95 -10.50 -29.55
CA ARG A 170 -15.52 -11.05 -30.77
C ARG A 170 -17.02 -10.86 -30.79
N ALA A 171 -17.67 -11.14 -29.67
CA ALA A 171 -19.14 -10.99 -29.59
C ALA A 171 -19.57 -9.52 -29.76
N ALA A 172 -18.78 -8.60 -29.20
CA ALA A 172 -19.06 -7.16 -29.36
C ALA A 172 -19.01 -6.78 -30.84
N HIS A 173 -18.02 -7.33 -31.55
CA HIS A 173 -17.87 -7.05 -32.97
C HIS A 173 -19.03 -7.60 -33.79
N GLU A 174 -19.52 -8.77 -33.42
CA GLU A 174 -20.68 -9.36 -34.10
C GLU A 174 -21.95 -8.55 -33.88
N THR A 175 -22.06 -7.83 -32.75
CA THR A 175 -23.28 -7.03 -32.46
C THR A 175 -23.49 -5.89 -33.43
N GLY A 176 -22.42 -5.44 -34.09
CA GLY A 176 -22.48 -4.24 -34.93
C GLY A 176 -21.91 -3.00 -34.26
N ALA A 177 -21.60 -3.07 -32.97
CA ALA A 177 -21.10 -1.88 -32.26
C ALA A 177 -19.75 -1.45 -32.82
N PRO A 178 -19.59 -0.16 -33.17
CA PRO A 178 -18.31 0.36 -33.68
C PRO A 178 -17.21 0.47 -32.62
N VAL A 179 -17.59 0.50 -31.34
CA VAL A 179 -16.64 0.77 -30.27
C VAL A 179 -16.79 -0.22 -29.15
N ILE A 180 -15.69 -0.53 -28.48
CA ILE A 180 -15.70 -1.26 -27.22
C ILE A 180 -14.92 -0.45 -26.18
N GLU A 181 -15.34 -0.54 -24.92
CA GLU A 181 -14.58 0.06 -23.82
C GLU A 181 -14.15 -1.06 -22.91
N LEU A 182 -12.84 -1.25 -22.80
CA LEU A 182 -12.31 -2.34 -22.01
C LEU A 182 -12.29 -1.96 -20.55
N HIS A 183 -12.59 -2.94 -19.71
CA HIS A 183 -12.76 -2.77 -18.27
C HIS A 183 -11.39 -2.82 -17.61
N THR A 184 -10.83 -1.67 -17.27
CA THR A 184 -9.49 -1.58 -16.67
C THR A 184 -9.46 -1.76 -15.13
N GLY A 185 -10.58 -2.18 -14.53
CA GLY A 185 -10.68 -2.38 -13.07
C GLY A 185 -9.67 -3.31 -12.45
N ARG A 186 -9.51 -4.51 -13.00
CA ARG A 186 -8.52 -5.45 -12.48
C ARG A 186 -7.11 -4.91 -12.63
N TYR A 187 -6.84 -4.27 -13.76
CA TYR A 187 -5.57 -3.55 -13.89
C TYR A 187 -5.40 -2.55 -12.75
N ALA A 188 -6.41 -1.68 -12.55
CA ALA A 188 -6.36 -0.65 -11.54
C ALA A 188 -6.18 -1.22 -10.13
N ASP A 189 -6.98 -2.22 -9.79
CA ASP A 189 -6.95 -2.81 -8.43
C ASP A 189 -5.89 -3.91 -8.21
N ALA A 190 -4.94 -4.05 -9.12
CA ALA A 190 -3.92 -5.09 -8.98
C ALA A 190 -3.21 -4.97 -7.64
N HIS A 191 -3.00 -6.10 -6.98
CA HIS A 191 -2.45 -6.12 -5.62
C HIS A 191 -0.96 -5.88 -5.54
N ASP A 192 -0.23 -6.36 -6.55
CA ASP A 192 1.21 -6.12 -6.64
C ASP A 192 1.62 -5.94 -8.11
N ALA A 193 2.90 -5.65 -8.34
CA ALA A 193 3.41 -5.31 -9.68
C ALA A 193 3.35 -6.49 -10.66
N ALA A 194 3.60 -7.70 -10.16
CA ALA A 194 3.52 -8.89 -11.00
C ALA A 194 2.08 -9.10 -11.50
N GLU A 195 1.10 -8.90 -10.61
CA GLU A 195 -0.32 -9.02 -10.97
C GLU A 195 -0.74 -7.88 -11.87
N GLN A 196 -0.25 -6.68 -11.59
CA GLN A 196 -0.57 -5.54 -12.44
C GLN A 196 -0.05 -5.74 -13.87
N GLN A 197 1.17 -6.23 -14.02
CA GLN A 197 1.71 -6.50 -15.36
C GLN A 197 0.87 -7.53 -16.14
N ARG A 198 0.51 -8.62 -15.49
CA ARG A 198 -0.37 -9.64 -16.06
C ARG A 198 -1.69 -9.04 -16.57
N GLU A 199 -2.36 -8.25 -15.72
CA GLU A 199 -3.60 -7.57 -16.11
C GLU A 199 -3.37 -6.54 -17.21
N PHE A 200 -2.22 -5.87 -17.18
CA PHE A 200 -1.84 -4.98 -18.26
C PHE A 200 -1.73 -5.73 -19.60
N GLU A 201 -1.18 -6.94 -19.57
CA GLU A 201 -1.04 -7.73 -20.80
C GLU A 201 -2.40 -8.14 -21.33
N ARG A 202 -3.31 -8.52 -20.46
CA ARG A 202 -4.70 -8.76 -20.87
C ARG A 202 -5.28 -7.57 -21.59
N ILE A 203 -5.02 -6.36 -21.09
CA ILE A 203 -5.54 -5.15 -21.73
C ILE A 203 -4.86 -4.94 -23.08
N ALA A 204 -3.53 -5.02 -23.10
CA ALA A 204 -2.78 -4.85 -24.34
C ALA A 204 -3.27 -5.82 -25.42
N THR A 205 -3.44 -7.08 -25.07
CA THR A 205 -3.85 -8.08 -26.06
C THR A 205 -5.34 -7.93 -26.41
N GLY A 206 -6.15 -7.47 -25.45
CA GLY A 206 -7.52 -7.03 -25.76
C GLY A 206 -7.59 -5.91 -26.79
N VAL A 207 -6.72 -4.91 -26.67
CA VAL A 207 -6.69 -3.80 -27.63
C VAL A 207 -6.36 -4.34 -29.03
N ASP A 208 -5.30 -5.14 -29.14
CA ASP A 208 -4.90 -5.75 -30.42
C ASP A 208 -6.04 -6.55 -31.07
N ALA A 209 -6.69 -7.42 -30.30
CA ALA A 209 -7.79 -8.22 -30.85
C ALA A 209 -8.92 -7.33 -31.33
N GLY A 210 -9.23 -6.29 -30.56
CA GLY A 210 -10.26 -5.33 -30.96
C GLY A 210 -9.94 -4.55 -32.22
N ILE A 211 -8.72 -4.04 -32.31
CA ILE A 211 -8.26 -3.33 -33.50
C ILE A 211 -8.28 -4.23 -34.74
N ALA A 212 -7.90 -5.50 -34.56
CA ALA A 212 -7.87 -6.48 -35.66
C ALA A 212 -9.25 -6.70 -36.29
N LEU A 213 -10.31 -6.50 -35.51
CA LEU A 213 -11.68 -6.62 -36.01
C LEU A 213 -12.24 -5.28 -36.47
N GLY A 214 -11.40 -4.26 -36.54
CA GLY A 214 -11.84 -2.91 -36.96
C GLY A 214 -12.66 -2.14 -35.93
N LEU A 215 -12.63 -2.57 -34.67
CA LEU A 215 -13.24 -1.82 -33.56
C LEU A 215 -12.31 -0.70 -33.06
N LYS A 216 -12.91 0.43 -32.70
CA LYS A 216 -12.25 1.47 -31.91
C LYS A 216 -12.32 0.99 -30.45
N VAL A 217 -11.24 1.14 -29.69
CA VAL A 217 -11.25 0.67 -28.30
C VAL A 217 -10.88 1.75 -27.28
N ASN A 218 -11.74 1.87 -26.27
CA ASN A 218 -11.55 2.82 -25.17
C ASN A 218 -11.22 2.10 -23.90
N ALA A 219 -10.87 2.86 -22.87
CA ALA A 219 -10.69 2.32 -21.53
C ALA A 219 -11.03 3.41 -20.48
N GLY A 220 -10.73 3.17 -19.20
CA GLY A 220 -10.94 4.24 -18.19
C GLY A 220 -11.28 3.86 -16.75
N HIS A 221 -12.01 2.77 -16.55
CA HIS A 221 -12.45 2.38 -15.21
C HIS A 221 -11.28 2.17 -14.23
N GLY A 222 -11.28 2.92 -13.12
CA GLY A 222 -10.24 2.79 -12.10
C GLY A 222 -8.92 3.49 -12.39
N LEU A 223 -8.82 4.15 -13.54
CA LEU A 223 -7.57 4.81 -13.91
C LEU A 223 -7.41 6.10 -13.15
N HIS A 224 -6.17 6.36 -12.71
CA HIS A 224 -5.81 7.50 -11.90
C HIS A 224 -4.43 8.07 -12.29
N TYR A 225 -3.85 8.95 -11.46
CA TYR A 225 -2.73 9.77 -11.89
C TYR A 225 -1.37 9.07 -11.91
N THR A 226 -1.29 7.85 -11.38
CA THR A 226 -0.07 7.04 -11.50
C THR A 226 -0.22 5.71 -12.29
N ASN A 227 -1.42 5.32 -12.69
CA ASN A 227 -1.56 4.10 -13.48
C ASN A 227 -2.06 4.31 -14.91
N VAL A 228 -2.38 5.55 -15.27
CA VAL A 228 -2.94 5.84 -16.59
C VAL A 228 -1.88 5.87 -17.69
N GLN A 229 -0.65 6.23 -17.32
CA GLN A 229 0.43 6.39 -18.29
C GLN A 229 0.65 5.12 -19.11
N ALA A 230 0.83 3.98 -18.44
CA ALA A 230 1.06 2.72 -19.12
C ALA A 230 -0.09 2.40 -20.08
N ILE A 231 -1.29 2.86 -19.75
CA ILE A 231 -2.45 2.61 -20.62
C ILE A 231 -2.51 3.61 -21.79
N ALA A 232 -2.20 4.88 -21.52
CA ALA A 232 -2.21 5.91 -22.56
C ALA A 232 -1.06 5.70 -23.58
N ALA A 233 0.01 5.04 -23.14
CA ALA A 233 1.13 4.68 -24.02
C ALA A 233 0.78 3.59 -25.05
N LEU A 234 -0.35 2.91 -24.86
CA LEU A 234 -0.82 1.92 -25.83
C LEU A 234 -1.39 2.64 -27.04
N PRO A 235 -0.76 2.49 -28.22
CA PRO A 235 -1.17 3.27 -29.40
C PRO A 235 -2.59 2.97 -29.90
N GLY A 236 -3.09 1.77 -29.61
CA GLY A 236 -4.42 1.39 -30.09
C GLY A 236 -5.61 2.00 -29.37
N ILE A 237 -5.41 2.54 -28.18
CA ILE A 237 -6.52 3.14 -27.41
C ILE A 237 -6.91 4.53 -27.97
N ALA A 238 -8.20 4.73 -28.21
CA ALA A 238 -8.69 5.99 -28.77
C ALA A 238 -8.96 7.02 -27.68
N GLU A 239 -9.77 6.62 -26.71
CA GLU A 239 -10.23 7.49 -25.63
C GLU A 239 -10.20 6.80 -24.27
N LEU A 240 -9.69 7.51 -23.26
CA LEU A 240 -9.84 7.10 -21.86
C LEU A 240 -10.98 7.88 -21.20
N ASN A 241 -11.95 7.15 -20.66
CA ASN A 241 -13.10 7.74 -19.95
C ASN A 241 -12.86 7.65 -18.46
N ILE A 242 -12.52 8.77 -17.84
CA ILE A 242 -12.07 8.75 -16.43
C ILE A 242 -13.00 9.59 -15.55
N GLY A 243 -13.39 9.03 -14.41
CA GLY A 243 -14.32 9.67 -13.49
C GLY A 243 -13.77 9.91 -12.11
N HIS A 244 -13.85 8.90 -11.26
CA HIS A 244 -13.61 9.11 -9.85
C HIS A 244 -12.31 9.82 -9.53
N ALA A 245 -11.22 9.41 -10.17
CA ALA A 245 -9.90 9.88 -9.81
C ALA A 245 -9.80 11.38 -10.02
N ILE A 246 -10.43 11.86 -11.09
CA ILE A 246 -10.45 13.29 -11.39
C ILE A 246 -11.19 14.07 -10.30
N VAL A 247 -12.34 13.57 -9.89
CA VAL A 247 -13.11 14.22 -8.83
C VAL A 247 -12.33 14.19 -7.53
N ALA A 248 -11.71 13.06 -7.24
CA ALA A 248 -10.93 12.90 -6.03
C ALA A 248 -9.76 13.90 -5.98
N HIS A 249 -9.09 14.12 -7.11
CA HIS A 249 -7.96 15.04 -7.21
C HIS A 249 -8.45 16.50 -7.14
N ALA A 250 -9.58 16.75 -7.78
CA ALA A 250 -10.21 18.08 -7.77
C ALA A 250 -10.50 18.61 -6.37
N VAL A 251 -10.95 17.77 -5.45
CA VAL A 251 -11.30 18.27 -4.11
C VAL A 251 -10.12 19.06 -3.51
N PHE A 252 -8.90 18.59 -3.72
CA PHE A 252 -7.72 19.28 -3.18
C PHE A 252 -7.17 20.35 -4.13
N VAL A 253 -7.32 20.13 -5.43
CA VAL A 253 -6.54 20.82 -6.44
C VAL A 253 -7.38 21.72 -7.36
N GLY A 254 -8.69 21.50 -7.38
CA GLY A 254 -9.59 22.24 -8.24
C GLY A 254 -9.85 21.49 -9.54
N TRP A 255 -11.08 21.60 -10.02
CA TRP A 255 -11.60 20.82 -11.14
C TRP A 255 -10.87 21.09 -12.46
N ASP A 256 -10.75 22.37 -12.82
CA ASP A 256 -10.05 22.76 -14.04
C ASP A 256 -8.64 22.16 -14.09
N ASN A 257 -7.93 22.16 -12.96
CA ASN A 257 -6.56 21.67 -12.89
C ASN A 257 -6.48 20.16 -12.93
N ALA A 258 -7.45 19.50 -12.30
CA ALA A 258 -7.44 18.03 -12.25
C ALA A 258 -7.65 17.51 -13.66
N VAL A 259 -8.55 18.15 -14.40
CA VAL A 259 -8.83 17.76 -15.76
C VAL A 259 -7.63 18.03 -16.67
N ARG A 260 -7.14 19.27 -16.65
CA ARG A 260 -6.03 19.68 -17.51
C ARG A 260 -4.84 18.78 -17.28
N GLU A 261 -4.57 18.49 -16.02
CA GLU A 261 -3.41 17.68 -15.64
C GLU A 261 -3.50 16.23 -16.15
N MET A 262 -4.66 15.60 -15.98
CA MET A 262 -4.86 14.24 -16.49
C MET A 262 -4.73 14.21 -18.02
N LYS A 263 -5.25 15.22 -18.70
CA LYS A 263 -5.11 15.30 -20.15
C LYS A 263 -3.64 15.43 -20.58
N ALA A 264 -2.89 16.29 -19.89
CA ALA A 264 -1.50 16.52 -20.19
C ALA A 264 -0.66 15.24 -19.99
N ILE A 265 -0.94 14.51 -18.93
CA ILE A 265 -0.22 13.28 -18.63
C ILE A 265 -0.47 12.23 -19.72
N MET A 266 -1.74 12.10 -20.13
CA MET A 266 -2.13 11.17 -21.16
C MET A 266 -1.43 11.47 -22.47
N VAL A 267 -1.48 12.73 -22.89
CA VAL A 267 -0.84 13.15 -24.13
C VAL A 267 0.67 12.96 -24.13
N ALA A 268 1.31 13.19 -22.99
CA ALA A 268 2.76 13.06 -22.89
C ALA A 268 3.16 11.60 -23.00
N ALA A 269 2.42 10.73 -22.31
CA ALA A 269 2.65 9.30 -22.41
C ALA A 269 2.41 8.83 -23.85
N ARG A 270 1.28 9.21 -24.42
CA ARG A 270 0.96 8.77 -25.79
C ARG A 270 2.05 9.12 -26.77
N VAL A 271 2.41 10.40 -26.82
CA VAL A 271 3.33 10.91 -27.82
C VAL A 271 4.74 10.37 -27.64
N ALA A 272 5.25 10.38 -26.41
CA ALA A 272 6.59 9.87 -26.15
C ALA A 272 6.72 8.37 -26.48
N ALA A 273 5.65 7.61 -26.27
CA ALA A 273 5.64 6.18 -26.59
C ALA A 273 5.64 5.95 -28.11
N LEU A 274 5.00 6.84 -28.88
CA LEU A 274 5.02 6.77 -30.34
C LEU A 274 6.39 7.15 -30.94
N HIS A 275 7.03 8.18 -30.39
CA HIS A 275 8.31 8.67 -30.89
C HIS A 275 9.11 9.41 -29.82
N PHE B 24 34.84 -9.16 9.30
CA PHE B 24 34.40 -10.56 9.59
C PHE B 24 33.68 -10.64 10.92
N PHE B 25 32.74 -11.60 11.01
CA PHE B 25 32.02 -11.87 12.25
C PHE B 25 31.41 -13.28 12.30
N LEU B 26 31.25 -13.77 13.54
CA LEU B 26 30.48 -14.99 13.83
C LEU B 26 29.04 -14.56 14.14
N THR B 27 28.08 -15.42 13.76
CA THR B 27 26.66 -15.10 13.90
C THR B 27 26.06 -15.69 15.19
N THR B 28 26.79 -15.55 16.30
CA THR B 28 26.32 -16.01 17.61
C THR B 28 25.00 -15.31 17.96
N PRO B 29 23.98 -16.10 18.38
CA PRO B 29 22.61 -15.57 18.60
C PRO B 29 22.40 -14.64 19.82
N ALA B 30 23.41 -14.48 20.67
CA ALA B 30 23.31 -13.66 21.89
C ALA B 30 23.36 -12.13 21.63
N ALA B 31 23.37 -11.72 20.37
CA ALA B 31 23.53 -10.31 20.01
C ALA B 31 22.24 -9.49 20.20
N ILE B 32 21.10 -10.15 20.11
CA ILE B 32 19.80 -9.50 20.30
C ILE B 32 18.79 -10.57 20.77
N ASP B 33 17.90 -10.20 21.67
CA ASP B 33 16.91 -11.14 22.20
C ASP B 33 15.54 -10.92 21.59
N LEU B 34 14.81 -12.03 21.42
CA LEU B 34 13.44 -11.99 20.93
C LEU B 34 12.49 -12.46 22.03
N GLY B 35 11.50 -11.63 22.32
CA GLY B 35 10.36 -12.01 23.15
C GLY B 35 9.19 -12.30 22.22
N VAL B 36 8.61 -13.49 22.33
CA VAL B 36 7.39 -13.83 21.58
C VAL B 36 6.16 -13.55 22.45
N ASN B 37 5.30 -12.68 21.95
CA ASN B 37 4.02 -12.42 22.61
C ASN B 37 2.97 -13.41 22.08
N ILE B 38 2.38 -14.20 22.98
CA ILE B 38 1.40 -15.22 22.61
C ILE B 38 -0.08 -14.79 22.78
N ASP B 39 -0.34 -13.51 23.09
CA ASP B 39 -1.71 -13.02 23.31
C ASP B 39 -2.67 -13.54 22.24
N HIS B 40 -2.32 -13.38 20.98
CA HIS B 40 -3.26 -13.61 19.89
C HIS B 40 -3.49 -15.09 19.52
N VAL B 41 -2.64 -15.98 20.05
CA VAL B 41 -2.98 -17.40 20.07
C VAL B 41 -4.21 -17.58 20.95
N ALA B 42 -4.20 -16.91 22.10
CA ALA B 42 -5.38 -16.88 22.99
C ALA B 42 -6.60 -16.31 22.29
N THR B 43 -6.43 -15.24 21.52
CA THR B 43 -7.56 -14.63 20.80
C THR B 43 -8.24 -15.63 19.87
N LEU B 44 -7.43 -16.43 19.20
CA LEU B 44 -7.94 -17.45 18.28
C LEU B 44 -8.67 -18.56 19.04
N ARG B 45 -8.12 -18.96 20.17
CA ARG B 45 -8.75 -19.99 20.98
C ARG B 45 -10.09 -19.54 21.57
N ASN B 46 -10.15 -18.30 22.08
CA ASN B 46 -11.39 -17.79 22.69
C ASN B 46 -12.54 -17.66 21.71
N ALA B 47 -12.22 -17.52 20.42
CA ALA B 47 -13.25 -17.45 19.38
C ALA B 47 -14.02 -18.76 19.22
N ARG B 48 -13.56 -19.85 19.83
CA ARG B 48 -14.19 -21.16 19.70
C ARG B 48 -14.76 -21.68 21.03
N GLY B 49 -14.09 -21.42 22.15
CA GLY B 49 -14.48 -21.97 23.45
C GLY B 49 -13.70 -23.20 23.91
N THR B 50 -13.03 -23.90 22.98
CA THR B 50 -12.22 -25.06 23.37
C THR B 50 -10.87 -24.60 23.93
N ALA B 51 -9.99 -25.55 24.20
CA ALA B 51 -8.66 -25.25 24.69
C ALA B 51 -7.66 -24.93 23.57
N TYR B 52 -8.10 -24.92 22.31
CA TYR B 52 -7.18 -24.92 21.17
C TYR B 52 -7.39 -23.75 20.22
N PRO B 53 -6.31 -23.16 19.69
CA PRO B 53 -4.91 -23.51 19.92
C PRO B 53 -4.43 -23.05 21.29
N ASP B 54 -3.58 -23.86 21.90
CA ASP B 54 -3.15 -23.68 23.28
C ASP B 54 -1.98 -22.69 23.39
N PRO B 55 -2.21 -21.51 24.01
CA PRO B 55 -1.15 -20.52 24.26
C PRO B 55 0.04 -21.08 25.04
N VAL B 56 -0.25 -21.96 25.98
CA VAL B 56 0.80 -22.55 26.79
C VAL B 56 1.77 -23.38 25.94
N ARG B 57 1.21 -24.16 25.02
CA ARG B 57 2.00 -24.96 24.12
C ARG B 57 2.78 -24.07 23.15
N ALA B 58 2.14 -23.00 22.71
CA ALA B 58 2.78 -22.00 21.84
C ALA B 58 4.05 -21.43 22.49
N ALA B 59 3.92 -21.02 23.75
CA ALA B 59 5.02 -20.46 24.53
C ALA B 59 6.18 -21.44 24.64
N LEU B 60 5.87 -22.68 24.97
CA LEU B 60 6.90 -23.71 25.16
C LEU B 60 7.56 -24.07 23.83
N ALA B 61 6.76 -24.14 22.77
CA ALA B 61 7.30 -24.37 21.42
C ALA B 61 8.19 -23.20 20.98
N ALA B 62 7.80 -21.98 21.32
CA ALA B 62 8.59 -20.79 20.95
C ALA B 62 9.98 -20.80 21.58
N GLU B 63 10.06 -21.23 22.85
CA GLU B 63 11.33 -21.38 23.52
C GLU B 63 12.19 -22.44 22.83
N ASP B 64 11.56 -23.55 22.43
CA ASP B 64 12.26 -24.60 21.67
C ASP B 64 12.74 -24.07 20.31
N ALA B 65 12.04 -23.07 19.77
CA ALA B 65 12.40 -22.45 18.48
C ALA B 65 13.41 -21.31 18.62
N GLY B 66 13.86 -21.05 19.84
CA GLY B 66 14.92 -20.07 20.07
C GLY B 66 14.51 -18.71 20.63
N ALA B 67 13.25 -18.57 21.06
CA ALA B 67 12.82 -17.38 21.76
C ALA B 67 13.55 -17.28 23.09
N ASP B 68 13.99 -16.07 23.45
CA ASP B 68 14.74 -15.85 24.69
C ASP B 68 13.79 -15.50 25.87
N ALA B 69 12.53 -15.22 25.55
CA ALA B 69 11.52 -14.95 26.57
C ALA B 69 10.12 -15.09 25.95
N ILE B 70 9.16 -15.42 26.81
CA ILE B 70 7.76 -15.48 26.43
C ILE B 70 7.04 -14.32 27.06
N THR B 71 6.28 -13.59 26.26
CA THR B 71 5.57 -12.41 26.71
C THR B 71 4.08 -12.69 26.63
N LEU B 72 3.33 -12.29 27.64
CA LEU B 72 1.88 -12.42 27.60
C LEU B 72 1.21 -11.35 28.46
N HIS B 73 0.12 -10.79 27.95
CA HIS B 73 -0.55 -9.69 28.62
C HIS B 73 -1.84 -10.18 29.27
N LEU B 74 -1.80 -10.33 30.60
CA LEU B 74 -2.98 -10.66 31.38
C LEU B 74 -3.78 -9.38 31.61
N ARG B 75 -4.75 -9.11 30.74
CA ARG B 75 -5.58 -7.91 30.87
C ARG B 75 -6.53 -8.02 32.06
N GLU B 76 -6.85 -6.88 32.64
CA GLU B 76 -7.86 -6.79 33.70
C GLU B 76 -9.19 -7.40 33.26
N ASP B 77 -9.57 -7.15 32.00
CA ASP B 77 -10.81 -7.70 31.47
C ASP B 77 -10.67 -9.14 30.92
N ARG B 78 -9.47 -9.71 31.03
CA ARG B 78 -9.22 -11.09 30.61
C ARG B 78 -9.73 -11.36 29.17
N ARG B 79 -9.57 -10.39 28.27
CA ARG B 79 -10.13 -10.49 26.92
C ARG B 79 -9.50 -11.61 26.07
N HIS B 80 -8.20 -11.88 26.26
CA HIS B 80 -7.53 -12.95 25.51
C HIS B 80 -6.82 -13.95 26.44
N ILE B 81 -5.68 -13.56 27.00
CA ILE B 81 -4.95 -14.37 27.96
C ILE B 81 -5.73 -14.37 29.28
N VAL B 82 -5.70 -15.49 29.98
CA VAL B 82 -6.49 -15.65 31.20
C VAL B 82 -5.57 -16.13 32.31
N ASP B 83 -6.06 -16.06 33.54
CA ASP B 83 -5.22 -16.35 34.71
C ASP B 83 -4.66 -17.78 34.68
N ALA B 84 -5.49 -18.73 34.22
CA ALA B 84 -5.09 -20.13 34.07
C ALA B 84 -3.89 -20.27 33.12
N ASP B 85 -3.89 -19.54 32.01
CA ASP B 85 -2.74 -19.52 31.11
C ASP B 85 -1.47 -19.13 31.85
N VAL B 86 -1.53 -17.99 32.52
CA VAL B 86 -0.35 -17.44 33.18
C VAL B 86 0.15 -18.41 34.24
N ARG B 87 -0.80 -18.99 34.98
CA ARG B 87 -0.49 -19.81 36.15
C ARG B 87 0.09 -21.18 35.81
N THR B 88 -0.43 -21.83 34.76
CA THR B 88 0.17 -23.11 34.35
C THR B 88 1.49 -22.88 33.61
N LEU B 89 1.62 -21.75 32.92
CA LEU B 89 2.85 -21.49 32.15
C LEU B 89 4.06 -21.19 33.03
N ARG B 90 3.85 -20.48 34.13
CA ARG B 90 4.97 -19.95 34.94
C ARG B 90 5.96 -21.01 35.47
N PRO B 91 5.46 -22.14 36.00
CA PRO B 91 6.41 -23.18 36.40
C PRO B 91 6.98 -24.04 35.26
N ARG B 92 6.52 -23.86 34.03
CA ARG B 92 7.02 -24.65 32.88
C ARG B 92 8.03 -23.90 32.01
N VAL B 93 8.01 -22.57 32.09
CA VAL B 93 8.92 -21.73 31.31
C VAL B 93 10.38 -22.15 31.49
N LYS B 94 11.06 -22.40 30.38
CA LYS B 94 12.47 -22.81 30.39
C LYS B 94 13.40 -21.59 30.26
N THR B 95 12.86 -20.47 29.74
CA THR B 95 13.66 -19.26 29.54
C THR B 95 13.17 -18.20 30.51
N ARG B 96 12.46 -17.18 30.02
CA ARG B 96 11.98 -16.09 30.85
CA ARG B 96 11.96 -16.09 30.85
C ARG B 96 10.52 -15.78 30.52
N MET B 97 9.74 -15.47 31.57
CA MET B 97 8.39 -14.97 31.39
C MET B 97 8.44 -13.46 31.56
N ASN B 98 7.85 -12.76 30.59
CA ASN B 98 7.64 -11.32 30.66
C ASN B 98 6.13 -11.09 30.75
N LEU B 99 5.62 -10.80 31.95
CA LEU B 99 4.18 -10.60 32.16
C LEU B 99 3.83 -9.13 31.97
N GLU B 100 2.96 -8.82 31.02
CA GLU B 100 2.47 -7.45 30.88
C GLU B 100 1.21 -7.30 31.73
N CYS B 101 1.12 -6.21 32.48
CA CYS B 101 -0.08 -5.90 33.25
C CYS B 101 -0.20 -4.44 33.59
N ALA B 102 -1.43 -4.04 33.88
CA ALA B 102 -1.76 -2.65 34.21
C ALA B 102 -1.22 -2.28 35.58
N VAL B 103 -1.18 -0.97 35.85
CA VAL B 103 -0.78 -0.47 37.16
C VAL B 103 -2.01 -0.37 38.08
N THR B 104 -2.56 -1.51 38.46
CA THR B 104 -3.63 -1.56 39.46
C THR B 104 -3.19 -2.44 40.61
N PRO B 105 -3.67 -2.16 41.82
CA PRO B 105 -3.23 -2.96 42.97
C PRO B 105 -3.39 -4.48 42.81
N GLU B 106 -4.50 -4.92 42.21
CA GLU B 106 -4.85 -6.35 42.13
C GLU B 106 -4.03 -7.12 41.11
N MET B 107 -3.76 -6.52 39.96
CA MET B 107 -2.91 -7.14 38.95
C MET B 107 -1.47 -7.18 39.43
N LEU B 108 -1.04 -6.12 40.10
CA LEU B 108 0.28 -6.09 40.71
C LEU B 108 0.43 -7.18 41.75
N ASP B 109 -0.62 -7.46 42.51
CA ASP B 109 -0.60 -8.56 43.50
C ASP B 109 -0.40 -9.93 42.81
N ILE B 110 -1.07 -10.12 41.67
CA ILE B 110 -0.89 -11.32 40.86
C ILE B 110 0.56 -11.42 40.39
N ALA B 111 1.07 -10.33 39.85
CA ALA B 111 2.46 -10.30 39.38
C ALA B 111 3.43 -10.69 40.48
N CYS B 112 3.23 -10.18 41.69
CA CYS B 112 4.12 -10.49 42.81
C CYS B 112 4.04 -11.94 43.28
N GLU B 113 2.86 -12.56 43.19
CA GLU B 113 2.74 -13.97 43.55
C GLU B 113 3.36 -14.88 42.48
N ILE B 114 3.02 -14.64 41.22
CA ILE B 114 3.56 -15.42 40.10
C ILE B 114 5.08 -15.26 39.94
N ARG B 115 5.60 -14.06 40.19
CA ARG B 115 7.04 -13.80 40.15
C ARG B 115 7.61 -14.11 38.76
N PRO B 116 7.07 -13.45 37.74
CA PRO B 116 7.69 -13.62 36.44
C PRO B 116 9.06 -12.97 36.49
N HIS B 117 9.97 -13.43 35.65
CA HIS B 117 11.33 -12.87 35.62
C HIS B 117 11.29 -11.39 35.24
N ASP B 118 10.40 -11.05 34.31
CA ASP B 118 10.23 -9.69 33.84
C ASP B 118 8.77 -9.32 33.94
N ALA B 119 8.49 -8.03 34.04
CA ALA B 119 7.12 -7.53 33.92
C ALA B 119 7.15 -6.21 33.17
N CYS B 120 6.18 -5.97 32.30
CA CYS B 120 6.10 -4.73 31.59
C CYS B 120 4.80 -4.03 31.95
N LEU B 121 4.90 -2.85 32.54
CA LEU B 121 3.73 -2.11 32.94
C LEU B 121 3.16 -1.39 31.74
N VAL B 122 1.89 -1.65 31.47
CA VAL B 122 1.24 -1.22 30.25
C VAL B 122 -0.05 -0.50 30.62
N PRO B 123 -0.51 0.43 29.76
CA PRO B 123 -1.79 1.10 30.01
C PRO B 123 -2.98 0.31 29.46
N GLU B 124 -4.13 0.40 30.11
CA GLU B 124 -5.33 -0.30 29.65
C GLU B 124 -6.51 0.67 29.58
N LYS B 125 -6.78 1.34 30.69
CA LYS B 125 -7.79 2.41 30.74
C LYS B 125 -7.28 3.70 30.11
N ARG B 126 -8.16 4.44 29.46
CA ARG B 126 -7.77 5.61 28.65
C ARG B 126 -7.09 6.71 29.46
N SER B 127 -7.48 6.85 30.72
CA SER B 127 -6.86 7.82 31.63
C SER B 127 -5.38 7.50 31.95
N GLU B 128 -4.93 6.30 31.61
CA GLU B 128 -3.56 5.85 31.92
C GLU B 128 -2.56 6.01 30.77
N LEU B 129 -3.04 6.34 29.56
CA LEU B 129 -2.16 6.42 28.39
C LEU B 129 -2.19 7.77 27.68
N THR B 130 -1.20 7.97 26.80
CA THR B 130 -1.09 9.15 25.97
C THR B 130 -1.85 8.96 24.67
N THR B 131 -2.00 10.05 23.92
CA THR B 131 -2.60 10.01 22.59
C THR B 131 -1.86 9.07 21.62
N GLU B 132 -0.56 8.87 21.84
CA GLU B 132 0.24 7.93 21.05
C GLU B 132 0.08 6.48 21.53
N GLY B 133 -0.12 6.26 22.82
CA GLY B 133 -0.41 4.94 23.36
C GLY B 133 0.44 4.38 24.50
N GLY B 134 1.53 5.04 24.85
CA GLY B 134 2.39 4.57 25.96
C GLY B 134 1.79 4.88 27.33
N LEU B 135 2.33 4.28 28.39
CA LEU B 135 2.01 4.73 29.76
C LEU B 135 2.34 6.21 29.89
N ASP B 136 1.41 6.95 30.50
CA ASP B 136 1.68 8.31 30.87
C ASP B 136 2.37 8.28 32.23
N VAL B 137 3.67 8.04 32.20
CA VAL B 137 4.45 7.93 33.42
C VAL B 137 4.56 9.27 34.11
N VAL B 138 4.76 10.33 33.33
CA VAL B 138 4.70 11.71 33.84
C VAL B 138 3.46 11.95 34.70
N GLY B 139 2.30 11.60 34.15
CA GLY B 139 1.01 11.87 34.79
C GLY B 139 0.61 10.98 35.96
N HIS B 140 1.25 9.81 36.09
CA HIS B 140 0.93 8.86 37.15
C HIS B 140 2.18 8.44 37.88
N PHE B 141 3.12 9.37 38.00
CA PHE B 141 4.45 9.06 38.52
C PHE B 141 4.39 8.27 39.82
N ASP B 142 3.61 8.74 40.79
CA ASP B 142 3.65 8.17 42.15
C ASP B 142 3.20 6.72 42.12
N ALA B 143 2.08 6.46 41.45
CA ALA B 143 1.56 5.10 41.28
C ALA B 143 2.59 4.19 40.59
N VAL B 144 3.13 4.64 39.47
CA VAL B 144 4.12 3.84 38.72
C VAL B 144 5.38 3.59 39.55
N ARG B 145 5.85 4.59 40.28
CA ARG B 145 7.04 4.41 41.13
C ARG B 145 6.80 3.40 42.25
N ALA B 146 5.60 3.42 42.83
CA ALA B 146 5.26 2.46 43.89
C ALA B 146 5.20 1.02 43.36
N ALA B 147 4.65 0.84 42.16
CA ALA B 147 4.56 -0.46 41.51
C ALA B 147 5.95 -1.01 41.18
N CYS B 148 6.84 -0.13 40.71
CA CYS B 148 8.22 -0.54 40.44
C CYS B 148 8.91 -1.04 41.70
N LYS B 149 8.53 -0.48 42.86
CA LYS B 149 9.16 -0.85 44.12
C LYS B 149 8.69 -2.21 44.58
N GLN B 150 7.38 -2.45 44.51
CA GLN B 150 6.86 -3.71 45.03
C GLN B 150 7.24 -4.89 44.14
N LEU B 151 7.19 -4.70 42.82
CA LEU B 151 7.61 -5.73 41.89
C LEU B 151 9.09 -6.08 42.14
N ALA B 152 9.92 -5.06 42.18
CA ALA B 152 11.34 -5.22 42.48
C ALA B 152 11.54 -5.94 43.81
N ASP B 153 10.74 -5.60 44.83
CA ASP B 153 10.80 -6.33 46.10
C ASP B 153 10.42 -7.80 45.93
N ALA B 154 9.58 -8.09 44.94
CA ALA B 154 9.23 -9.47 44.61
C ALA B 154 10.20 -10.07 43.60
N GLY B 155 11.37 -9.48 43.43
CA GLY B 155 12.37 -9.99 42.50
C GLY B 155 12.08 -9.84 41.00
N VAL B 156 11.07 -9.05 40.62
CA VAL B 156 10.73 -8.90 39.20
C VAL B 156 11.46 -7.73 38.54
N ARG B 157 12.12 -7.99 37.41
CA ARG B 157 12.77 -6.95 36.62
CA ARG B 157 12.76 -6.94 36.64
C ARG B 157 11.69 -6.20 35.84
N VAL B 158 11.54 -4.91 36.12
CA VAL B 158 10.42 -4.10 35.64
C VAL B 158 10.74 -3.20 34.45
N SER B 159 9.88 -3.27 33.44
CA SER B 159 9.94 -2.43 32.25
C SER B 159 8.67 -1.58 32.14
N LEU B 160 8.80 -0.34 31.64
CA LEU B 160 7.64 0.51 31.34
C LEU B 160 7.46 0.68 29.83
N PHE B 161 6.23 0.48 29.39
CA PHE B 161 5.86 0.66 28.00
C PHE B 161 5.52 2.12 27.77
N ILE B 162 6.38 2.83 27.03
CA ILE B 162 6.25 4.27 26.86
C ILE B 162 6.46 4.73 25.43
N ASP B 163 6.03 5.96 25.15
CA ASP B 163 6.25 6.60 23.85
C ASP B 163 7.73 6.98 23.74
N PRO B 164 8.25 7.10 22.51
CA PRO B 164 9.61 7.63 22.31
C PRO B 164 9.70 9.15 22.52
N ASP B 165 9.39 9.54 23.75
CA ASP B 165 9.26 10.93 24.15
C ASP B 165 10.23 11.15 25.30
N GLU B 166 11.07 12.17 25.19
CA GLU B 166 12.20 12.30 26.13
C GLU B 166 11.76 12.55 27.57
N ALA B 167 10.70 13.33 27.76
CA ALA B 167 10.16 13.57 29.13
C ALA B 167 9.64 12.27 29.76
N GLN B 168 8.87 11.49 29.01
CA GLN B 168 8.44 10.17 29.48
C GLN B 168 9.62 9.25 29.82
N ILE B 169 10.63 9.25 28.95
CA ILE B 169 11.85 8.46 29.19
C ILE B 169 12.54 8.87 30.48
N ARG B 170 12.67 10.17 30.69
CA ARG B 170 13.26 10.68 31.92
C ARG B 170 12.42 10.29 33.14
N ALA B 171 11.10 10.37 33.00
CA ALA B 171 10.21 10.05 34.12
C ALA B 171 10.32 8.55 34.43
N ALA B 172 10.41 7.73 33.38
CA ALA B 172 10.67 6.30 33.54
C ALA B 172 11.90 6.07 34.40
N HIS B 173 12.97 6.82 34.11
CA HIS B 173 14.22 6.63 34.85
C HIS B 173 14.08 7.01 36.31
N GLU B 174 13.38 8.12 36.59
CA GLU B 174 13.12 8.54 37.97
C GLU B 174 12.31 7.55 38.76
N THR B 175 11.42 6.79 38.12
CA THR B 175 10.56 5.82 38.84
C THR B 175 11.37 4.72 39.50
N GLY B 176 12.55 4.44 38.95
CA GLY B 176 13.40 3.36 39.44
C GLY B 176 13.34 2.12 38.55
N ALA B 177 12.55 2.18 37.49
CA ALA B 177 12.46 1.05 36.54
C ALA B 177 13.78 0.93 35.76
N PRO B 178 14.35 -0.29 35.67
CA PRO B 178 15.62 -0.45 34.95
C PRO B 178 15.48 -0.68 33.44
N VAL B 179 14.25 -0.89 32.97
CA VAL B 179 13.99 -1.16 31.57
C VAL B 179 12.86 -0.28 31.07
N ILE B 180 12.94 0.16 29.82
CA ILE B 180 11.83 0.79 29.13
C ILE B 180 11.59 0.04 27.84
N GLU B 181 10.35 0.00 27.38
CA GLU B 181 10.02 -0.55 26.09
C GLU B 181 9.38 0.54 25.24
N LEU B 182 10.05 0.89 24.14
CA LEU B 182 9.61 1.99 23.29
C LEU B 182 8.49 1.54 22.39
N HIS B 183 7.49 2.41 22.25
CA HIS B 183 6.31 2.14 21.45
C HIS B 183 6.62 2.34 19.96
N THR B 184 6.91 1.24 19.28
CA THR B 184 7.24 1.28 17.85
C THR B 184 6.02 1.37 16.90
N GLY B 185 4.82 1.47 17.45
CA GLY B 185 3.58 1.56 16.64
C GLY B 185 3.51 2.61 15.54
N ARG B 186 4.03 3.81 15.79
CA ARG B 186 4.02 4.86 14.76
C ARG B 186 5.03 4.61 13.63
N TYR B 187 6.20 4.11 13.99
CA TYR B 187 7.13 3.60 13.00
C TYR B 187 6.46 2.52 12.16
N ALA B 188 5.81 1.56 12.80
CA ALA B 188 5.19 0.44 12.10
C ALA B 188 4.07 0.90 11.16
N ASP B 189 3.22 1.79 11.65
CA ASP B 189 2.05 2.31 10.89
C ASP B 189 2.32 3.51 9.96
N ALA B 190 3.59 3.88 9.75
CA ALA B 190 3.91 5.04 8.93
C ALA B 190 3.29 4.93 7.55
N HIS B 191 2.76 6.05 7.05
CA HIS B 191 1.97 6.07 5.79
C HIS B 191 2.84 6.08 4.53
N ASP B 192 4.02 6.69 4.61
CA ASP B 192 5.02 6.60 3.54
C ASP B 192 6.42 6.52 4.17
N ALA B 193 7.43 6.33 3.32
CA ALA B 193 8.81 6.08 3.79
C ALA B 193 9.48 7.30 4.42
N ALA B 194 9.06 8.50 4.00
CA ALA B 194 9.57 9.74 4.59
C ALA B 194 9.07 9.87 6.04
N GLU B 195 7.81 9.52 6.27
CA GLU B 195 7.25 9.51 7.60
C GLU B 195 7.91 8.40 8.45
N GLN B 196 8.00 7.20 7.89
CA GLN B 196 8.62 6.09 8.59
C GLN B 196 10.05 6.41 9.05
N GLN B 197 10.81 7.14 8.25
CA GLN B 197 12.18 7.53 8.62
C GLN B 197 12.17 8.53 9.77
N ARG B 198 11.24 9.48 9.71
CA ARG B 198 10.99 10.44 10.78
C ARG B 198 10.69 9.73 12.10
N GLU B 199 9.74 8.80 12.05
CA GLU B 199 9.41 7.97 13.22
C GLU B 199 10.55 7.04 13.60
N PHE B 200 11.33 6.58 12.62
CA PHE B 200 12.52 5.79 12.95
C PHE B 200 13.51 6.62 13.75
N GLU B 201 13.70 7.87 13.35
CA GLU B 201 14.65 8.75 14.04
C GLU B 201 14.23 9.03 15.48
N ARG B 202 12.93 9.13 15.73
CA ARG B 202 12.43 9.27 17.12
C ARG B 202 12.82 8.10 17.99
N ILE B 203 12.68 6.89 17.45
CA ILE B 203 13.08 5.68 18.18
C ILE B 203 14.57 5.71 18.43
N ALA B 204 15.36 5.98 17.40
CA ALA B 204 16.82 5.98 17.55
C ALA B 204 17.29 6.93 18.64
N THR B 205 16.73 8.13 18.68
CA THR B 205 17.18 9.12 19.67
C THR B 205 16.57 8.80 21.05
N GLY B 206 15.43 8.12 21.04
CA GLY B 206 14.87 7.53 22.26
C GLY B 206 15.77 6.44 22.84
N VAL B 207 16.33 5.61 21.97
CA VAL B 207 17.23 4.57 22.45
C VAL B 207 18.47 5.26 23.05
N ASP B 208 18.99 6.27 22.37
CA ASP B 208 20.17 7.00 22.88
C ASP B 208 19.89 7.62 24.26
N ALA B 209 18.75 8.29 24.38
CA ALA B 209 18.36 8.96 25.62
C ALA B 209 18.22 7.97 26.77
N GLY B 210 17.53 6.86 26.52
CA GLY B 210 17.40 5.79 27.51
C GLY B 210 18.73 5.19 27.91
N ILE B 211 19.55 4.85 26.93
CA ILE B 211 20.91 4.34 27.20
C ILE B 211 21.75 5.31 28.04
N ALA B 212 21.64 6.62 27.78
CA ALA B 212 22.45 7.60 28.52
C ALA B 212 22.04 7.70 30.00
N LEU B 213 20.81 7.30 30.34
CA LEU B 213 20.37 7.29 31.73
C LEU B 213 20.57 5.94 32.40
N GLY B 214 21.33 5.06 31.76
CA GLY B 214 21.56 3.72 32.33
C GLY B 214 20.41 2.73 32.21
N LEU B 215 19.37 3.07 31.47
CA LEU B 215 18.26 2.14 31.20
C LEU B 215 18.64 1.08 30.16
N LYS B 216 18.02 -0.08 30.29
CA LYS B 216 17.96 -1.06 29.19
C LYS B 216 16.72 -0.71 28.37
N VAL B 217 16.82 -0.74 27.05
CA VAL B 217 15.66 -0.38 26.20
C VAL B 217 15.25 -1.47 25.21
N ASN B 218 13.94 -1.69 25.14
CA ASN B 218 13.31 -2.72 24.32
C ASN B 218 12.36 -2.05 23.36
N ALA B 219 11.77 -2.84 22.45
CA ALA B 219 10.74 -2.37 21.54
C ALA B 219 9.95 -3.57 21.00
N GLY B 220 9.12 -3.38 19.97
CA GLY B 220 8.42 -4.53 19.35
C GLY B 220 6.98 -4.39 18.90
N HIS B 221 6.28 -3.37 19.38
CA HIS B 221 4.89 -3.17 18.99
C HIS B 221 4.79 -2.85 17.49
N GLY B 222 4.00 -3.62 16.77
CA GLY B 222 3.79 -3.44 15.34
C GLY B 222 4.93 -3.92 14.45
N LEU B 223 5.97 -4.50 15.03
CA LEU B 223 7.11 -4.92 14.21
C LEU B 223 6.79 -6.23 13.47
N HIS B 224 7.18 -6.28 12.20
CA HIS B 224 6.96 -7.44 11.35
C HIS B 224 8.19 -7.82 10.51
N TYR B 225 8.01 -8.70 9.52
CA TYR B 225 9.16 -9.33 8.85
C TYR B 225 9.88 -8.45 7.82
N THR B 226 9.31 -7.30 7.50
CA THR B 226 9.97 -6.32 6.62
C THR B 226 10.33 -4.96 7.28
N ASN B 227 9.91 -4.71 8.52
CA ASN B 227 10.28 -3.46 9.19
C ASN B 227 11.12 -3.65 10.45
N VAL B 228 11.32 -4.90 10.87
CA VAL B 228 12.08 -5.21 12.09
C VAL B 228 13.58 -4.98 11.96
N GLN B 229 14.11 -5.10 10.74
CA GLN B 229 15.55 -5.05 10.49
C GLN B 229 16.19 -3.71 10.86
N ALA B 230 15.59 -2.61 10.41
CA ALA B 230 16.13 -1.30 10.70
C ALA B 230 16.20 -1.10 12.21
N ILE B 231 15.24 -1.68 12.94
CA ILE B 231 15.20 -1.56 14.40
C ILE B 231 16.20 -2.49 15.08
N ALA B 232 16.30 -3.73 14.62
CA ALA B 232 17.27 -4.67 15.18
C ALA B 232 18.72 -4.22 14.92
N ALA B 233 18.91 -3.44 13.85
CA ALA B 233 20.23 -2.89 13.53
C ALA B 233 20.70 -1.79 14.50
N LEU B 234 19.77 -1.23 15.29
CA LEU B 234 20.11 -0.28 16.38
C LEU B 234 20.83 -1.03 17.51
N PRO B 235 22.11 -0.70 17.77
CA PRO B 235 22.87 -1.48 18.77
C PRO B 235 22.35 -1.35 20.19
N GLY B 236 21.62 -0.28 20.48
CA GLY B 236 21.17 -0.04 21.84
C GLY B 236 19.97 -0.84 22.29
N ILE B 237 19.26 -1.45 21.36
CA ILE B 237 18.08 -2.25 21.67
C ILE B 237 18.49 -3.60 22.24
N ALA B 238 17.99 -3.94 23.43
CA ALA B 238 18.31 -5.21 24.07
C ALA B 238 17.43 -6.35 23.51
N GLU B 239 16.12 -6.13 23.57
CA GLU B 239 15.14 -7.17 23.29
C GLU B 239 13.98 -6.59 22.49
N LEU B 240 13.54 -7.35 21.49
CA LEU B 240 12.35 -7.03 20.72
C LEU B 240 11.27 -8.00 21.09
N ASN B 241 10.14 -7.46 21.58
CA ASN B 241 8.98 -8.25 22.00
C ASN B 241 7.92 -8.20 20.92
N ILE B 242 7.79 -9.30 20.17
CA ILE B 242 6.94 -9.30 18.96
C ILE B 242 5.80 -10.31 19.07
N GLY B 243 4.59 -9.87 18.74
CA GLY B 243 3.41 -10.71 18.85
C GLY B 243 2.69 -10.98 17.54
N HIS B 244 1.82 -10.06 17.16
CA HIS B 244 0.89 -10.35 16.07
C HIS B 244 1.55 -10.86 14.80
N ALA B 245 2.63 -10.21 14.37
CA ALA B 245 3.31 -10.57 13.13
C ALA B 245 3.66 -12.07 13.08
N ILE B 246 4.13 -12.59 14.20
CA ILE B 246 4.58 -13.96 14.29
C ILE B 246 3.41 -14.92 14.20
N VAL B 247 2.31 -14.59 14.87
CA VAL B 247 1.13 -15.41 14.85
C VAL B 247 0.58 -15.36 13.43
N ALA B 248 0.49 -14.17 12.86
CA ALA B 248 0.02 -14.01 11.49
C ALA B 248 0.86 -14.83 10.49
N HIS B 249 2.17 -14.87 10.65
CA HIS B 249 3.06 -15.58 9.71
C HIS B 249 2.94 -17.08 9.93
N ALA B 250 2.79 -17.46 11.19
CA ALA B 250 2.69 -18.85 11.62
C ALA B 250 1.48 -19.54 10.99
N VAL B 251 0.37 -18.85 10.92
CA VAL B 251 -0.81 -19.41 10.29
C VAL B 251 -0.46 -20.06 8.95
N PHE B 252 0.37 -19.40 8.14
CA PHE B 252 0.73 -19.95 6.82
C PHE B 252 1.91 -20.92 6.85
N VAL B 253 2.83 -20.70 7.80
CA VAL B 253 4.18 -21.24 7.73
C VAL B 253 4.53 -22.17 8.91
N GLY B 254 3.71 -22.13 9.97
CA GLY B 254 3.96 -22.87 11.18
C GLY B 254 4.71 -22.03 12.21
N TRP B 255 4.33 -22.25 13.48
CA TRP B 255 4.83 -21.52 14.64
C TRP B 255 6.35 -21.61 14.78
N ASP B 256 6.88 -22.82 14.83
CA ASP B 256 8.33 -23.03 14.90
C ASP B 256 9.06 -22.25 13.82
N ASN B 257 8.62 -22.36 12.57
CA ASN B 257 9.29 -21.64 11.49
C ASN B 257 9.21 -20.12 11.64
N ALA B 258 8.04 -19.60 12.04
CA ALA B 258 7.82 -18.17 12.12
C ALA B 258 8.70 -17.54 13.19
N VAL B 259 8.88 -18.24 14.31
CA VAL B 259 9.73 -17.76 15.38
C VAL B 259 11.19 -17.80 14.98
N ARG B 260 11.66 -18.98 14.53
CA ARG B 260 13.07 -19.15 14.14
C ARG B 260 13.45 -18.11 13.09
N GLU B 261 12.52 -17.86 12.16
CA GLU B 261 12.77 -16.93 11.06
C GLU B 261 12.91 -15.49 11.55
N MET B 262 12.01 -15.06 12.44
CA MET B 262 12.06 -13.70 12.97
C MET B 262 13.37 -13.51 13.74
N LYS B 263 13.77 -14.51 14.51
CA LYS B 263 15.02 -14.45 15.24
C LYS B 263 16.24 -14.41 14.30
N ALA B 264 16.23 -15.22 13.25
CA ALA B 264 17.36 -15.24 12.31
C ALA B 264 17.52 -13.89 11.63
N ILE B 265 16.42 -13.28 11.22
CA ILE B 265 16.46 -11.97 10.58
C ILE B 265 17.00 -10.92 11.56
N MET B 266 16.59 -11.00 12.83
CA MET B 266 17.02 -10.07 13.87
C MET B 266 18.51 -10.16 14.14
N VAL B 267 19.01 -11.38 14.26
CA VAL B 267 20.44 -11.60 14.45
C VAL B 267 21.26 -11.13 13.24
N ALA B 268 20.78 -11.44 12.04
CA ALA B 268 21.50 -11.05 10.82
C ALA B 268 21.68 -9.54 10.75
N ALA B 269 20.61 -8.79 11.05
CA ALA B 269 20.64 -7.32 10.99
C ALA B 269 21.53 -6.74 12.09
N ARG B 270 21.44 -7.29 13.29
CA ARG B 270 22.21 -6.77 14.43
C ARG B 270 23.70 -6.97 14.20
N VAL B 271 24.07 -8.18 13.81
CA VAL B 271 25.46 -8.55 13.68
C VAL B 271 26.11 -7.80 12.52
N ALA B 272 25.44 -7.78 11.37
CA ALA B 272 25.96 -7.08 10.21
C ALA B 272 26.12 -5.57 10.45
N ALA B 273 25.13 -4.96 11.11
CA ALA B 273 25.18 -3.52 11.41
C ALA B 273 26.37 -3.18 12.32
N LEU B 274 26.71 -4.11 13.21
CA LEU B 274 27.83 -3.92 14.14
C LEU B 274 29.21 -4.01 13.49
N HIS B 275 29.42 -4.99 12.62
CA HIS B 275 30.77 -5.29 12.13
C HIS B 275 31.05 -4.74 10.73
N ALA C 31 -4.75 -51.93 16.27
CA ALA C 31 -3.86 -50.76 16.59
C ALA C 31 -2.62 -50.80 15.69
N ILE C 32 -2.55 -49.92 14.71
CA ILE C 32 -1.48 -49.98 13.68
C ILE C 32 -0.28 -49.08 14.02
N ASP C 33 0.93 -49.62 13.89
CA ASP C 33 2.17 -48.89 14.18
C ASP C 33 2.88 -48.41 12.93
N LEU C 34 3.47 -47.22 13.03
CA LEU C 34 4.33 -46.67 11.99
C LEU C 34 5.75 -46.78 12.49
N GLY C 35 6.61 -47.40 11.68
CA GLY C 35 8.05 -47.36 11.87
C GLY C 35 8.59 -46.47 10.77
N VAL C 36 9.34 -45.43 11.17
CA VAL C 36 9.90 -44.48 10.22
C VAL C 36 11.35 -44.84 9.93
N ASN C 37 11.64 -45.05 8.65
CA ASN C 37 12.98 -45.41 8.25
C ASN C 37 13.74 -44.15 7.85
N ILE C 38 14.84 -43.90 8.57
CA ILE C 38 15.65 -42.70 8.43
C ILE C 38 16.86 -42.85 7.46
N ASP C 39 16.96 -43.97 6.75
CA ASP C 39 18.10 -44.27 5.85
C ASP C 39 18.42 -43.17 4.85
N HIS C 40 17.39 -42.63 4.22
CA HIS C 40 17.59 -41.62 3.18
C HIS C 40 17.83 -40.17 3.65
N VAL C 41 17.72 -39.92 4.96
CA VAL C 41 18.24 -38.69 5.56
C VAL C 41 19.77 -38.79 5.55
N ALA C 42 20.30 -39.94 5.97
CA ALA C 42 21.71 -40.25 5.85
C ALA C 42 22.21 -40.19 4.40
N THR C 43 21.36 -40.58 3.45
CA THR C 43 21.73 -40.54 2.02
C THR C 43 22.08 -39.13 1.63
N LEU C 44 21.24 -38.18 2.07
CA LEU C 44 21.43 -36.76 1.77
C LEU C 44 22.67 -36.19 2.47
N ARG C 45 22.86 -36.57 3.74
CA ARG C 45 24.03 -36.16 4.49
C ARG C 45 25.33 -36.63 3.83
N ASN C 46 25.43 -37.92 3.52
CA ASN C 46 26.64 -38.51 2.92
C ASN C 46 27.02 -37.90 1.59
N ALA C 47 26.05 -37.39 0.84
CA ALA C 47 26.32 -36.72 -0.43
C ALA C 47 27.16 -35.45 -0.29
N ARG C 48 27.26 -34.90 0.92
CA ARG C 48 28.03 -33.67 1.17
C ARG C 48 29.18 -33.87 2.17
N GLY C 49 29.07 -34.84 3.08
CA GLY C 49 30.10 -35.07 4.09
C GLY C 49 30.04 -34.20 5.35
N THR C 50 29.01 -33.37 5.52
CA THR C 50 28.78 -32.67 6.80
C THR C 50 28.04 -33.59 7.78
N ALA C 51 27.64 -33.06 8.93
CA ALA C 51 26.81 -33.82 9.88
C ALA C 51 25.32 -33.69 9.58
N TYR C 52 24.96 -32.88 8.59
CA TYR C 52 23.58 -32.49 8.37
C TYR C 52 23.10 -32.86 6.97
N PRO C 53 21.82 -33.27 6.85
CA PRO C 53 20.86 -33.45 7.93
C PRO C 53 21.24 -34.62 8.83
N ASP C 54 20.92 -34.49 10.11
CA ASP C 54 21.33 -35.42 11.13
C ASP C 54 20.26 -36.50 11.28
N PRO C 55 20.55 -37.76 10.90
CA PRO C 55 19.52 -38.79 11.05
C PRO C 55 19.16 -39.08 12.50
N VAL C 56 20.08 -38.85 13.43
CA VAL C 56 19.76 -38.98 14.84
C VAL C 56 18.66 -37.96 15.21
N ARG C 57 18.85 -36.72 14.75
CA ARG C 57 17.85 -35.70 14.98
C ARG C 57 16.53 -36.06 14.29
N ALA C 58 16.60 -36.62 13.09
CA ALA C 58 15.39 -37.00 12.36
C ALA C 58 14.61 -38.10 13.12
N ALA C 59 15.33 -39.07 13.66
CA ALA C 59 14.71 -40.16 14.40
C ALA C 59 13.94 -39.65 15.63
N LEU C 60 14.62 -38.93 16.50
CA LEU C 60 14.01 -38.37 17.72
C LEU C 60 12.84 -37.44 17.42
N ALA C 61 12.93 -36.69 16.32
CA ALA C 61 11.80 -35.86 15.90
C ALA C 61 10.66 -36.71 15.31
N ALA C 62 10.96 -37.89 14.76
CA ALA C 62 9.91 -38.81 14.27
C ALA C 62 9.09 -39.37 15.41
N GLU C 63 9.77 -39.70 16.51
CA GLU C 63 9.09 -40.16 17.72
C GLU C 63 8.15 -39.07 18.25
N ASP C 64 8.64 -37.83 18.30
CA ASP C 64 7.84 -36.69 18.77
C ASP C 64 6.61 -36.44 17.90
N ALA C 65 6.71 -36.77 16.62
CA ALA C 65 5.62 -36.56 15.66
C ALA C 65 4.63 -37.73 15.58
N GLY C 66 4.92 -38.85 16.26
CA GLY C 66 4.00 -39.97 16.29
C GLY C 66 4.59 -41.35 15.98
N ALA C 67 5.81 -41.40 15.44
CA ALA C 67 6.40 -42.70 15.08
C ALA C 67 6.37 -43.64 16.27
N ASP C 68 5.96 -44.88 16.00
CA ASP C 68 5.92 -45.92 17.02
C ASP C 68 7.23 -46.65 17.08
N ALA C 69 8.01 -46.53 15.99
CA ALA C 69 9.35 -47.08 15.92
C ALA C 69 10.23 -46.25 14.97
N ILE C 70 11.54 -46.34 15.19
CA ILE C 70 12.50 -45.83 14.25
C ILE C 70 13.23 -47.03 13.67
N THR C 71 13.28 -47.09 12.34
CA THR C 71 13.97 -48.12 11.61
C THR C 71 15.20 -47.54 10.95
N LEU C 72 16.29 -48.30 10.92
CA LEU C 72 17.47 -47.88 10.20
C LEU C 72 18.31 -49.09 9.79
N HIS C 73 18.74 -49.06 8.54
CA HIS C 73 19.48 -50.16 7.95
C HIS C 73 20.98 -49.87 7.92
N LEU C 74 21.70 -50.46 8.86
CA LEU C 74 23.17 -50.41 8.90
C LEU C 74 23.70 -51.45 7.92
N ARG C 75 23.97 -51.03 6.70
CA ARG C 75 24.48 -51.94 5.66
C ARG C 75 25.95 -52.29 5.93
N GLU C 76 26.41 -53.42 5.36
CA GLU C 76 27.84 -53.78 5.46
C GLU C 76 28.74 -52.71 4.85
N ASP C 77 28.33 -52.17 3.71
CA ASP C 77 29.06 -51.11 3.02
C ASP C 77 28.78 -49.67 3.52
N ARG C 78 28.10 -49.54 4.67
CA ARG C 78 27.77 -48.23 5.25
C ARG C 78 27.41 -47.15 4.19
N ARG C 79 26.58 -47.53 3.23
CA ARG C 79 26.18 -46.60 2.16
C ARG C 79 25.46 -45.35 2.69
N HIS C 80 24.65 -45.51 3.74
CA HIS C 80 23.92 -44.36 4.29
C HIS C 80 24.06 -44.23 5.80
N ILE C 81 23.36 -45.06 6.57
CA ILE C 81 23.57 -45.11 8.01
C ILE C 81 24.97 -45.67 8.27
N VAL C 82 25.68 -45.03 9.20
CA VAL C 82 26.96 -45.51 9.65
C VAL C 82 26.83 -45.94 11.12
N ASP C 83 27.84 -46.65 11.62
CA ASP C 83 27.78 -47.21 12.98
C ASP C 83 27.53 -46.17 14.05
N ALA C 84 28.14 -44.99 13.89
CA ALA C 84 28.04 -43.94 14.91
C ALA C 84 26.60 -43.52 15.08
N ASP C 85 25.87 -43.45 13.97
CA ASP C 85 24.43 -43.16 13.99
C ASP C 85 23.69 -44.11 14.94
N VAL C 86 23.88 -45.42 14.76
CA VAL C 86 23.17 -46.41 15.59
C VAL C 86 23.56 -46.31 17.06
N ARG C 87 24.84 -46.04 17.34
CA ARG C 87 25.35 -46.01 18.70
C ARG C 87 24.93 -44.75 19.48
N THR C 88 24.96 -43.59 18.84
CA THR C 88 24.52 -42.38 19.54
C THR C 88 22.99 -42.30 19.66
N LEU C 89 22.25 -42.98 18.78
CA LEU C 89 20.78 -42.98 18.84
C LEU C 89 20.22 -43.97 19.88
N ARG C 90 20.86 -45.13 20.04
CA ARG C 90 20.27 -46.18 20.86
C ARG C 90 19.88 -45.74 22.27
N PRO C 91 20.78 -45.08 23.01
CA PRO C 91 20.47 -44.65 24.38
C PRO C 91 19.38 -43.59 24.48
N ARG C 92 18.99 -43.01 23.36
CA ARG C 92 18.04 -41.90 23.35
C ARG C 92 16.68 -42.24 22.76
N VAL C 93 16.49 -43.50 22.34
CA VAL C 93 15.20 -43.93 21.78
C VAL C 93 14.14 -43.93 22.88
N LYS C 94 13.07 -43.18 22.67
CA LYS C 94 11.93 -43.17 23.61
C LYS C 94 10.78 -44.10 23.19
N THR C 95 10.79 -44.55 21.93
CA THR C 95 9.85 -45.57 21.47
C THR C 95 10.58 -46.90 21.26
N ARG C 96 10.75 -47.33 20.01
CA ARG C 96 11.46 -48.57 19.69
C ARG C 96 12.46 -48.33 18.57
N MET C 97 13.61 -48.99 18.66
CA MET C 97 14.58 -49.04 17.57
C MET C 97 14.39 -50.37 16.82
N ASN C 98 14.19 -50.26 15.51
CA ASN C 98 14.21 -51.40 14.62
C ASN C 98 15.44 -51.37 13.72
N LEU C 99 16.39 -52.26 14.02
CA LEU C 99 17.69 -52.26 13.34
C LEU C 99 17.66 -53.27 12.22
N GLU C 100 17.59 -52.81 10.97
CA GLU C 100 17.69 -53.70 9.81
C GLU C 100 19.16 -54.04 9.61
N CYS C 101 19.46 -55.32 9.43
CA CYS C 101 20.82 -55.73 9.16
C CYS C 101 20.87 -57.11 8.51
N ALA C 102 22.04 -57.43 7.97
CA ALA C 102 22.25 -58.68 7.23
C ALA C 102 22.71 -59.81 8.14
N VAL C 103 22.65 -61.03 7.60
CA VAL C 103 22.98 -62.24 8.34
C VAL C 103 24.46 -62.58 8.13
N THR C 104 25.32 -61.78 8.74
CA THR C 104 26.76 -62.02 8.74
C THR C 104 27.27 -61.80 10.16
N PRO C 105 28.26 -62.60 10.60
CA PRO C 105 28.70 -62.53 11.99
C PRO C 105 28.98 -61.11 12.51
N GLU C 106 29.60 -60.25 11.70
CA GLU C 106 29.96 -58.91 12.14
C GLU C 106 28.74 -58.09 12.51
N MET C 107 27.80 -58.03 11.58
CA MET C 107 26.62 -57.19 11.73
C MET C 107 25.72 -57.74 12.84
N LEU C 108 25.65 -59.05 12.97
CA LEU C 108 24.94 -59.70 14.06
C LEU C 108 25.62 -59.37 15.38
N ASP C 109 26.94 -59.29 15.37
CA ASP C 109 27.68 -58.94 16.59
C ASP C 109 27.42 -57.50 17.00
N ILE C 110 27.35 -56.59 16.05
CA ILE C 110 27.04 -55.21 16.40
C ILE C 110 25.63 -55.13 16.93
N ALA C 111 24.71 -55.80 16.25
CA ALA C 111 23.31 -55.82 16.63
C ALA C 111 23.15 -56.31 18.08
N CYS C 112 23.82 -57.40 18.40
CA CYS C 112 23.67 -57.98 19.72
CA CYS C 112 23.74 -58.02 19.72
C CYS C 112 24.27 -57.10 20.82
N GLU C 113 25.25 -56.27 20.47
CA GLU C 113 25.88 -55.36 21.41
C GLU C 113 25.01 -54.13 21.70
N ILE C 114 24.39 -53.56 20.66
CA ILE C 114 23.62 -52.34 20.85
C ILE C 114 22.19 -52.65 21.30
N ARG C 115 21.80 -53.93 21.28
CA ARG C 115 20.52 -54.42 21.84
C ARG C 115 19.30 -53.57 21.48
N PRO C 116 19.00 -53.46 20.17
CA PRO C 116 17.77 -52.80 19.78
C PRO C 116 16.55 -53.58 20.23
N HIS C 117 15.40 -52.94 20.16
CA HIS C 117 14.16 -53.58 20.58
C HIS C 117 13.81 -54.63 19.54
N ASP C 118 13.97 -54.23 18.26
CA ASP C 118 13.70 -55.07 17.11
C ASP C 118 14.87 -55.11 16.15
N ALA C 119 15.01 -56.26 15.50
CA ALA C 119 15.90 -56.41 14.35
C ALA C 119 15.10 -56.98 13.19
N CYS C 120 15.41 -56.50 11.99
CA CYS C 120 14.84 -57.07 10.78
C CYS C 120 15.99 -57.56 9.91
N LEU C 121 16.09 -58.87 9.74
CA LEU C 121 17.12 -59.48 8.90
C LEU C 121 16.72 -59.29 7.44
N VAL C 122 17.62 -58.68 6.68
CA VAL C 122 17.36 -58.31 5.29
C VAL C 122 18.48 -58.86 4.41
N PRO C 123 18.19 -59.13 3.14
CA PRO C 123 19.24 -59.56 2.25
C PRO C 123 20.09 -58.39 1.79
N GLU C 124 21.38 -58.61 1.67
CA GLU C 124 22.24 -57.62 1.02
C GLU C 124 23.03 -58.25 -0.13
N LYS C 125 23.54 -59.46 0.07
CA LYS C 125 24.25 -60.17 -0.99
C LYS C 125 23.23 -60.72 -1.99
N ARG C 126 23.66 -60.90 -3.23
CA ARG C 126 22.80 -61.41 -4.31
C ARG C 126 22.51 -62.92 -4.13
N SER C 127 23.35 -63.61 -3.35
CA SER C 127 23.13 -65.02 -3.06
C SER C 127 22.12 -65.24 -1.91
N GLU C 128 21.66 -64.16 -1.29
CA GLU C 128 20.76 -64.23 -0.14
C GLU C 128 19.34 -63.88 -0.49
N LEU C 129 19.09 -63.43 -1.71
CA LEU C 129 17.76 -62.93 -2.04
C LEU C 129 17.08 -63.70 -3.17
N THR C 130 15.75 -63.68 -3.16
CA THR C 130 14.96 -64.30 -4.21
C THR C 130 14.92 -63.38 -5.41
N THR C 131 14.35 -63.85 -6.52
CA THR C 131 14.19 -62.98 -7.70
C THR C 131 13.27 -61.81 -7.37
N GLU C 132 12.35 -62.00 -6.43
CA GLU C 132 11.45 -60.90 -6.01
C GLU C 132 12.14 -59.89 -5.08
N GLY C 133 13.12 -60.33 -4.29
CA GLY C 133 13.90 -59.42 -3.45
C GLY C 133 13.85 -59.65 -1.94
N GLY C 134 13.07 -60.63 -1.49
CA GLY C 134 13.04 -60.97 -0.08
C GLY C 134 14.22 -61.83 0.28
N LEU C 135 14.47 -61.98 1.57
CA LEU C 135 15.45 -62.95 2.08
C LEU C 135 15.04 -64.37 1.66
N ASP C 136 16.01 -65.14 1.20
CA ASP C 136 15.79 -66.54 0.87
C ASP C 136 15.96 -67.36 2.14
N VAL C 137 14.91 -67.40 2.95
CA VAL C 137 14.96 -68.13 4.20
C VAL C 137 15.02 -69.65 3.95
N VAL C 138 14.35 -70.11 2.90
CA VAL C 138 14.37 -71.52 2.54
C VAL C 138 15.80 -71.93 2.20
N GLY C 139 16.45 -71.11 1.37
CA GLY C 139 17.80 -71.39 0.91
C GLY C 139 18.90 -71.20 1.95
N HIS C 140 18.63 -70.46 3.02
CA HIS C 140 19.65 -70.18 4.05
C HIS C 140 19.14 -70.48 5.45
N PHE C 141 18.32 -71.52 5.55
CA PHE C 141 17.57 -71.78 6.76
C PHE C 141 18.43 -71.79 8.00
N ASP C 142 19.47 -72.61 8.01
CA ASP C 142 20.25 -72.81 9.22
C ASP C 142 20.97 -71.54 9.66
N ALA C 143 21.46 -70.76 8.71
CA ALA C 143 22.12 -69.48 9.06
C ALA C 143 21.09 -68.52 9.68
N VAL C 144 19.90 -68.43 9.08
CA VAL C 144 18.87 -67.51 9.57
C VAL C 144 18.35 -67.95 10.94
N ARG C 145 18.19 -69.26 11.14
CA ARG C 145 17.77 -69.77 12.46
C ARG C 145 18.81 -69.48 13.53
N ALA C 146 20.09 -69.67 13.22
CA ALA C 146 21.16 -69.39 14.19
C ALA C 146 21.19 -67.90 14.55
N ALA C 147 20.98 -67.06 13.55
CA ALA C 147 20.88 -65.62 13.72
C ALA C 147 19.71 -65.20 14.62
N CYS C 148 18.55 -65.86 14.44
CA CYS C 148 17.37 -65.60 15.28
C CYS C 148 17.62 -65.93 16.74
N LYS C 149 18.30 -67.05 16.96
CA LYS C 149 18.56 -67.55 18.32
C LYS C 149 19.53 -66.64 19.04
N GLN C 150 20.56 -66.19 18.34
CA GLN C 150 21.57 -65.35 18.96
C GLN C 150 20.99 -63.98 19.27
N LEU C 151 20.13 -63.47 18.39
CA LEU C 151 19.46 -62.19 18.62
C LEU C 151 18.43 -62.28 19.75
N ALA C 152 17.71 -63.39 19.80
CA ALA C 152 16.71 -63.60 20.85
C ALA C 152 17.38 -63.81 22.21
N ASP C 153 18.57 -64.41 22.22
CA ASP C 153 19.37 -64.53 23.45
C ASP C 153 19.81 -63.15 23.95
N ALA C 154 19.95 -62.20 23.04
CA ALA C 154 20.32 -60.84 23.41
C ALA C 154 19.09 -59.98 23.69
N GLY C 155 17.91 -60.57 23.69
CA GLY C 155 16.68 -59.85 24.02
C GLY C 155 16.04 -59.08 22.88
N VAL C 156 16.56 -59.28 21.66
CA VAL C 156 15.99 -58.64 20.47
C VAL C 156 14.82 -59.45 19.89
N ARG C 157 13.76 -58.73 19.55
CA ARG C 157 12.65 -59.29 18.83
C ARG C 157 12.90 -59.28 17.31
N VAL C 158 13.01 -60.47 16.74
CA VAL C 158 13.51 -60.65 15.39
C VAL C 158 12.42 -60.74 14.36
N SER C 159 12.62 -60.03 13.26
CA SER C 159 11.74 -60.06 12.12
C SER C 159 12.56 -60.49 10.92
N LEU C 160 11.92 -61.11 9.93
CA LEU C 160 12.57 -61.48 8.69
C LEU C 160 11.84 -60.83 7.53
N PHE C 161 12.60 -60.23 6.62
CA PHE C 161 12.04 -59.55 5.46
C PHE C 161 11.91 -60.57 4.35
N ILE C 162 10.67 -60.81 3.91
CA ILE C 162 10.39 -61.89 2.94
C ILE C 162 9.27 -61.58 1.95
N ASP C 163 9.31 -62.27 0.82
CA ASP C 163 8.25 -62.14 -0.17
C ASP C 163 7.00 -62.76 0.41
N PRO C 164 5.83 -62.26 -0.01
CA PRO C 164 4.61 -62.87 0.46
C PRO C 164 4.41 -64.21 -0.25
N ASP C 165 5.26 -65.18 0.09
CA ASP C 165 5.30 -66.50 -0.54
C ASP C 165 5.20 -67.54 0.59
N GLU C 166 4.19 -68.41 0.50
CA GLU C 166 3.82 -69.28 1.62
C GLU C 166 4.95 -70.17 2.09
N ALA C 167 5.76 -70.66 1.16
CA ALA C 167 6.90 -71.49 1.54
C ALA C 167 7.89 -70.68 2.36
N GLN C 168 8.11 -69.42 1.95
CA GLN C 168 9.05 -68.57 2.67
C GLN C 168 8.45 -68.22 4.02
N ILE C 169 7.14 -67.95 4.04
CA ILE C 169 6.45 -67.64 5.28
C ILE C 169 6.60 -68.81 6.27
N ARG C 170 6.31 -70.03 5.82
CA ARG C 170 6.52 -71.22 6.67
C ARG C 170 7.95 -71.35 7.14
N ALA C 171 8.89 -71.20 6.23
CA ALA C 171 10.31 -71.28 6.59
C ALA C 171 10.63 -70.22 7.66
N ALA C 172 10.09 -69.02 7.49
CA ALA C 172 10.22 -67.96 8.51
C ALA C 172 9.76 -68.45 9.88
N HIS C 173 8.60 -69.10 9.91
CA HIS C 173 8.01 -69.60 11.16
C HIS C 173 8.89 -70.65 11.81
N GLU C 174 9.46 -71.55 11.01
CA GLU C 174 10.32 -72.62 11.57
C GLU C 174 11.63 -72.12 12.15
N THR C 175 12.05 -70.91 11.80
CA THR C 175 13.32 -70.39 12.33
C THR C 175 13.24 -70.03 13.81
N GLY C 176 12.03 -69.74 14.28
CA GLY C 176 11.84 -69.13 15.60
C GLY C 176 11.52 -67.63 15.55
N ALA C 177 11.79 -66.98 14.42
CA ALA C 177 11.51 -65.56 14.28
C ALA C 177 10.05 -65.27 14.64
N PRO C 178 9.81 -64.35 15.58
CA PRO C 178 8.42 -64.05 15.92
C PRO C 178 7.68 -63.14 14.95
N VAL C 179 8.41 -62.45 14.07
CA VAL C 179 7.82 -61.46 13.17
C VAL C 179 8.30 -61.71 11.73
N ILE C 180 7.47 -61.33 10.76
CA ILE C 180 7.87 -61.27 9.35
C ILE C 180 7.47 -59.91 8.79
N GLU C 181 8.28 -59.37 7.89
CA GLU C 181 7.87 -58.18 7.14
C GLU C 181 7.71 -58.57 5.68
N LEU C 182 6.55 -58.29 5.12
CA LEU C 182 6.26 -58.67 3.76
C LEU C 182 6.69 -57.58 2.79
N HIS C 183 7.39 -58.04 1.74
CA HIS C 183 7.87 -57.19 0.65
C HIS C 183 6.72 -56.67 -0.20
N THR C 184 6.33 -55.42 0.03
CA THR C 184 5.23 -54.79 -0.69
C THR C 184 5.68 -54.11 -2.00
N GLY C 185 6.88 -54.41 -2.46
CA GLY C 185 7.49 -53.74 -3.62
C GLY C 185 6.76 -53.96 -4.94
N ARG C 186 6.38 -55.22 -5.21
CA ARG C 186 5.61 -55.49 -6.42
C ARG C 186 4.25 -54.81 -6.38
N TYR C 187 3.62 -54.80 -5.20
CA TYR C 187 2.39 -54.03 -4.99
C TYR C 187 2.67 -52.56 -5.27
N ALA C 188 3.71 -52.03 -4.62
CA ALA C 188 4.02 -50.62 -4.73
C ALA C 188 4.29 -50.21 -6.18
N ASP C 189 5.08 -51.01 -6.91
CA ASP C 189 5.48 -50.69 -8.30
C ASP C 189 4.53 -51.18 -9.40
N ALA C 190 3.31 -51.60 -9.07
CA ALA C 190 2.41 -52.09 -10.10
C ALA C 190 2.20 -51.04 -11.20
N HIS C 191 2.13 -51.50 -12.46
CA HIS C 191 2.01 -50.59 -13.61
C HIS C 191 0.56 -50.29 -13.98
N ASP C 192 -0.38 -51.02 -13.38
CA ASP C 192 -1.81 -50.72 -13.55
C ASP C 192 -2.66 -51.34 -12.44
N ALA C 193 -3.92 -50.95 -12.38
CA ALA C 193 -4.86 -51.42 -11.36
C ALA C 193 -4.99 -52.95 -11.24
N ALA C 194 -5.02 -53.63 -12.36
CA ALA C 194 -5.23 -55.08 -12.36
C ALA C 194 -4.05 -55.79 -11.72
N GLU C 195 -2.85 -55.48 -12.19
CA GLU C 195 -1.61 -55.99 -11.57
C GLU C 195 -1.51 -55.62 -10.09
N GLN C 196 -1.97 -54.41 -9.73
CA GLN C 196 -1.91 -53.96 -8.33
C GLN C 196 -2.86 -54.75 -7.44
N GLN C 197 -4.04 -55.05 -7.96
CA GLN C 197 -5.03 -55.82 -7.20
C GLN C 197 -4.51 -57.23 -6.94
N ARG C 198 -3.98 -57.87 -7.97
CA ARG C 198 -3.39 -59.20 -7.82
C ARG C 198 -2.31 -59.22 -6.74
N GLU C 199 -1.42 -58.23 -6.77
CA GLU C 199 -0.31 -58.14 -5.80
C GLU C 199 -0.82 -57.82 -4.39
N PHE C 200 -1.85 -56.99 -4.31
CA PHE C 200 -2.53 -56.76 -3.05
C PHE C 200 -3.07 -58.08 -2.45
N GLU C 201 -3.65 -58.92 -3.31
CA GLU C 201 -4.19 -60.19 -2.83
C GLU C 201 -3.12 -61.17 -2.38
N ARG C 202 -1.95 -61.11 -3.01
CA ARG C 202 -0.79 -61.88 -2.54
C ARG C 202 -0.40 -61.41 -1.15
N ILE C 203 -0.49 -60.10 -0.89
CA ILE C 203 -0.15 -59.58 0.43
C ILE C 203 -1.19 -60.00 1.46
N ALA C 204 -2.45 -59.79 1.11
CA ALA C 204 -3.56 -60.20 1.97
C ALA C 204 -3.47 -61.67 2.34
N THR C 205 -3.25 -62.56 1.37
CA THR C 205 -3.24 -63.99 1.71
C THR C 205 -1.99 -64.32 2.49
N GLY C 206 -0.91 -63.60 2.20
CA GLY C 206 0.32 -63.69 3.01
C GLY C 206 0.13 -63.32 4.48
N VAL C 207 -0.65 -62.27 4.72
CA VAL C 207 -0.94 -61.85 6.09
C VAL C 207 -1.76 -62.91 6.83
N ASP C 208 -2.76 -63.45 6.16
CA ASP C 208 -3.55 -64.55 6.73
C ASP C 208 -2.67 -65.75 7.07
N ALA C 209 -1.81 -66.14 6.14
CA ALA C 209 -0.92 -67.29 6.34
C ALA C 209 -0.02 -67.12 7.54
N GLY C 210 0.54 -65.92 7.72
CA GLY C 210 1.46 -65.64 8.83
C GLY C 210 0.76 -65.60 10.19
N ILE C 211 -0.41 -64.96 10.22
CA ILE C 211 -1.23 -64.91 11.44
C ILE C 211 -1.72 -66.30 11.82
N ALA C 212 -2.10 -67.10 10.83
CA ALA C 212 -2.51 -68.50 11.07
C ALA C 212 -1.43 -69.31 11.78
N LEU C 213 -0.17 -68.88 11.66
CA LEU C 213 0.95 -69.54 12.32
C LEU C 213 1.42 -68.86 13.60
N GLY C 214 0.76 -67.79 14.01
CA GLY C 214 1.14 -67.06 15.23
C GLY C 214 2.21 -65.98 15.02
N LEU C 215 2.51 -65.66 13.76
CA LEU C 215 3.47 -64.60 13.46
C LEU C 215 2.79 -63.21 13.51
N LYS C 216 3.54 -62.22 13.99
CA LYS C 216 3.20 -60.81 13.76
C LYS C 216 3.68 -60.48 12.37
N VAL C 217 2.84 -59.80 11.59
CA VAL C 217 3.24 -59.47 10.23
C VAL C 217 3.25 -57.96 9.93
N ASN C 218 4.41 -57.50 9.44
CA ASN C 218 4.64 -56.11 9.08
C ASN C 218 4.70 -55.97 7.56
N ALA C 219 4.85 -54.74 7.08
CA ALA C 219 4.98 -54.45 5.66
C ALA C 219 5.62 -53.07 5.50
N GLY C 220 5.78 -52.56 4.28
CA GLY C 220 6.19 -51.15 4.14
C GLY C 220 7.11 -50.70 3.02
N HIS C 221 7.85 -51.64 2.43
CA HIS C 221 8.72 -51.32 1.31
C HIS C 221 7.90 -50.72 0.16
N GLY C 222 8.30 -49.53 -0.29
CA GLY C 222 7.66 -48.85 -1.40
C GLY C 222 6.32 -48.18 -1.08
N LEU C 223 5.86 -48.25 0.16
CA LEU C 223 4.58 -47.65 0.50
C LEU C 223 4.65 -46.12 0.55
N HIS C 224 3.58 -45.47 0.11
CA HIS C 224 3.52 -44.02 0.11
C HIS C 224 2.09 -43.49 0.34
N TYR C 225 1.87 -42.20 0.11
CA TYR C 225 0.65 -41.53 0.59
C TYR C 225 -0.62 -41.79 -0.20
N THR C 226 -0.55 -42.50 -1.33
CA THR C 226 -1.77 -42.95 -2.01
C THR C 226 -1.92 -44.46 -2.16
N ASN C 227 -0.93 -45.25 -1.75
CA ASN C 227 -1.04 -46.71 -1.79
C ASN C 227 -0.99 -47.39 -0.42
N VAL C 228 -0.75 -46.61 0.64
CA VAL C 228 -0.66 -47.18 1.99
C VAL C 228 -2.04 -47.56 2.56
N GLN C 229 -3.08 -46.84 2.12
CA GLN C 229 -4.39 -46.99 2.73
C GLN C 229 -4.89 -48.43 2.64
N ALA C 230 -4.76 -49.03 1.47
CA ALA C 230 -5.29 -50.39 1.25
C ALA C 230 -4.57 -51.41 2.14
N ILE C 231 -3.28 -51.19 2.38
CA ILE C 231 -2.52 -52.08 3.24
C ILE C 231 -2.85 -51.81 4.72
N ALA C 232 -2.96 -50.54 5.09
CA ALA C 232 -3.31 -50.17 6.47
C ALA C 232 -4.70 -50.70 6.84
N ALA C 233 -5.57 -50.82 5.84
CA ALA C 233 -6.90 -51.40 6.03
C ALA C 233 -6.94 -52.91 6.33
N LEU C 234 -5.82 -53.62 6.16
CA LEU C 234 -5.76 -55.06 6.47
C LEU C 234 -5.57 -55.26 7.97
N PRO C 235 -6.59 -55.83 8.65
CA PRO C 235 -6.56 -55.91 10.13
C PRO C 235 -5.34 -56.62 10.73
N GLY C 236 -4.73 -57.53 9.98
CA GLY C 236 -3.63 -58.34 10.48
C GLY C 236 -2.25 -57.71 10.42
N ILE C 237 -2.14 -56.54 9.81
CA ILE C 237 -0.85 -55.84 9.73
C ILE C 237 -0.61 -55.14 11.07
N ALA C 238 0.50 -55.47 11.73
CA ALA C 238 0.86 -54.85 13.01
C ALA C 238 1.56 -53.50 12.81
N GLU C 239 2.57 -53.49 11.93
CA GLU C 239 3.40 -52.29 11.75
C GLU C 239 3.76 -52.09 10.28
N LEU C 240 3.77 -50.83 9.83
CA LEU C 240 4.25 -50.47 8.51
C LEU C 240 5.52 -49.66 8.63
N ASN C 241 6.61 -50.18 8.06
CA ASN C 241 7.93 -49.59 8.12
C ASN C 241 8.19 -48.84 6.83
N ILE C 242 8.11 -47.52 6.88
CA ILE C 242 8.14 -46.70 5.67
C ILE C 242 9.29 -45.70 5.74
N GLY C 243 10.00 -45.54 4.61
CA GLY C 243 11.17 -44.68 4.52
C GLY C 243 11.12 -43.61 3.44
N HIS C 244 11.51 -43.97 2.23
CA HIS C 244 11.72 -42.97 1.20
C HIS C 244 10.54 -42.01 0.99
N ALA C 245 9.33 -42.55 0.95
CA ALA C 245 8.15 -41.72 0.70
C ALA C 245 7.99 -40.59 1.74
N ILE C 246 8.37 -40.85 2.98
CA ILE C 246 8.28 -39.85 4.05
C ILE C 246 9.36 -38.78 3.90
N VAL C 247 10.59 -39.21 3.66
CA VAL C 247 11.67 -38.27 3.34
C VAL C 247 11.36 -37.42 2.09
N ALA C 248 10.82 -38.06 1.05
CA ALA C 248 10.48 -37.34 -0.20
C ALA C 248 9.37 -36.32 0.00
N HIS C 249 8.39 -36.66 0.81
CA HIS C 249 7.33 -35.73 1.22
C HIS C 249 7.92 -34.63 2.12
N ALA C 250 8.75 -35.01 3.10
CA ALA C 250 9.30 -34.03 4.06
C ALA C 250 10.06 -32.88 3.39
N VAL C 251 10.74 -33.14 2.27
CA VAL C 251 11.50 -32.07 1.61
C VAL C 251 10.61 -30.87 1.28
N PHE C 252 9.37 -31.12 0.87
CA PHE C 252 8.44 -30.01 0.60
C PHE C 252 7.60 -29.57 1.81
N VAL C 253 7.40 -30.47 2.75
CA VAL C 253 6.32 -30.33 3.72
C VAL C 253 6.85 -30.16 5.15
N GLY C 254 8.10 -30.58 5.38
CA GLY C 254 8.66 -30.65 6.72
C GLY C 254 8.53 -32.05 7.28
N TRP C 255 9.56 -32.52 7.97
CA TRP C 255 9.65 -33.87 8.50
C TRP C 255 8.52 -34.21 9.48
N ASP C 256 8.27 -33.30 10.44
CA ASP C 256 7.23 -33.50 11.44
C ASP C 256 5.89 -33.74 10.77
N ASN C 257 5.55 -32.87 9.82
CA ASN C 257 4.28 -32.97 9.13
C ASN C 257 4.19 -34.27 8.35
N ALA C 258 5.32 -34.69 7.78
CA ALA C 258 5.33 -35.87 6.92
C ALA C 258 5.08 -37.14 7.74
N VAL C 259 5.74 -37.24 8.88
CA VAL C 259 5.49 -38.35 9.81
C VAL C 259 4.03 -38.35 10.30
N ARG C 260 3.57 -37.22 10.83
CA ARG C 260 2.24 -37.14 11.45
C ARG C 260 1.15 -37.48 10.46
N GLU C 261 1.27 -36.96 9.25
CA GLU C 261 0.29 -37.17 8.20
C GLU C 261 0.20 -38.63 7.78
N MET C 262 1.34 -39.29 7.61
CA MET C 262 1.36 -40.71 7.25
C MET C 262 0.68 -41.53 8.34
N LYS C 263 1.05 -41.30 9.60
CA LYS C 263 0.40 -41.95 10.75
C LYS C 263 -1.10 -41.76 10.74
N ALA C 264 -1.54 -40.51 10.55
CA ALA C 264 -2.96 -40.16 10.59
C ALA C 264 -3.74 -40.88 9.50
N ILE C 265 -3.12 -41.02 8.32
CA ILE C 265 -3.75 -41.70 7.20
C ILE C 265 -3.88 -43.20 7.48
N MET C 266 -2.82 -43.78 8.03
CA MET C 266 -2.83 -45.19 8.38
C MET C 266 -3.89 -45.48 9.43
N VAL C 267 -3.93 -44.65 10.47
CA VAL C 267 -4.91 -44.84 11.54
C VAL C 267 -6.34 -44.62 11.02
N ALA C 268 -6.52 -43.65 10.14
CA ALA C 268 -7.86 -43.41 9.58
C ALA C 268 -8.36 -44.62 8.77
N ALA C 269 -7.46 -45.24 8.00
CA ALA C 269 -7.81 -46.40 7.17
C ALA C 269 -8.14 -47.61 8.01
N ARG C 270 -7.30 -47.90 9.00
CA ARG C 270 -7.49 -49.04 9.88
C ARG C 270 -8.84 -48.96 10.60
N VAL C 271 -9.10 -47.85 11.27
CA VAL C 271 -10.32 -47.70 12.09
C VAL C 271 -11.62 -47.78 11.26
N ALA C 272 -11.63 -47.15 10.09
CA ALA C 272 -12.80 -47.19 9.20
C ALA C 272 -13.09 -48.60 8.67
N ALA C 273 -12.02 -49.37 8.42
CA ALA C 273 -12.11 -50.69 7.81
C ALA C 273 -12.74 -51.72 8.75
N LEU C 274 -12.54 -51.55 10.05
CA LEU C 274 -13.12 -52.43 11.06
C LEU C 274 -14.62 -52.15 11.22
N ALA D 30 13.55 8.74 -8.99
CA ALA D 30 12.72 9.56 -9.93
C ALA D 30 13.30 9.45 -11.33
N ALA D 31 12.48 9.04 -12.30
CA ALA D 31 12.93 8.83 -13.68
C ALA D 31 13.71 10.03 -14.25
N ILE D 32 13.32 11.24 -13.85
CA ILE D 32 13.98 12.47 -14.31
C ILE D 32 13.81 13.55 -13.24
N ASP D 33 14.83 14.37 -13.03
CA ASP D 33 14.79 15.42 -12.00
C ASP D 33 14.26 16.76 -12.51
N LEU D 34 13.50 17.46 -11.68
CA LEU D 34 13.08 18.84 -11.95
C LEU D 34 13.71 19.80 -10.93
N GLY D 35 14.45 20.78 -11.43
CA GLY D 35 14.89 21.90 -10.61
C GLY D 35 13.99 23.07 -10.92
N VAL D 36 13.34 23.66 -9.91
CA VAL D 36 12.46 24.83 -10.11
C VAL D 36 13.24 26.10 -9.82
N ASN D 37 13.27 27.00 -10.80
CA ASN D 37 14.01 28.24 -10.67
C ASN D 37 13.03 29.26 -10.14
N ILE D 38 13.44 30.02 -9.14
CA ILE D 38 12.53 30.93 -8.43
C ILE D 38 12.81 32.42 -8.69
N ASP D 39 13.78 32.74 -9.57
CA ASP D 39 14.14 34.14 -9.90
C ASP D 39 12.95 35.07 -10.15
N HIS D 40 11.98 34.57 -10.91
CA HIS D 40 10.90 35.44 -11.38
C HIS D 40 9.77 35.57 -10.37
N VAL D 41 9.81 34.81 -9.28
CA VAL D 41 9.02 35.13 -8.11
C VAL D 41 9.56 36.44 -7.54
N ALA D 42 10.89 36.54 -7.43
CA ALA D 42 11.55 37.76 -6.98
C ALA D 42 11.30 38.95 -7.90
N THR D 43 11.17 38.69 -9.20
CA THR D 43 10.84 39.76 -10.14
C THR D 43 9.54 40.45 -9.73
N LEU D 44 8.52 39.65 -9.43
CA LEU D 44 7.22 40.16 -8.95
C LEU D 44 7.38 40.93 -7.64
N ARG D 45 8.12 40.36 -6.69
CA ARG D 45 8.35 41.03 -5.43
C ARG D 45 9.05 42.38 -5.60
N ASN D 46 10.14 42.39 -6.38
CA ASN D 46 10.94 43.62 -6.53
C ASN D 46 10.19 44.74 -7.24
N ALA D 47 9.17 44.40 -8.02
CA ALA D 47 8.37 45.41 -8.70
C ALA D 47 7.57 46.25 -7.69
N ARG D 48 7.29 45.69 -6.53
CA ARG D 48 6.49 46.37 -5.50
C ARG D 48 7.33 46.93 -4.37
N GLY D 49 8.34 46.20 -3.94
CA GLY D 49 9.17 46.60 -2.80
C GLY D 49 8.75 46.05 -1.44
N THR D 50 7.74 45.18 -1.42
CA THR D 50 7.37 44.47 -0.20
C THR D 50 8.13 43.14 -0.18
N ALA D 51 7.91 42.32 0.84
CA ALA D 51 8.48 40.98 0.88
C ALA D 51 7.68 39.95 0.04
N TYR D 52 6.61 40.38 -0.64
CA TYR D 52 5.65 39.43 -1.24
C TYR D 52 5.52 39.65 -2.73
N PRO D 53 5.34 38.58 -3.52
CA PRO D 53 5.41 37.15 -3.19
C PRO D 53 6.80 36.72 -2.76
N ASP D 54 6.87 35.90 -1.72
CA ASP D 54 8.13 35.54 -1.07
C ASP D 54 8.84 34.36 -1.76
N PRO D 55 10.02 34.61 -2.38
CA PRO D 55 10.76 33.54 -3.07
C PRO D 55 11.12 32.34 -2.20
N VAL D 56 11.34 32.60 -0.90
CA VAL D 56 11.75 31.57 0.04
C VAL D 56 10.61 30.61 0.25
N ARG D 57 9.42 31.15 0.44
CA ARG D 57 8.22 30.34 0.52
C ARG D 57 8.03 29.52 -0.77
N ALA D 58 8.17 30.20 -1.91
CA ALA D 58 8.09 29.57 -3.24
C ALA D 58 8.96 28.34 -3.35
N ALA D 59 10.19 28.45 -2.84
CA ALA D 59 11.18 27.38 -2.95
C ALA D 59 10.84 26.17 -2.08
N LEU D 60 10.41 26.41 -0.85
CA LEU D 60 10.10 25.31 0.05
C LEU D 60 8.80 24.62 -0.37
N ALA D 61 7.85 25.39 -0.89
CA ALA D 61 6.62 24.84 -1.44
C ALA D 61 6.87 24.03 -2.73
N ALA D 62 7.87 24.44 -3.51
CA ALA D 62 8.20 23.74 -4.75
C ALA D 62 8.69 22.35 -4.39
N GLU D 63 9.52 22.27 -3.36
CA GLU D 63 10.01 20.99 -2.85
C GLU D 63 8.86 20.11 -2.36
N ASP D 64 7.85 20.73 -1.74
CA ASP D 64 6.69 19.99 -1.21
C ASP D 64 5.82 19.43 -2.33
N ALA D 65 5.90 20.04 -3.51
CA ALA D 65 5.11 19.63 -4.66
C ALA D 65 5.89 18.80 -5.70
N GLY D 66 7.09 18.36 -5.36
CA GLY D 66 7.82 17.40 -6.21
C GLY D 66 9.14 17.84 -6.83
N ALA D 67 9.54 19.09 -6.62
CA ALA D 67 10.82 19.59 -7.10
C ALA D 67 11.96 18.83 -6.43
N ASP D 68 13.00 18.52 -7.19
CA ASP D 68 14.16 17.78 -6.69
C ASP D 68 15.31 18.72 -6.33
N ALA D 69 15.20 19.97 -6.78
CA ALA D 69 16.15 21.02 -6.48
C ALA D 69 15.48 22.38 -6.69
N ILE D 70 16.02 23.39 -6.03
CA ILE D 70 15.57 24.76 -6.20
C ILE D 70 16.73 25.49 -6.85
N THR D 71 16.44 26.22 -7.91
CA THR D 71 17.48 26.95 -8.62
C THR D 71 17.25 28.45 -8.37
N LEU D 72 18.34 29.17 -8.14
CA LEU D 72 18.24 30.62 -7.93
C LEU D 72 19.52 31.30 -8.41
N HIS D 73 19.35 32.49 -8.96
CA HIS D 73 20.45 33.20 -9.58
C HIS D 73 20.70 34.52 -8.86
N LEU D 74 21.70 34.52 -7.98
CA LEU D 74 22.20 35.75 -7.35
C LEU D 74 23.04 36.50 -8.38
N ARG D 75 22.43 37.45 -9.07
CA ARG D 75 23.15 38.28 -10.04
C ARG D 75 24.04 39.28 -9.31
N GLU D 76 25.10 39.73 -9.95
CA GLU D 76 26.01 40.72 -9.36
C GLU D 76 25.26 42.03 -9.08
N ASP D 77 24.31 42.37 -9.94
CA ASP D 77 23.46 43.57 -9.76
C ASP D 77 22.24 43.36 -8.84
N ARG D 78 22.10 42.18 -8.25
CA ARG D 78 20.98 41.85 -7.34
C ARG D 78 19.60 42.22 -7.91
N ARG D 79 19.40 41.91 -9.19
CA ARG D 79 18.20 42.38 -9.91
C ARG D 79 16.89 41.73 -9.44
N HIS D 80 16.92 40.43 -9.17
CA HIS D 80 15.77 39.74 -8.59
C HIS D 80 16.11 39.12 -7.23
N ILE D 81 16.74 37.95 -7.23
CA ILE D 81 17.19 37.31 -6.00
C ILE D 81 18.25 38.22 -5.34
N VAL D 82 18.14 38.39 -4.03
CA VAL D 82 19.11 39.17 -3.26
C VAL D 82 19.79 38.24 -2.25
N ASP D 83 20.87 38.72 -1.66
CA ASP D 83 21.72 37.88 -0.82
C ASP D 83 20.96 37.19 0.29
N ALA D 84 20.05 37.94 0.92
CA ALA D 84 19.27 37.43 2.05
C ALA D 84 18.34 36.28 1.67
N ASP D 85 17.82 36.29 0.44
CA ASP D 85 17.03 35.15 -0.07
C ASP D 85 17.88 33.87 -0.06
N VAL D 86 19.11 33.97 -0.55
CA VAL D 86 19.99 32.81 -0.61
C VAL D 86 20.39 32.35 0.79
N ARG D 87 20.75 33.29 1.66
CA ARG D 87 21.18 32.95 3.03
C ARG D 87 20.07 32.34 3.88
N THR D 88 18.85 32.85 3.76
CA THR D 88 17.72 32.30 4.49
C THR D 88 17.35 30.90 4.00
N LEU D 89 17.31 30.74 2.68
CA LEU D 89 16.92 29.47 2.07
C LEU D 89 17.92 28.33 2.34
N ARG D 90 19.21 28.64 2.32
CA ARG D 90 20.24 27.58 2.35
C ARG D 90 20.12 26.56 3.48
N PRO D 91 19.95 27.01 4.74
CA PRO D 91 19.81 26.03 5.83
C PRO D 91 18.42 25.35 5.90
N ARG D 92 17.45 25.85 5.15
CA ARG D 92 16.09 25.32 5.21
C ARG D 92 15.87 24.23 4.18
N VAL D 93 16.32 24.49 2.96
CA VAL D 93 16.21 23.56 1.84
C VAL D 93 16.22 22.08 2.25
N LYS D 94 15.18 21.35 1.85
CA LYS D 94 15.03 19.93 2.17
C LYS D 94 15.52 19.00 1.07
N THR D 95 15.75 19.54 -0.13
CA THR D 95 16.31 18.77 -1.25
C THR D 95 17.71 19.29 -1.62
N ARG D 96 17.88 19.94 -2.78
CA ARG D 96 19.17 20.51 -3.20
C ARG D 96 19.00 21.98 -3.65
N MET D 97 19.97 22.83 -3.29
CA MET D 97 20.06 24.20 -3.83
C MET D 97 21.03 24.23 -5.01
N ASN D 98 20.56 24.78 -6.14
CA ASN D 98 21.39 25.10 -7.31
C ASN D 98 21.56 26.62 -7.44
N LEU D 99 22.76 27.12 -7.15
CA LEU D 99 23.02 28.54 -7.20
C LEU D 99 23.62 28.88 -8.56
N GLU D 100 22.94 29.74 -9.31
CA GLU D 100 23.51 30.25 -10.55
C GLU D 100 24.31 31.49 -10.19
N CYS D 101 25.50 31.62 -10.76
CA CYS D 101 26.30 32.83 -10.56
C CYS D 101 27.41 32.99 -11.59
N ALA D 102 27.85 34.23 -11.74
CA ALA D 102 28.87 34.58 -12.72
C ALA D 102 30.26 34.17 -12.24
N VAL D 103 31.22 34.19 -13.16
CA VAL D 103 32.60 33.83 -12.85
C VAL D 103 33.38 35.11 -12.51
N THR D 104 33.15 35.61 -11.29
CA THR D 104 33.90 36.75 -10.74
C THR D 104 34.16 36.45 -9.26
N PRO D 105 35.22 37.05 -8.69
CA PRO D 105 35.59 36.78 -7.30
C PRO D 105 34.48 37.03 -6.30
N GLU D 106 33.81 38.19 -6.38
CA GLU D 106 32.74 38.52 -5.43
C GLU D 106 31.70 37.40 -5.35
N MET D 107 31.17 37.00 -6.50
CA MET D 107 30.11 36.01 -6.54
C MET D 107 30.61 34.62 -6.19
N LEU D 108 31.76 34.23 -6.72
CA LEU D 108 32.32 32.89 -6.43
C LEU D 108 32.61 32.72 -4.95
N ASP D 109 33.03 33.81 -4.29
CA ASP D 109 33.32 33.78 -2.86
C ASP D 109 32.04 33.64 -2.04
N ILE D 110 30.98 34.35 -2.45
CA ILE D 110 29.68 34.18 -1.83
C ILE D 110 29.21 32.74 -1.97
N ALA D 111 29.38 32.15 -3.15
CA ALA D 111 28.99 30.77 -3.40
C ALA D 111 29.75 29.78 -2.52
N CYS D 112 31.05 30.02 -2.34
CA CYS D 112 31.88 29.14 -1.49
C CYS D 112 31.56 29.29 0.00
N GLU D 113 31.12 30.47 0.40
CA GLU D 113 30.67 30.72 1.77
C GLU D 113 29.37 29.95 2.03
N ILE D 114 28.43 30.02 1.10
CA ILE D 114 27.12 29.40 1.23
C ILE D 114 27.13 27.88 1.02
N ARG D 115 28.04 27.39 0.18
CA ARG D 115 28.20 25.97 -0.08
C ARG D 115 26.91 25.29 -0.55
N PRO D 116 26.32 25.80 -1.65
CA PRO D 116 25.14 25.10 -2.17
C PRO D 116 25.56 23.72 -2.67
N HIS D 117 24.63 22.79 -2.75
CA HIS D 117 24.92 21.43 -3.22
C HIS D 117 25.43 21.50 -4.67
N ASP D 118 24.82 22.41 -5.44
CA ASP D 118 25.12 22.60 -6.84
C ASP D 118 25.32 24.09 -7.17
N ALA D 119 26.18 24.36 -8.15
CA ALA D 119 26.30 25.68 -8.72
C ALA D 119 26.32 25.58 -10.24
N CYS D 120 25.80 26.60 -10.92
CA CYS D 120 25.83 26.64 -12.38
C CYS D 120 26.44 27.97 -12.78
N LEU D 121 27.54 27.91 -13.51
CA LEU D 121 28.23 29.12 -13.93
C LEU D 121 27.55 29.63 -15.19
N VAL D 122 27.11 30.88 -15.14
CA VAL D 122 26.36 31.52 -16.19
C VAL D 122 27.03 32.84 -16.51
N PRO D 123 26.84 33.36 -17.73
CA PRO D 123 27.36 34.67 -18.08
C PRO D 123 26.40 35.81 -17.69
N GLU D 124 26.95 36.89 -17.13
CA GLU D 124 26.19 38.13 -16.88
C GLU D 124 26.68 39.33 -17.68
N LYS D 125 27.90 39.27 -18.21
CA LYS D 125 28.45 40.35 -19.06
C LYS D 125 28.55 39.86 -20.47
N ARG D 126 28.36 40.76 -21.43
CA ARG D 126 28.39 40.45 -22.85
C ARG D 126 29.71 39.81 -23.30
N SER D 127 30.79 40.19 -22.63
CA SER D 127 32.11 39.62 -22.87
C SER D 127 32.24 38.16 -22.40
N GLU D 128 31.27 37.69 -21.62
CA GLU D 128 31.26 36.31 -21.11
C GLU D 128 30.40 35.39 -21.95
N LEU D 129 29.58 35.93 -22.85
CA LEU D 129 28.65 35.07 -23.59
C LEU D 129 28.88 35.02 -25.11
N THR D 130 28.55 33.88 -25.69
CA THR D 130 28.54 33.71 -27.13
C THR D 130 27.32 34.45 -27.66
N THR D 131 27.19 34.52 -28.98
CA THR D 131 26.01 35.13 -29.59
C THR D 131 24.74 34.32 -29.31
N GLU D 132 24.86 32.99 -29.23
CA GLU D 132 23.73 32.13 -28.83
C GLU D 132 23.33 32.37 -27.37
N GLY D 133 24.30 32.74 -26.55
CA GLY D 133 24.05 33.26 -25.20
C GLY D 133 24.51 32.37 -24.09
N GLY D 134 25.12 31.23 -24.42
CA GLY D 134 25.73 30.36 -23.43
C GLY D 134 27.05 30.95 -22.96
N LEU D 135 27.61 30.36 -21.91
CA LEU D 135 28.90 30.78 -21.34
C LEU D 135 30.02 30.52 -22.35
N ASP D 136 30.87 31.51 -22.61
CA ASP D 136 31.99 31.33 -23.52
C ASP D 136 33.17 30.68 -22.81
N VAL D 137 33.08 29.37 -22.67
CA VAL D 137 34.08 28.60 -21.93
C VAL D 137 35.40 28.54 -22.71
N VAL D 138 35.33 28.60 -24.04
CA VAL D 138 36.53 28.56 -24.88
C VAL D 138 37.38 29.82 -24.69
N GLY D 139 36.71 30.98 -24.73
CA GLY D 139 37.36 32.27 -24.58
C GLY D 139 37.78 32.63 -23.17
N HIS D 140 37.24 31.94 -22.16
CA HIS D 140 37.55 32.23 -20.76
C HIS D 140 37.90 30.95 -20.03
N PHE D 141 38.63 30.05 -20.68
CA PHE D 141 38.88 28.71 -20.17
C PHE D 141 39.57 28.68 -18.80
N ASP D 142 40.63 29.46 -18.65
CA ASP D 142 41.39 29.46 -17.40
C ASP D 142 40.58 30.02 -16.23
N ALA D 143 39.92 31.16 -16.45
CA ALA D 143 39.05 31.75 -15.45
C ALA D 143 37.95 30.75 -15.03
N VAL D 144 37.33 30.09 -16.00
CA VAL D 144 36.29 29.10 -15.72
C VAL D 144 36.83 27.84 -15.05
N ARG D 145 37.95 27.31 -15.54
CA ARG D 145 38.56 26.13 -14.93
C ARG D 145 38.96 26.38 -13.47
N ALA D 146 39.41 27.60 -13.17
CA ALA D 146 39.82 27.99 -11.82
C ALA D 146 38.59 28.11 -10.89
N ALA D 147 37.53 28.75 -11.41
CA ALA D 147 36.23 28.75 -10.73
C ALA D 147 35.78 27.34 -10.40
N CYS D 148 35.92 26.42 -11.35
CA CYS D 148 35.51 25.03 -11.10
C CYS D 148 36.30 24.39 -9.96
N LYS D 149 37.60 24.68 -9.91
CA LYS D 149 38.44 24.16 -8.84
C LYS D 149 38.00 24.75 -7.49
N GLN D 150 37.84 26.07 -7.45
CA GLN D 150 37.48 26.78 -6.22
C GLN D 150 36.17 26.30 -5.60
N LEU D 151 35.18 25.97 -6.44
CA LEU D 151 33.91 25.48 -5.92
C LEU D 151 34.00 24.01 -5.53
N ALA D 152 34.65 23.18 -6.36
CA ALA D 152 34.87 21.78 -6.03
C ALA D 152 35.57 21.59 -4.66
N ASP D 153 36.47 22.51 -4.33
CA ASP D 153 37.14 22.54 -3.01
C ASP D 153 36.15 22.84 -1.87
N ALA D 154 35.15 23.68 -2.14
CA ALA D 154 34.08 23.94 -1.16
C ALA D 154 32.97 22.89 -1.23
N GLY D 155 33.26 21.72 -1.81
CA GLY D 155 32.31 20.62 -1.88
C GLY D 155 31.10 20.81 -2.80
N VAL D 156 31.22 21.71 -3.78
CA VAL D 156 30.10 22.06 -4.67
C VAL D 156 30.19 21.32 -6.00
N ARG D 157 29.07 20.74 -6.44
CA ARG D 157 28.98 20.11 -7.77
C ARG D 157 28.70 21.18 -8.83
N VAL D 158 29.63 21.36 -9.76
CA VAL D 158 29.58 22.50 -10.67
C VAL D 158 29.02 22.12 -12.03
N SER D 159 28.25 23.05 -12.60
CA SER D 159 27.70 22.93 -13.92
C SER D 159 28.03 24.19 -14.70
N LEU D 160 28.23 24.01 -16.00
CA LEU D 160 28.50 25.12 -16.90
C LEU D 160 27.32 25.27 -17.85
N PHE D 161 26.78 26.48 -17.92
CA PHE D 161 25.67 26.79 -18.82
C PHE D 161 26.19 27.13 -20.22
N ILE D 162 26.06 26.18 -21.14
CA ILE D 162 26.67 26.32 -22.45
C ILE D 162 25.73 25.98 -23.60
N ASP D 163 26.06 26.53 -24.77
CA ASP D 163 25.38 26.20 -26.01
C ASP D 163 25.64 24.76 -26.36
N PRO D 164 24.71 24.12 -27.09
CA PRO D 164 24.93 22.76 -27.55
C PRO D 164 25.88 22.84 -28.75
N ASP D 165 27.14 23.14 -28.44
CA ASP D 165 28.16 23.45 -29.42
C ASP D 165 29.36 22.57 -29.13
N GLU D 166 29.81 21.85 -30.15
CA GLU D 166 30.88 20.87 -29.96
C GLU D 166 32.09 21.46 -29.21
N ALA D 167 32.55 22.61 -29.66
CA ALA D 167 33.74 23.23 -29.10
C ALA D 167 33.54 23.57 -27.62
N GLN D 168 32.39 24.16 -27.31
CA GLN D 168 32.09 24.54 -25.92
C GLN D 168 31.91 23.31 -25.03
N ILE D 169 31.21 22.29 -25.51
CA ILE D 169 31.04 21.04 -24.76
C ILE D 169 32.40 20.41 -24.45
N ARG D 170 33.27 20.31 -25.46
CA ARG D 170 34.61 19.76 -25.27
C ARG D 170 35.41 20.56 -24.24
N ALA D 171 35.37 21.89 -24.35
CA ALA D 171 36.10 22.76 -23.43
C ALA D 171 35.60 22.58 -22.00
N ALA D 172 34.28 22.47 -21.85
CA ALA D 172 33.65 22.26 -20.55
C ALA D 172 34.20 21.01 -19.87
N HIS D 173 34.29 19.91 -20.61
CA HIS D 173 34.89 18.68 -20.11
C HIS D 173 36.30 18.91 -19.59
N GLU D 174 37.03 19.76 -20.31
CA GLU D 174 38.42 20.04 -19.99
C GLU D 174 38.59 20.90 -18.73
N THR D 175 37.54 21.62 -18.32
CA THR D 175 37.60 22.39 -17.07
C THR D 175 37.56 21.50 -15.82
N GLY D 176 37.09 20.27 -15.97
CA GLY D 176 36.93 19.38 -14.82
C GLY D 176 35.56 19.45 -14.17
N ALA D 177 34.71 20.38 -14.60
CA ALA D 177 33.32 20.43 -14.12
C ALA D 177 32.61 19.12 -14.48
N PRO D 178 31.87 18.51 -13.53
CA PRO D 178 31.19 17.24 -13.83
C PRO D 178 29.86 17.36 -14.55
N VAL D 179 29.34 18.58 -14.72
CA VAL D 179 28.00 18.76 -15.23
C VAL D 179 27.97 19.87 -16.26
N ILE D 180 27.20 19.71 -17.32
CA ILE D 180 26.85 20.81 -18.23
C ILE D 180 25.33 20.98 -18.33
N GLU D 181 24.86 22.21 -18.48
CA GLU D 181 23.47 22.45 -18.78
C GLU D 181 23.40 23.09 -20.16
N LEU D 182 22.66 22.45 -21.06
CA LEU D 182 22.56 22.93 -22.42
C LEU D 182 21.55 24.05 -22.51
N HIS D 183 21.87 25.05 -23.33
CA HIS D 183 21.02 26.21 -23.60
C HIS D 183 19.91 25.83 -24.60
N THR D 184 18.75 25.48 -24.07
CA THR D 184 17.63 25.03 -24.90
C THR D 184 16.79 26.22 -25.41
N GLY D 185 17.34 27.43 -25.32
CA GLY D 185 16.69 28.66 -25.79
C GLY D 185 16.28 28.69 -27.24
N ARG D 186 17.19 28.40 -28.16
CA ARG D 186 16.85 28.39 -29.59
C ARG D 186 15.80 27.35 -29.92
N TYR D 187 15.91 26.18 -29.32
CA TYR D 187 14.89 25.18 -29.46
C TYR D 187 13.57 25.76 -28.99
N ALA D 188 13.58 26.33 -27.79
CA ALA D 188 12.37 26.90 -27.17
C ALA D 188 11.81 28.06 -27.98
N ASP D 189 12.67 28.90 -28.52
CA ASP D 189 12.24 30.11 -29.22
C ASP D 189 11.92 29.86 -30.70
N ALA D 190 12.08 28.62 -31.15
CA ALA D 190 11.87 28.30 -32.55
C ALA D 190 10.44 28.61 -32.99
N HIS D 191 10.32 29.08 -34.23
CA HIS D 191 9.04 29.51 -34.78
C HIS D 191 8.29 28.34 -35.45
N ASP D 192 8.97 27.58 -36.32
CA ASP D 192 8.32 26.54 -37.13
C ASP D 192 8.64 25.14 -36.62
N ALA D 193 7.88 24.16 -37.11
CA ALA D 193 8.16 22.76 -36.87
C ALA D 193 9.56 22.36 -37.39
N ALA D 194 9.95 22.94 -38.52
CA ALA D 194 11.21 22.62 -39.17
C ALA D 194 12.42 23.17 -38.40
N GLU D 195 12.36 24.46 -38.07
CA GLU D 195 13.37 25.11 -37.25
C GLU D 195 13.50 24.45 -35.87
N GLN D 196 12.39 24.12 -35.25
CA GLN D 196 12.42 23.47 -33.94
C GLN D 196 12.99 22.05 -34.01
N GLN D 197 12.67 21.33 -35.09
CA GLN D 197 13.26 20.02 -35.35
C GLN D 197 14.79 20.11 -35.46
N ARG D 198 15.28 21.04 -36.28
CA ARG D 198 16.72 21.24 -36.46
C ARG D 198 17.42 21.58 -35.13
N GLU D 199 16.78 22.42 -34.31
CA GLU D 199 17.35 22.78 -33.01
C GLU D 199 17.27 21.64 -32.02
N PHE D 200 16.21 20.85 -32.09
CA PHE D 200 16.11 19.68 -31.24
C PHE D 200 17.29 18.75 -31.48
N GLU D 201 17.63 18.49 -32.73
CA GLU D 201 18.72 17.54 -32.99
C GLU D 201 20.09 18.04 -32.54
N ARG D 202 20.32 19.36 -32.52
CA ARG D 202 21.52 19.92 -31.87
C ARG D 202 21.61 19.56 -30.39
N ILE D 203 20.48 19.72 -29.69
CA ILE D 203 20.39 19.36 -28.27
CA ILE D 203 20.40 19.35 -28.28
C ILE D 203 20.62 17.86 -28.09
N ALA D 204 19.97 17.05 -28.91
CA ALA D 204 20.12 15.60 -28.83
C ALA D 204 21.58 15.21 -29.08
N THR D 205 22.17 15.83 -30.09
CA THR D 205 23.57 15.63 -30.41
C THR D 205 24.45 16.04 -29.24
N GLY D 206 24.12 17.18 -28.63
CA GLY D 206 24.91 17.72 -27.54
C GLY D 206 24.84 16.90 -26.27
N VAL D 207 23.70 16.25 -26.07
CA VAL D 207 23.54 15.29 -24.98
C VAL D 207 24.42 14.06 -25.20
N ASP D 208 24.37 13.49 -26.40
CA ASP D 208 25.22 12.35 -26.73
C ASP D 208 26.70 12.65 -26.54
N ALA D 209 27.12 13.84 -26.97
CA ALA D 209 28.53 14.23 -26.88
C ALA D 209 29.02 14.32 -25.42
N GLY D 210 28.20 14.94 -24.56
CA GLY D 210 28.58 15.16 -23.16
C GLY D 210 28.67 13.86 -22.41
N ILE D 211 27.68 13.01 -22.65
CA ILE D 211 27.64 11.66 -22.07
C ILE D 211 28.86 10.84 -22.52
N ALA D 212 29.27 10.98 -23.78
CA ALA D 212 30.45 10.27 -24.31
C ALA D 212 31.75 10.74 -23.65
N LEU D 213 31.78 11.98 -23.17
CA LEU D 213 32.92 12.50 -22.43
C LEU D 213 32.81 12.27 -20.91
N GLY D 214 31.73 11.66 -20.46
CA GLY D 214 31.53 11.36 -19.03
C GLY D 214 30.92 12.48 -18.18
N LEU D 215 30.28 13.45 -18.83
CA LEU D 215 29.56 14.52 -18.13
C LEU D 215 28.08 14.20 -17.91
N LYS D 216 27.52 14.71 -16.83
CA LYS D 216 26.06 14.72 -16.65
C LYS D 216 25.51 15.91 -17.43
N VAL D 217 24.41 15.72 -18.15
CA VAL D 217 23.85 16.84 -18.91
C VAL D 217 22.43 17.23 -18.49
N ASN D 218 22.28 18.53 -18.28
CA ASN D 218 21.04 19.17 -17.89
C ASN D 218 20.59 20.09 -19.02
N ALA D 219 19.42 20.71 -18.82
CA ALA D 219 18.79 21.60 -19.79
C ALA D 219 17.66 22.36 -19.08
N GLY D 220 16.96 23.25 -19.78
CA GLY D 220 15.78 23.90 -19.18
C GLY D 220 15.43 25.33 -19.55
N HIS D 221 16.37 26.09 -20.09
CA HIS D 221 16.11 27.48 -20.47
C HIS D 221 15.02 27.53 -21.53
N GLY D 222 13.99 28.35 -21.26
CA GLY D 222 12.87 28.55 -22.19
C GLY D 222 11.90 27.37 -22.32
N LEU D 223 12.09 26.31 -21.55
CA LEU D 223 11.22 25.13 -21.64
C LEU D 223 9.88 25.36 -20.96
N HIS D 224 8.81 24.89 -21.60
CA HIS D 224 7.48 25.11 -21.11
C HIS D 224 6.58 23.88 -21.34
N TYR D 225 5.26 24.06 -21.17
CA TYR D 225 4.37 22.91 -20.98
C TYR D 225 4.02 22.16 -22.27
N THR D 226 4.33 22.74 -23.43
CA THR D 226 4.18 22.03 -24.71
C THR D 226 5.49 21.74 -25.46
N ASN D 227 6.65 22.16 -24.96
CA ASN D 227 7.93 21.81 -25.60
C ASN D 227 8.89 21.01 -24.72
N VAL D 228 8.53 20.81 -23.45
CA VAL D 228 9.35 20.06 -22.52
C VAL D 228 9.36 18.56 -22.81
N GLN D 229 8.28 18.05 -23.40
CA GLN D 229 8.08 16.60 -23.57
C GLN D 229 9.16 15.92 -24.41
N ALA D 230 9.50 16.53 -25.54
CA ALA D 230 10.50 15.96 -26.43
C ALA D 230 11.90 15.95 -25.82
N ILE D 231 12.20 16.94 -24.98
CA ILE D 231 13.50 17.00 -24.29
C ILE D 231 13.54 16.00 -23.13
N ALA D 232 12.42 15.86 -22.40
CA ALA D 232 12.32 14.87 -21.31
C ALA D 232 12.39 13.43 -21.83
N ALA D 233 11.88 13.23 -23.04
CA ALA D 233 11.95 11.96 -23.76
C ALA D 233 13.40 11.50 -24.00
N LEU D 234 14.35 12.43 -24.10
CA LEU D 234 15.76 12.06 -24.24
C LEU D 234 16.31 11.48 -22.92
N PRO D 235 16.68 10.19 -22.93
CA PRO D 235 17.04 9.53 -21.67
C PRO D 235 18.37 9.99 -21.07
N GLY D 236 19.21 10.65 -21.88
CA GLY D 236 20.49 11.18 -21.39
C GLY D 236 20.43 12.42 -20.50
N ILE D 237 19.30 13.11 -20.51
CA ILE D 237 19.12 14.30 -19.67
C ILE D 237 18.83 13.94 -18.21
N ALA D 238 19.73 14.35 -17.31
CA ALA D 238 19.57 14.15 -15.88
C ALA D 238 18.44 15.00 -15.30
N GLU D 239 18.53 16.32 -15.52
CA GLU D 239 17.66 17.28 -14.87
C GLU D 239 17.30 18.42 -15.79
N LEU D 240 16.05 18.85 -15.74
CA LEU D 240 15.60 20.04 -16.42
C LEU D 240 15.39 21.12 -15.39
N ASN D 241 16.10 22.24 -15.52
CA ASN D 241 15.95 23.37 -14.60
C ASN D 241 15.06 24.40 -15.24
N ILE D 242 13.85 24.56 -14.69
CA ILE D 242 12.82 25.35 -15.35
C ILE D 242 12.32 26.45 -14.42
N GLY D 243 12.10 27.63 -14.97
CA GLY D 243 11.74 28.81 -14.21
C GLY D 243 10.49 29.52 -14.69
N HIS D 244 10.65 30.42 -15.63
CA HIS D 244 9.59 31.36 -16.00
C HIS D 244 8.27 30.70 -16.43
N ALA D 245 8.35 29.59 -17.16
CA ALA D 245 7.15 28.89 -17.61
C ALA D 245 6.28 28.46 -16.42
N ILE D 246 6.94 28.09 -15.33
CA ILE D 246 6.25 27.61 -14.12
C ILE D 246 5.60 28.77 -13.37
N VAL D 247 6.33 29.86 -13.19
CA VAL D 247 5.82 31.07 -12.55
C VAL D 247 4.69 31.67 -13.36
N ALA D 248 4.85 31.71 -14.69
CA ALA D 248 3.81 32.24 -15.57
C ALA D 248 2.50 31.44 -15.48
N HIS D 249 2.63 30.12 -15.53
CA HIS D 249 1.50 29.21 -15.41
C HIS D 249 0.93 29.32 -13.98
N ALA D 250 1.82 29.38 -12.99
CA ALA D 250 1.41 29.51 -11.57
C ALA D 250 0.47 30.69 -11.35
N VAL D 251 0.69 31.79 -12.06
CA VAL D 251 -0.16 32.95 -11.89
C VAL D 251 -1.62 32.53 -12.01
N PHE D 252 -1.94 31.76 -13.05
CA PHE D 252 -3.34 31.34 -13.31
C PHE D 252 -3.81 30.16 -12.48
N VAL D 253 -2.88 29.29 -12.13
CA VAL D 253 -3.22 27.93 -11.73
C VAL D 253 -2.77 27.59 -10.28
N GLY D 254 -1.99 28.49 -9.67
CA GLY D 254 -1.42 28.27 -8.35
C GLY D 254 -0.11 27.51 -8.45
N TRP D 255 0.83 27.89 -7.58
CA TRP D 255 2.21 27.42 -7.61
C TRP D 255 2.36 25.90 -7.37
N ASP D 256 1.65 25.35 -6.39
CA ASP D 256 1.71 23.91 -6.13
C ASP D 256 1.31 23.10 -7.35
N ASN D 257 0.28 23.57 -8.03
CA ASN D 257 -0.21 22.89 -9.20
C ASN D 257 0.73 22.98 -10.39
N ALA D 258 1.36 24.14 -10.56
CA ALA D 258 2.24 24.41 -11.71
C ALA D 258 3.45 23.51 -11.66
N VAL D 259 4.02 23.36 -10.46
CA VAL D 259 5.18 22.54 -10.24
C VAL D 259 4.79 21.08 -10.45
N ARG D 260 3.84 20.60 -9.66
CA ARG D 260 3.35 19.24 -9.74
C ARG D 260 3.07 18.81 -11.19
N GLU D 261 2.37 19.66 -11.92
CA GLU D 261 1.98 19.33 -13.29
C GLU D 261 3.20 19.18 -14.19
N MET D 262 4.14 20.10 -14.08
CA MET D 262 5.33 20.05 -14.91
C MET D 262 6.11 18.79 -14.60
N LYS D 263 6.25 18.48 -13.31
CA LYS D 263 6.89 17.22 -12.94
C LYS D 263 6.17 16.02 -13.54
N ALA D 264 4.84 16.03 -13.51
CA ALA D 264 4.05 14.89 -13.99
C ALA D 264 4.28 14.65 -15.48
N ILE D 265 4.24 15.73 -16.25
CA ILE D 265 4.43 15.72 -17.71
C ILE D 265 5.79 15.20 -18.14
N MET D 266 6.83 15.55 -17.38
CA MET D 266 8.22 15.17 -17.68
C MET D 266 8.44 13.71 -17.41
N VAL D 267 7.97 13.26 -16.24
CA VAL D 267 8.06 11.86 -15.88
C VAL D 267 7.29 10.99 -16.87
N ALA D 268 6.09 11.43 -17.24
CA ALA D 268 5.29 10.67 -18.21
C ALA D 268 6.02 10.57 -19.54
N ALA D 269 6.60 11.68 -19.99
CA ALA D 269 7.34 11.69 -21.24
C ALA D 269 8.56 10.77 -21.16
N ARG D 270 9.30 10.85 -20.05
CA ARG D 270 10.55 10.10 -19.89
C ARG D 270 10.32 8.60 -19.87
N VAL D 271 9.39 8.18 -19.02
CA VAL D 271 9.17 6.76 -18.80
C VAL D 271 8.50 6.11 -20.02
N ALA D 272 7.60 6.83 -20.67
CA ALA D 272 6.96 6.31 -21.87
C ALA D 272 7.99 6.10 -22.99
N ALA D 273 8.97 6.99 -23.07
CA ALA D 273 10.02 6.90 -24.08
C ALA D 273 11.04 5.79 -23.77
N LEU D 274 11.21 5.46 -22.48
CA LEU D 274 12.14 4.40 -22.09
C LEU D 274 11.59 3.00 -22.38
N HIS D 275 10.27 2.88 -22.55
CA HIS D 275 9.62 1.60 -22.72
C HIS D 275 8.77 1.58 -24.00
N ALA E 31 -14.84 -38.08 -4.13
CA ALA E 31 -15.64 -39.01 -3.29
C ALA E 31 -16.27 -38.25 -2.11
N ILE E 32 -15.43 -37.76 -1.19
CA ILE E 32 -15.88 -36.84 -0.15
C ILE E 32 -15.22 -35.50 -0.39
N ASP E 33 -15.96 -34.41 -0.17
CA ASP E 33 -15.48 -33.04 -0.36
C ASP E 33 -15.14 -32.33 0.95
N LEU E 34 -14.12 -31.47 0.91
CA LEU E 34 -13.78 -30.60 2.04
C LEU E 34 -14.06 -29.15 1.68
N GLY E 35 -14.98 -28.54 2.42
CA GLY E 35 -15.11 -27.08 2.42
C GLY E 35 -14.24 -26.56 3.54
N VAL E 36 -13.44 -25.53 3.26
CA VAL E 36 -12.57 -24.95 4.26
C VAL E 36 -13.12 -23.60 4.61
N ASN E 37 -13.44 -23.42 5.88
CA ASN E 37 -14.04 -22.19 6.35
C ASN E 37 -12.97 -21.26 6.89
N ILE E 38 -12.96 -20.00 6.41
CA ILE E 38 -11.87 -19.07 6.67
C ILE E 38 -12.24 -17.94 7.64
N ASP E 39 -13.36 -18.05 8.33
CA ASP E 39 -13.81 -17.00 9.24
C ASP E 39 -12.73 -16.60 10.26
N HIS E 40 -12.11 -17.60 10.86
CA HIS E 40 -11.23 -17.35 11.98
C HIS E 40 -9.83 -16.86 11.57
N VAL E 41 -9.54 -16.88 10.28
CA VAL E 41 -8.38 -16.18 9.75
C VAL E 41 -8.67 -14.66 9.85
N ALA E 42 -9.86 -14.25 9.45
CA ALA E 42 -10.33 -12.87 9.64
C ALA E 42 -10.34 -12.47 11.11
N THR E 43 -10.80 -13.37 11.97
CA THR E 43 -10.83 -13.14 13.43
C THR E 43 -9.47 -12.67 13.93
N LEU E 44 -8.45 -13.42 13.55
CA LEU E 44 -7.07 -13.12 13.90
C LEU E 44 -6.59 -11.79 13.31
N ARG E 45 -7.05 -11.46 12.11
CA ARG E 45 -6.71 -10.21 11.44
C ARG E 45 -7.36 -8.96 12.04
N ASN E 46 -8.64 -9.05 12.37
CA ASN E 46 -9.38 -7.92 12.94
C ASN E 46 -8.88 -7.56 14.34
N ALA E 47 -8.24 -8.52 15.01
CA ALA E 47 -7.64 -8.31 16.32
C ALA E 47 -6.53 -7.24 16.32
N ARG E 48 -5.83 -7.10 15.19
CA ARG E 48 -4.70 -6.18 15.06
C ARG E 48 -5.08 -4.96 14.24
N GLY E 49 -5.82 -5.18 13.16
CA GLY E 49 -6.31 -4.09 12.34
C GLY E 49 -5.50 -3.86 11.07
N THR E 50 -4.58 -4.77 10.76
CA THR E 50 -3.83 -4.69 9.50
C THR E 50 -4.53 -5.58 8.48
N ALA E 51 -3.92 -5.78 7.32
CA ALA E 51 -4.48 -6.67 6.30
C ALA E 51 -4.24 -8.16 6.62
N TYR E 52 -3.38 -8.43 7.58
CA TYR E 52 -2.82 -9.77 7.78
C TYR E 52 -3.23 -10.39 9.10
N PRO E 53 -3.36 -11.72 9.15
CA PRO E 53 -3.23 -12.62 8.00
C PRO E 53 -4.42 -12.45 7.08
N ASP E 54 -4.18 -12.62 5.79
CA ASP E 54 -5.16 -12.27 4.77
C ASP E 54 -6.10 -13.45 4.48
N PRO E 55 -7.41 -13.27 4.72
CA PRO E 55 -8.37 -14.34 4.47
C PRO E 55 -8.44 -14.76 3.00
N VAL E 56 -8.37 -13.79 2.10
CA VAL E 56 -8.37 -14.07 0.66
C VAL E 56 -7.21 -14.99 0.26
N ARG E 57 -6.02 -14.73 0.78
CA ARG E 57 -4.87 -15.59 0.52
C ARG E 57 -5.12 -16.98 1.09
N ALA E 58 -5.68 -17.05 2.29
CA ALA E 58 -5.97 -18.34 2.95
C ALA E 58 -6.92 -19.16 2.07
N ALA E 59 -7.97 -18.53 1.57
CA ALA E 59 -8.95 -19.21 0.71
C ALA E 59 -8.27 -19.84 -0.50
N LEU E 60 -7.44 -19.02 -1.16
CA LEU E 60 -6.77 -19.42 -2.38
C LEU E 60 -5.75 -20.51 -2.13
N ALA E 61 -5.02 -20.42 -1.03
CA ALA E 61 -4.00 -21.40 -0.69
C ALA E 61 -4.65 -22.73 -0.28
N ALA E 62 -5.81 -22.64 0.36
CA ALA E 62 -6.61 -23.83 0.70
C ALA E 62 -6.98 -24.61 -0.55
N GLU E 63 -7.39 -23.89 -1.59
CA GLU E 63 -7.75 -24.53 -2.85
C GLU E 63 -6.56 -25.29 -3.47
N ASP E 64 -5.36 -24.73 -3.39
CA ASP E 64 -4.15 -25.37 -3.93
C ASP E 64 -3.72 -26.57 -3.11
N ALA E 65 -4.19 -26.60 -1.86
CA ALA E 65 -3.84 -27.65 -0.90
C ALA E 65 -4.85 -28.80 -0.95
N GLY E 66 -5.86 -28.70 -1.81
CA GLY E 66 -6.85 -29.76 -1.99
C GLY E 66 -8.26 -29.49 -1.49
N ALA E 67 -8.55 -28.26 -1.07
CA ALA E 67 -9.92 -27.90 -0.70
C ALA E 67 -10.79 -27.90 -1.95
N ASP E 68 -12.01 -28.40 -1.82
CA ASP E 68 -12.96 -28.43 -2.93
C ASP E 68 -13.88 -27.21 -2.89
N ALA E 69 -13.97 -26.59 -1.72
CA ALA E 69 -14.76 -25.38 -1.56
C ALA E 69 -14.18 -24.47 -0.50
N ILE E 70 -14.44 -23.18 -0.64
CA ILE E 70 -14.13 -22.18 0.36
C ILE E 70 -15.41 -21.69 0.97
N THR E 71 -15.47 -21.73 2.30
CA THR E 71 -16.66 -21.31 3.02
C THR E 71 -16.32 -20.07 3.82
N LEU E 72 -17.20 -19.08 3.76
CA LEU E 72 -17.06 -17.89 4.55
C LEU E 72 -18.43 -17.40 4.97
N HIS E 73 -18.52 -16.98 6.23
CA HIS E 73 -19.74 -16.43 6.81
C HIS E 73 -19.62 -14.90 6.90
N LEU E 74 -20.36 -14.22 6.02
CA LEU E 74 -20.51 -12.77 6.09
C LEU E 74 -21.66 -12.48 7.04
N ARG E 75 -21.34 -12.14 8.28
CA ARG E 75 -22.37 -11.86 9.29
C ARG E 75 -22.96 -10.45 9.12
N GLU E 76 -24.17 -10.24 9.62
CA GLU E 76 -24.81 -8.92 9.53
C GLU E 76 -24.05 -7.84 10.33
N ASP E 77 -23.43 -8.23 11.44
CA ASP E 77 -22.60 -7.32 12.23
C ASP E 77 -21.12 -7.24 11.76
N ARG E 78 -20.79 -7.98 10.71
CA ARG E 78 -19.43 -7.98 10.14
C ARG E 78 -18.36 -8.23 11.21
N ARG E 79 -18.58 -9.21 12.08
CA ARG E 79 -17.65 -9.45 13.18
C ARG E 79 -16.31 -10.02 12.75
N HIS E 80 -16.28 -10.91 11.74
CA HIS E 80 -14.99 -11.39 11.22
C HIS E 80 -14.80 -11.07 9.74
N ILE E 81 -15.42 -11.84 8.87
CA ILE E 81 -15.39 -11.54 7.44
C ILE E 81 -16.14 -10.23 7.21
N VAL E 82 -15.62 -9.41 6.30
CA VAL E 82 -16.27 -8.17 5.89
C VAL E 82 -16.55 -8.23 4.39
N ASP E 83 -17.27 -7.24 3.88
CA ASP E 83 -17.78 -7.29 2.49
C ASP E 83 -16.65 -7.33 1.47
N ALA E 84 -15.61 -6.54 1.70
CA ALA E 84 -14.46 -6.51 0.80
C ALA E 84 -13.83 -7.90 0.63
N ASP E 85 -13.75 -8.68 1.71
CA ASP E 85 -13.21 -10.03 1.64
C ASP E 85 -13.98 -10.88 0.65
N VAL E 86 -15.32 -10.80 0.73
CA VAL E 86 -16.18 -11.65 -0.06
C VAL E 86 -16.12 -11.21 -1.51
N ARG E 87 -16.14 -9.89 -1.75
CA ARG E 87 -16.10 -9.33 -3.11
C ARG E 87 -14.76 -9.54 -3.80
N THR E 88 -13.67 -9.35 -3.07
CA THR E 88 -12.36 -9.47 -3.68
C THR E 88 -12.03 -10.96 -3.92
N LEU E 89 -12.54 -11.84 -3.07
CA LEU E 89 -12.35 -13.29 -3.25
C LEU E 89 -13.17 -13.90 -4.41
N ARG E 90 -14.40 -13.41 -4.62
CA ARG E 90 -15.32 -14.08 -5.55
C ARG E 90 -14.81 -14.33 -6.98
N PRO E 91 -14.23 -13.30 -7.63
CA PRO E 91 -13.73 -13.54 -8.99
C PRO E 91 -12.47 -14.42 -9.06
N ARG E 92 -11.80 -14.61 -7.93
CA ARG E 92 -10.52 -15.31 -7.90
C ARG E 92 -10.64 -16.79 -7.50
N VAL E 93 -11.78 -17.14 -6.91
CA VAL E 93 -12.10 -18.51 -6.53
C VAL E 93 -11.95 -19.47 -7.71
N LYS E 94 -11.18 -20.54 -7.50
CA LYS E 94 -10.89 -21.53 -8.54
C LYS E 94 -11.77 -22.77 -8.44
N THR E 95 -12.39 -22.99 -7.28
CA THR E 95 -13.29 -24.11 -7.09
C THR E 95 -14.72 -23.58 -6.86
N ARG E 96 -15.18 -23.58 -5.61
CA ARG E 96 -16.53 -23.14 -5.27
C ARG E 96 -16.50 -22.25 -4.05
N MET E 97 -17.25 -21.15 -4.09
CA MET E 97 -17.50 -20.37 -2.91
C MET E 97 -18.81 -20.81 -2.28
N ASN E 98 -18.77 -21.03 -0.97
CA ASN E 98 -19.96 -21.32 -0.20
C ASN E 98 -20.17 -20.22 0.86
N LEU E 99 -21.12 -19.33 0.58
CA LEU E 99 -21.37 -18.15 1.39
C LEU E 99 -22.39 -18.51 2.47
N GLU E 100 -21.99 -18.41 3.74
CA GLU E 100 -22.92 -18.57 4.85
C GLU E 100 -23.54 -17.22 5.13
N CYS E 101 -24.86 -17.16 5.17
CA CYS E 101 -25.51 -15.88 5.47
C CYS E 101 -26.88 -16.07 6.11
N ALA E 102 -27.39 -14.98 6.70
CA ALA E 102 -28.65 -15.01 7.44
C ALA E 102 -29.86 -14.81 6.54
N VAL E 103 -31.02 -15.21 7.05
CA VAL E 103 -32.29 -15.05 6.35
C VAL E 103 -32.86 -13.68 6.69
N THR E 104 -32.28 -12.64 6.11
CA THR E 104 -32.82 -11.29 6.13
C THR E 104 -32.52 -10.67 4.78
N PRO E 105 -33.33 -9.69 4.36
CA PRO E 105 -33.17 -9.12 3.03
C PRO E 105 -31.77 -8.61 2.70
N GLU E 106 -31.12 -7.91 3.62
CA GLU E 106 -29.83 -7.27 3.32
C GLU E 106 -28.82 -8.30 2.81
N MET E 107 -28.68 -9.39 3.54
CA MET E 107 -27.65 -10.37 3.24
C MET E 107 -28.06 -11.23 2.05
N LEU E 108 -29.35 -11.55 1.95
CA LEU E 108 -29.86 -12.30 0.80
C LEU E 108 -29.61 -11.52 -0.50
N ASP E 109 -29.89 -10.21 -0.48
CA ASP E 109 -29.59 -9.35 -1.62
C ASP E 109 -28.10 -9.35 -1.94
N ILE E 110 -27.27 -9.27 -0.90
CA ILE E 110 -25.83 -9.32 -1.11
C ILE E 110 -25.44 -10.66 -1.76
N ALA E 111 -25.86 -11.77 -1.19
CA ALA E 111 -25.50 -13.08 -1.74
C ALA E 111 -25.94 -13.24 -3.20
N CYS E 112 -27.06 -12.62 -3.55
CA CYS E 112 -27.58 -12.63 -4.93
C CYS E 112 -26.69 -11.87 -5.93
N GLU E 113 -26.02 -10.82 -5.47
CA GLU E 113 -25.18 -10.06 -6.38
C GLU E 113 -23.75 -10.57 -6.37
N ILE E 114 -23.32 -11.24 -5.32
CA ILE E 114 -22.01 -11.87 -5.39
C ILE E 114 -22.12 -13.24 -6.10
N ARG E 115 -23.31 -13.85 -6.09
CA ARG E 115 -23.57 -15.08 -6.85
C ARG E 115 -22.61 -16.22 -6.53
N PRO E 116 -22.48 -16.57 -5.25
CA PRO E 116 -21.60 -17.69 -4.98
C PRO E 116 -22.17 -18.95 -5.62
N HIS E 117 -21.32 -19.94 -5.85
CA HIS E 117 -21.78 -21.24 -6.32
C HIS E 117 -22.76 -21.83 -5.28
N ASP E 118 -22.37 -21.78 -4.01
CA ASP E 118 -23.15 -22.31 -2.89
C ASP E 118 -23.49 -21.24 -1.85
N ALA E 119 -24.63 -21.40 -1.19
CA ALA E 119 -24.98 -20.60 -0.02
C ALA E 119 -25.50 -21.54 1.07
N CYS E 120 -25.17 -21.24 2.33
CA CYS E 120 -25.73 -21.97 3.47
C CYS E 120 -26.43 -21.00 4.40
N LEU E 121 -27.74 -21.13 4.50
CA LEU E 121 -28.53 -20.25 5.34
C LEU E 121 -28.37 -20.68 6.80
N VAL E 122 -27.95 -19.75 7.64
CA VAL E 122 -27.59 -20.03 9.03
C VAL E 122 -28.30 -19.07 9.97
N PRO E 123 -28.59 -19.51 11.20
CA PRO E 123 -29.18 -18.60 12.17
C PRO E 123 -28.15 -17.63 12.77
N GLU E 124 -28.56 -16.38 12.92
CA GLU E 124 -27.73 -15.35 13.58
C GLU E 124 -28.39 -14.74 14.83
N LYS E 125 -29.72 -14.72 14.86
CA LYS E 125 -30.46 -14.10 15.96
C LYS E 125 -31.09 -15.15 16.86
N ARG E 126 -31.30 -14.78 18.12
CA ARG E 126 -31.96 -15.67 19.09
C ARG E 126 -33.27 -16.23 18.55
N SER E 127 -34.03 -15.38 17.85
CA SER E 127 -35.35 -15.74 17.32
C SER E 127 -35.34 -16.66 16.09
N GLU E 128 -34.15 -16.97 15.56
CA GLU E 128 -34.01 -17.74 14.32
C GLU E 128 -33.46 -19.15 14.53
N LEU E 129 -33.07 -19.45 15.77
CA LEU E 129 -32.39 -20.70 16.06
C LEU E 129 -33.09 -21.54 17.13
N THR E 130 -32.85 -22.85 17.05
CA THR E 130 -33.33 -23.80 18.03
C THR E 130 -32.41 -23.76 19.26
N THR E 131 -32.79 -24.45 20.32
CA THR E 131 -31.93 -24.55 21.50
C THR E 131 -30.68 -25.37 21.18
N GLU E 132 -30.79 -26.32 20.25
CA GLU E 132 -29.60 -27.03 19.78
C GLU E 132 -28.69 -26.12 18.91
N GLY E 133 -29.26 -25.14 18.23
CA GLY E 133 -28.47 -24.11 17.53
C GLY E 133 -28.62 -24.08 16.01
N GLY E 134 -29.35 -25.06 15.46
CA GLY E 134 -29.68 -25.05 14.05
C GLY E 134 -30.69 -23.97 13.72
N LEU E 135 -30.88 -23.70 12.44
CA LEU E 135 -31.93 -22.79 11.98
C LEU E 135 -33.29 -23.46 12.21
N ASP E 136 -34.22 -22.72 12.81
CA ASP E 136 -35.56 -23.25 13.06
C ASP E 136 -36.39 -23.12 11.78
N VAL E 137 -36.21 -24.08 10.87
CA VAL E 137 -36.84 -24.03 9.54
C VAL E 137 -38.34 -24.13 9.68
N VAL E 138 -38.78 -25.12 10.46
CA VAL E 138 -40.20 -25.30 10.77
C VAL E 138 -40.82 -23.98 11.23
N GLY E 139 -40.08 -23.25 12.06
CA GLY E 139 -40.60 -22.02 12.67
C GLY E 139 -40.59 -20.79 11.79
N HIS E 140 -39.73 -20.80 10.78
CA HIS E 140 -39.61 -19.68 9.86
C HIS E 140 -39.82 -20.20 8.44
N PHE E 141 -40.64 -21.22 8.29
CA PHE E 141 -40.79 -21.90 7.01
C PHE E 141 -40.93 -20.98 5.81
N ASP E 142 -41.91 -20.07 5.88
CA ASP E 142 -42.24 -19.24 4.72
C ASP E 142 -41.11 -18.28 4.35
N ALA E 143 -40.49 -17.64 5.34
CA ALA E 143 -39.31 -16.81 5.10
C ALA E 143 -38.17 -17.61 4.46
N VAL E 144 -37.91 -18.81 4.98
CA VAL E 144 -36.83 -19.67 4.45
C VAL E 144 -37.15 -20.20 3.05
N ARG E 145 -38.43 -20.53 2.79
CA ARG E 145 -38.86 -20.94 1.45
C ARG E 145 -38.66 -19.82 0.42
N ALA E 146 -39.06 -18.60 0.78
CA ALA E 146 -38.82 -17.42 -0.06
C ALA E 146 -37.32 -17.23 -0.33
N ALA E 147 -36.49 -17.37 0.71
CA ALA E 147 -35.04 -17.19 0.56
C ALA E 147 -34.41 -18.26 -0.35
N CYS E 148 -34.97 -19.47 -0.34
CA CYS E 148 -34.51 -20.53 -1.23
C CYS E 148 -34.86 -20.27 -2.70
N LYS E 149 -36.05 -19.72 -2.95
CA LYS E 149 -36.45 -19.37 -4.31
C LYS E 149 -35.65 -18.15 -4.81
N GLN E 150 -35.47 -17.16 -3.95
CA GLN E 150 -34.67 -15.98 -4.32
C GLN E 150 -33.27 -16.39 -4.74
N LEU E 151 -32.63 -17.21 -3.91
CA LEU E 151 -31.26 -17.64 -4.20
C LEU E 151 -31.17 -18.56 -5.43
N ALA E 152 -32.16 -19.45 -5.61
CA ALA E 152 -32.18 -20.37 -6.75
C ALA E 152 -32.41 -19.62 -8.06
N ASP E 153 -33.23 -18.58 -8.00
CA ASP E 153 -33.44 -17.66 -9.12
C ASP E 153 -32.17 -16.89 -9.47
N ALA E 154 -31.29 -16.70 -8.50
CA ALA E 154 -29.98 -16.11 -8.75
C ALA E 154 -28.95 -17.18 -9.13
N GLY E 155 -29.38 -18.41 -9.35
CA GLY E 155 -28.49 -19.49 -9.76
C GLY E 155 -27.61 -20.05 -8.66
N VAL E 156 -27.94 -19.74 -7.39
CA VAL E 156 -27.18 -20.23 -6.23
C VAL E 156 -27.78 -21.51 -5.64
N ARG E 157 -26.91 -22.48 -5.32
CA ARG E 157 -27.31 -23.78 -4.77
C ARG E 157 -27.39 -23.72 -3.24
N VAL E 158 -28.58 -23.93 -2.70
CA VAL E 158 -28.83 -23.58 -1.30
C VAL E 158 -28.78 -24.75 -0.32
N SER E 159 -28.03 -24.54 0.76
CA SER E 159 -28.02 -25.41 1.92
C SER E 159 -28.72 -24.75 3.10
N LEU E 160 -29.32 -25.58 3.96
CA LEU E 160 -29.92 -25.12 5.20
C LEU E 160 -29.19 -25.79 6.36
N PHE E 161 -28.60 -24.97 7.22
CA PHE E 161 -27.91 -25.44 8.41
C PHE E 161 -28.93 -25.76 9.48
N ILE E 162 -29.01 -27.04 9.87
CA ILE E 162 -30.07 -27.51 10.74
C ILE E 162 -29.64 -28.62 11.69
N ASP E 163 -30.47 -28.82 12.71
CA ASP E 163 -30.27 -29.87 13.69
C ASP E 163 -30.57 -31.22 13.05
N PRO E 164 -29.98 -32.30 13.57
CA PRO E 164 -30.33 -33.63 13.05
C PRO E 164 -31.70 -34.13 13.55
N ASP E 165 -32.72 -33.28 13.42
CA ASP E 165 -34.06 -33.61 13.90
C ASP E 165 -34.98 -33.76 12.70
N GLU E 166 -35.74 -34.85 12.72
CA GLU E 166 -36.60 -35.25 11.61
C GLU E 166 -37.57 -34.17 11.18
N ALA E 167 -38.16 -33.46 12.12
CA ALA E 167 -39.09 -32.38 11.78
C ALA E 167 -38.39 -31.30 10.93
N GLN E 168 -37.17 -30.93 11.32
CA GLN E 168 -36.42 -29.91 10.59
C GLN E 168 -35.90 -30.40 9.22
N ILE E 169 -35.54 -31.68 9.12
CA ILE E 169 -35.06 -32.26 7.85
C ILE E 169 -36.20 -32.34 6.81
N ARG E 170 -37.39 -32.71 7.28
CA ARG E 170 -38.60 -32.74 6.45
C ARG E 170 -39.01 -31.34 6.00
N ALA E 171 -38.91 -30.39 6.91
CA ALA E 171 -39.23 -29.02 6.57
C ALA E 171 -38.23 -28.48 5.55
N ALA E 172 -36.97 -28.86 5.70
CA ALA E 172 -35.91 -28.44 4.79
C ALA E 172 -36.26 -28.86 3.37
N HIS E 173 -36.58 -30.14 3.22
CA HIS E 173 -37.05 -30.68 1.95
C HIS E 173 -38.20 -29.86 1.36
N GLU E 174 -39.14 -29.49 2.20
CA GLU E 174 -40.33 -28.77 1.76
C GLU E 174 -40.07 -27.32 1.34
N THR E 175 -38.99 -26.73 1.82
CA THR E 175 -38.59 -25.39 1.37
C THR E 175 -38.16 -25.38 -0.11
N GLY E 176 -37.72 -26.54 -0.61
CA GLY E 176 -37.29 -26.67 -1.99
C GLY E 176 -35.78 -26.57 -2.11
N ALA E 177 -35.10 -26.43 -0.97
CA ALA E 177 -33.65 -26.37 -0.94
C ALA E 177 -33.07 -27.76 -1.23
N PRO E 178 -32.06 -27.86 -2.13
CA PRO E 178 -31.47 -29.14 -2.48
C PRO E 178 -30.51 -29.74 -1.45
N VAL E 179 -30.02 -28.93 -0.52
CA VAL E 179 -28.99 -29.38 0.43
C VAL E 179 -29.33 -29.08 1.89
N ILE E 180 -28.86 -29.93 2.79
CA ILE E 180 -28.87 -29.64 4.21
C ILE E 180 -27.50 -29.86 4.80
N GLU E 181 -27.16 -29.07 5.82
CA GLU E 181 -25.94 -29.30 6.59
C GLU E 181 -26.32 -29.55 8.04
N LEU E 182 -25.91 -30.71 8.55
CA LEU E 182 -26.29 -31.14 9.87
C LEU E 182 -25.35 -30.55 10.92
N HIS E 183 -25.93 -30.12 12.03
CA HIS E 183 -25.21 -29.52 13.14
C HIS E 183 -24.50 -30.61 13.91
N THR E 184 -23.20 -30.76 13.67
CA THR E 184 -22.40 -31.80 14.27
C THR E 184 -21.83 -31.36 15.61
N GLY E 185 -22.31 -30.23 16.13
CA GLY E 185 -21.73 -29.62 17.33
C GLY E 185 -21.88 -30.41 18.61
N ARG E 186 -23.01 -31.10 18.78
CA ARG E 186 -23.23 -31.94 19.96
C ARG E 186 -22.40 -33.21 19.88
N TYR E 187 -22.24 -33.76 18.68
CA TYR E 187 -21.30 -34.86 18.48
C TYR E 187 -19.91 -34.41 18.92
N ALA E 188 -19.48 -33.26 18.39
CA ALA E 188 -18.16 -32.71 18.67
C ALA E 188 -17.91 -32.42 20.15
N ASP E 189 -18.93 -31.88 20.82
CA ASP E 189 -18.79 -31.42 22.23
C ASP E 189 -19.06 -32.54 23.25
N ALA E 190 -19.42 -33.74 22.79
CA ALA E 190 -19.73 -34.85 23.70
C ALA E 190 -18.64 -35.08 24.76
N HIS E 191 -19.07 -35.34 26.00
CA HIS E 191 -18.18 -35.44 27.16
C HIS E 191 -17.67 -36.86 27.44
N ASP E 192 -18.33 -37.89 26.88
CA ASP E 192 -17.87 -39.29 27.03
C ASP E 192 -18.18 -40.14 25.80
N ALA E 193 -17.60 -41.33 25.75
CA ALA E 193 -17.81 -42.27 24.65
C ALA E 193 -19.29 -42.61 24.46
N ALA E 194 -20.01 -42.72 25.58
CA ALA E 194 -21.42 -43.06 25.55
C ALA E 194 -22.23 -41.97 24.88
N GLU E 195 -22.01 -40.72 25.27
CA GLU E 195 -22.72 -39.59 24.66
C GLU E 195 -22.32 -39.39 23.20
N GLN E 196 -21.05 -39.61 22.87
CA GLN E 196 -20.59 -39.38 21.51
C GLN E 196 -21.26 -40.36 20.57
N GLN E 197 -21.37 -41.62 20.99
CA GLN E 197 -22.02 -42.64 20.17
C GLN E 197 -23.51 -42.33 19.99
N ARG E 198 -24.16 -41.88 21.06
CA ARG E 198 -25.56 -41.47 21.00
C ARG E 198 -25.78 -40.37 19.94
N GLU E 199 -24.96 -39.32 20.04
CA GLU E 199 -25.06 -38.19 19.13
C GLU E 199 -24.67 -38.57 17.71
N PHE E 200 -23.66 -39.44 17.57
CA PHE E 200 -23.25 -39.95 16.28
C PHE E 200 -24.41 -40.63 15.58
N GLU E 201 -25.22 -41.33 16.37
CA GLU E 201 -26.35 -42.05 15.84
C GLU E 201 -27.38 -41.08 15.27
N ARG E 202 -27.57 -39.96 15.95
CA ARG E 202 -28.45 -38.91 15.47
C ARG E 202 -28.02 -38.39 14.10
N ILE E 203 -26.72 -38.17 13.92
CA ILE E 203 -26.22 -37.69 12.63
C ILE E 203 -26.44 -38.75 11.57
N ALA E 204 -26.05 -40.00 11.87
CA ALA E 204 -26.19 -41.12 10.93
C ALA E 204 -27.64 -41.32 10.47
N THR E 205 -28.59 -41.16 11.38
CA THR E 205 -30.01 -41.32 11.01
C THR E 205 -30.55 -40.05 10.32
N GLY E 206 -29.97 -38.90 10.65
CA GLY E 206 -30.21 -37.66 9.91
C GLY E 206 -29.82 -37.74 8.44
N VAL E 207 -28.63 -38.29 8.19
CA VAL E 207 -28.13 -38.50 6.83
C VAL E 207 -29.09 -39.39 6.04
N ASP E 208 -29.39 -40.57 6.58
CA ASP E 208 -30.32 -41.52 5.93
C ASP E 208 -31.65 -40.83 5.63
N ALA E 209 -32.21 -40.18 6.65
CA ALA E 209 -33.48 -39.43 6.50
C ALA E 209 -33.41 -38.41 5.35
N GLY E 210 -32.29 -37.70 5.26
CA GLY E 210 -32.11 -36.65 4.25
C GLY E 210 -31.91 -37.22 2.86
N ILE E 211 -31.10 -38.26 2.76
CA ILE E 211 -30.89 -38.95 1.49
C ILE E 211 -32.21 -39.61 1.04
N ALA E 212 -32.98 -40.08 2.02
CA ALA E 212 -34.31 -40.64 1.74
C ALA E 212 -35.24 -39.65 1.03
N LEU E 213 -35.08 -38.35 1.28
CA LEU E 213 -35.92 -37.34 0.62
C LEU E 213 -35.29 -36.72 -0.64
N GLY E 214 -34.12 -37.22 -1.04
CA GLY E 214 -33.42 -36.70 -2.23
C GLY E 214 -32.51 -35.50 -1.96
N LEU E 215 -32.30 -35.18 -0.69
CA LEU E 215 -31.42 -34.08 -0.31
C LEU E 215 -29.97 -34.54 -0.30
N LYS E 216 -29.10 -33.65 -0.74
CA LYS E 216 -27.66 -33.83 -0.50
C LYS E 216 -27.41 -33.43 0.97
N VAL E 217 -26.53 -34.14 1.65
CA VAL E 217 -26.32 -33.86 3.07
C VAL E 217 -24.86 -33.59 3.43
N ASN E 218 -24.66 -32.51 4.17
CA ASN E 218 -23.35 -32.07 4.65
C ASN E 218 -23.26 -32.06 6.17
N ALA E 219 -22.09 -31.70 6.68
CA ALA E 219 -21.84 -31.55 8.11
C ALA E 219 -20.56 -30.71 8.28
N GLY E 220 -20.13 -30.49 9.52
CA GLY E 220 -18.79 -29.93 9.74
C GLY E 220 -18.50 -29.11 10.99
N HIS E 221 -19.55 -28.63 11.65
CA HIS E 221 -19.42 -27.79 12.84
C HIS E 221 -18.77 -28.58 13.98
N GLY E 222 -17.68 -28.03 14.52
CA GLY E 222 -16.92 -28.65 15.60
C GLY E 222 -16.12 -29.91 15.25
N LEU E 223 -16.03 -30.25 13.97
CA LEU E 223 -15.25 -31.42 13.59
C LEU E 223 -13.76 -31.07 13.58
N HIS E 224 -12.94 -32.03 14.01
CA HIS E 224 -11.50 -31.82 14.13
C HIS E 224 -10.72 -33.12 13.84
N TYR E 225 -9.43 -33.14 14.12
CA TYR E 225 -8.55 -34.18 13.56
C TYR E 225 -8.70 -35.54 14.22
N THR E 226 -9.45 -35.65 15.33
CA THR E 226 -9.73 -36.95 15.93
C THR E 226 -11.21 -37.37 15.99
N ASN E 227 -12.15 -36.50 15.59
CA ASN E 227 -13.55 -36.91 15.51
C ASN E 227 -14.13 -36.89 14.10
N VAL E 228 -13.33 -36.52 13.12
CA VAL E 228 -13.83 -36.36 11.75
C VAL E 228 -14.00 -37.71 11.05
N GLN E 229 -13.20 -38.71 11.45
CA GLN E 229 -13.14 -40.00 10.75
C GLN E 229 -14.49 -40.73 10.76
N ALA E 230 -15.10 -40.82 11.94
CA ALA E 230 -16.40 -41.50 12.08
C ALA E 230 -17.47 -40.87 11.20
N ILE E 231 -17.42 -39.55 11.06
CA ILE E 231 -18.37 -38.80 10.23
C ILE E 231 -18.05 -38.95 8.75
N ALA E 232 -16.77 -38.89 8.40
CA ALA E 232 -16.32 -39.10 7.04
C ALA E 232 -16.60 -40.52 6.55
N ALA E 233 -16.64 -41.48 7.45
CA ALA E 233 -16.90 -42.88 7.10
C ALA E 233 -18.36 -43.14 6.71
N LEU E 234 -19.25 -42.18 6.92
CA LEU E 234 -20.66 -42.30 6.51
C LEU E 234 -20.81 -42.03 5.01
N PRO E 235 -21.19 -43.06 4.23
CA PRO E 235 -21.20 -42.88 2.76
C PRO E 235 -22.14 -41.78 2.25
N GLY E 236 -23.19 -41.49 3.00
CA GLY E 236 -24.17 -40.48 2.59
C GLY E 236 -23.77 -39.01 2.76
N ILE E 237 -22.62 -38.75 3.38
CA ILE E 237 -22.18 -37.36 3.55
C ILE E 237 -21.44 -36.88 2.29
N ALA E 238 -21.93 -35.81 1.69
CA ALA E 238 -21.33 -35.26 0.47
C ALA E 238 -20.12 -34.37 0.77
N GLU E 239 -20.25 -33.47 1.73
CA GLU E 239 -19.19 -32.49 2.00
C GLU E 239 -19.09 -32.19 3.49
N LEU E 240 -17.87 -32.04 3.99
CA LEU E 240 -17.64 -31.56 5.33
C LEU E 240 -17.05 -30.17 5.29
N ASN E 241 -17.81 -29.20 5.79
CA ASN E 241 -17.37 -27.81 5.89
C ASN E 241 -16.76 -27.57 7.27
N ILE E 242 -15.45 -27.45 7.31
CA ILE E 242 -14.72 -27.37 8.58
C ILE E 242 -13.92 -26.06 8.65
N GLY E 243 -13.87 -25.47 9.85
CA GLY E 243 -13.28 -24.15 10.02
C GLY E 243 -12.21 -24.07 11.09
N HIS E 244 -12.64 -23.96 12.33
CA HIS E 244 -11.73 -23.61 13.42
C HIS E 244 -10.60 -24.62 13.69
N ALA E 245 -10.89 -25.91 13.59
CA ALA E 245 -9.85 -26.91 13.87
C ALA E 245 -8.67 -26.77 12.90
N ILE E 246 -8.97 -26.38 11.67
CA ILE E 246 -7.96 -26.23 10.62
C ILE E 246 -7.10 -25.00 10.90
N VAL E 247 -7.75 -23.88 11.19
CA VAL E 247 -7.02 -22.66 11.53
C VAL E 247 -6.16 -22.88 12.77
N ALA E 248 -6.69 -23.62 13.75
CA ALA E 248 -6.00 -23.85 15.01
C ALA E 248 -4.82 -24.78 14.82
N HIS E 249 -4.98 -25.78 13.97
CA HIS E 249 -3.89 -26.70 13.68
C HIS E 249 -2.82 -25.93 12.89
N ALA E 250 -3.28 -25.07 11.97
CA ALA E 250 -2.41 -24.33 11.07
C ALA E 250 -1.37 -23.42 11.79
N VAL E 251 -1.75 -22.80 12.92
CA VAL E 251 -0.80 -21.94 13.63
C VAL E 251 0.46 -22.72 13.99
N PHE E 252 0.31 -24.02 14.28
CA PHE E 252 1.48 -24.86 14.60
C PHE E 252 2.18 -25.50 13.41
N VAL E 253 1.45 -25.85 12.34
CA VAL E 253 2.03 -26.67 11.27
C VAL E 253 1.99 -26.05 9.87
N GLY E 254 1.32 -24.89 9.76
CA GLY E 254 1.13 -24.23 8.48
C GLY E 254 -0.17 -24.60 7.78
N TRP E 255 -0.76 -23.60 7.14
CA TRP E 255 -2.08 -23.69 6.50
C TRP E 255 -2.21 -24.77 5.41
N ASP E 256 -1.22 -24.86 4.53
CA ASP E 256 -1.22 -25.85 3.44
C ASP E 256 -1.19 -27.25 4.04
N ASN E 257 -0.44 -27.42 5.10
CA ASN E 257 -0.33 -28.73 5.72
C ASN E 257 -1.60 -29.12 6.46
N ALA E 258 -2.25 -28.17 7.13
CA ALA E 258 -3.45 -28.46 7.92
C ALA E 258 -4.61 -28.85 7.02
N VAL E 259 -4.72 -28.18 5.88
CA VAL E 259 -5.77 -28.45 4.91
C VAL E 259 -5.56 -29.82 4.24
N ARG E 260 -4.39 -30.02 3.64
CA ARG E 260 -4.05 -31.26 2.93
C ARG E 260 -4.26 -32.49 3.84
N GLU E 261 -3.82 -32.34 5.08
CA GLU E 261 -3.90 -33.40 6.06
C GLU E 261 -5.34 -33.74 6.46
N MET E 262 -6.19 -32.74 6.60
CA MET E 262 -7.61 -32.96 6.94
C MET E 262 -8.29 -33.73 5.82
N LYS E 263 -8.05 -33.26 4.60
CA LYS E 263 -8.58 -33.90 3.40
C LYS E 263 -8.11 -35.36 3.29
N ALA E 264 -6.85 -35.62 3.63
CA ALA E 264 -6.31 -36.96 3.50
C ALA E 264 -6.91 -37.89 4.56
N ILE E 265 -7.11 -37.38 5.78
CA ILE E 265 -7.82 -38.14 6.81
C ILE E 265 -9.24 -38.49 6.34
N MET E 266 -9.91 -37.53 5.72
CA MET E 266 -11.29 -37.73 5.26
C MET E 266 -11.41 -38.74 4.13
N VAL E 267 -10.50 -38.65 3.16
CA VAL E 267 -10.49 -39.56 2.03
C VAL E 267 -10.14 -40.98 2.51
N ALA E 268 -9.22 -41.07 3.46
CA ALA E 268 -8.80 -42.36 3.99
C ALA E 268 -9.94 -43.06 4.72
N ALA E 269 -10.72 -42.29 5.49
CA ALA E 269 -11.81 -42.86 6.28
C ALA E 269 -12.93 -43.31 5.35
N ARG E 270 -13.23 -42.48 4.35
CA ARG E 270 -14.25 -42.75 3.35
C ARG E 270 -13.95 -44.01 2.53
N VAL E 271 -12.81 -44.02 1.82
CA VAL E 271 -12.49 -45.15 0.95
C VAL E 271 -12.40 -46.47 1.71
N ALA E 272 -11.81 -46.45 2.89
CA ALA E 272 -11.66 -47.66 3.70
C ALA E 272 -13.02 -48.17 4.21
N ALA E 273 -13.93 -47.25 4.50
CA ALA E 273 -15.29 -47.60 4.94
C ALA E 273 -16.14 -48.14 3.79
N LEU E 274 -15.80 -47.82 2.55
CA LEU E 274 -16.52 -48.34 1.39
C LEU E 274 -16.14 -49.78 1.01
N HIS E 275 -15.01 -50.27 1.52
CA HIS E 275 -14.54 -51.64 1.24
C HIS E 275 -14.16 -52.35 2.53
N ALA F 31 -23.45 48.70 -4.25
CA ALA F 31 -22.52 47.68 -3.68
C ALA F 31 -21.08 48.05 -4.05
N ILE F 32 -20.11 47.56 -3.29
CA ILE F 32 -18.71 47.91 -3.53
C ILE F 32 -18.18 47.20 -4.78
N ASP F 33 -17.41 47.91 -5.59
CA ASP F 33 -16.82 47.34 -6.81
C ASP F 33 -15.33 47.08 -6.65
N LEU F 34 -14.87 45.99 -7.25
CA LEU F 34 -13.46 45.69 -7.33
C LEU F 34 -13.00 45.92 -8.75
N GLY F 35 -12.00 46.79 -8.92
CA GLY F 35 -11.26 46.93 -10.16
C GLY F 35 -9.94 46.21 -10.01
N VAL F 36 -9.66 45.29 -10.93
CA VAL F 36 -8.43 44.48 -10.88
C VAL F 36 -7.41 45.08 -11.84
N ASN F 37 -6.25 45.46 -11.29
CA ASN F 37 -5.18 46.00 -12.09
C ASN F 37 -4.22 44.89 -12.51
N ILE F 38 -4.01 44.77 -13.82
CA ILE F 38 -3.26 43.67 -14.43
C ILE F 38 -1.79 43.99 -14.79
N ASP F 39 -1.39 45.26 -14.62
CA ASP F 39 0.01 45.72 -14.82
C ASP F 39 1.12 44.74 -14.49
N HIS F 40 1.07 44.12 -13.32
CA HIS F 40 2.18 43.24 -12.91
C HIS F 40 2.14 41.80 -13.46
N VAL F 41 1.04 41.43 -14.15
CA VAL F 41 1.05 40.28 -15.03
C VAL F 41 1.97 40.63 -16.23
N ALA F 42 1.79 41.83 -16.77
CA ALA F 42 2.64 42.33 -17.84
C ALA F 42 4.11 42.40 -17.41
N THR F 43 4.34 42.70 -16.13
CA THR F 43 5.69 42.78 -15.60
C THR F 43 6.36 41.42 -15.68
N LEU F 44 5.62 40.38 -15.34
CA LEU F 44 6.16 39.03 -15.38
C LEU F 44 6.45 38.61 -16.82
N ARG F 45 5.59 39.00 -17.74
CA ARG F 45 5.78 38.71 -19.16
C ARG F 45 6.99 39.42 -19.77
N ASN F 46 7.12 40.73 -19.56
CA ASN F 46 8.25 41.50 -20.11
C ASN F 46 9.62 41.04 -19.59
N ALA F 47 9.66 40.36 -18.45
CA ALA F 47 10.93 39.84 -17.91
C ALA F 47 11.51 38.66 -18.71
N ARG F 48 10.70 38.02 -19.56
CA ARG F 48 11.17 36.90 -20.40
C ARG F 48 10.98 37.16 -21.91
N GLY F 49 10.07 38.05 -22.31
CA GLY F 49 9.89 38.40 -23.72
C GLY F 49 8.98 37.49 -24.55
N THR F 50 8.26 36.57 -23.90
CA THR F 50 7.25 35.78 -24.59
C THR F 50 5.90 36.50 -24.49
N ALA F 51 4.82 35.85 -24.90
CA ALA F 51 3.49 36.43 -24.77
C ALA F 51 2.83 36.10 -23.41
N TYR F 52 3.55 35.38 -22.55
CA TYR F 52 2.98 34.77 -21.36
C TYR F 52 3.74 35.17 -20.08
N PRO F 53 3.01 35.39 -18.97
CA PRO F 53 1.55 35.33 -18.88
C PRO F 53 0.90 36.48 -19.64
N ASP F 54 -0.24 36.19 -20.23
CA ASP F 54 -0.94 37.11 -21.10
C ASP F 54 -1.83 38.04 -20.25
N PRO F 55 -1.52 39.36 -20.25
CA PRO F 55 -2.35 40.31 -19.53
C PRO F 55 -3.78 40.37 -20.01
N VAL F 56 -3.99 40.12 -21.31
CA VAL F 56 -5.32 40.12 -21.88
C VAL F 56 -6.17 38.97 -21.31
N ARG F 57 -5.60 37.78 -21.28
CA ARG F 57 -6.28 36.64 -20.71
C ARG F 57 -6.52 36.85 -19.20
N ALA F 58 -5.56 37.48 -18.53
CA ALA F 58 -5.68 37.73 -17.12
C ALA F 58 -6.89 38.65 -16.87
N ALA F 59 -7.06 39.68 -17.70
CA ALA F 59 -8.17 40.61 -17.59
C ALA F 59 -9.53 39.92 -17.78
N LEU F 60 -9.67 39.16 -18.87
CA LEU F 60 -10.92 38.48 -19.18
C LEU F 60 -11.28 37.45 -18.12
N ALA F 61 -10.29 36.78 -17.54
CA ALA F 61 -10.55 35.84 -16.45
C ALA F 61 -10.88 36.54 -15.13
N ALA F 62 -10.41 37.77 -14.93
CA ALA F 62 -10.76 38.56 -13.73
C ALA F 62 -12.23 38.92 -13.74
N GLU F 63 -12.74 39.25 -14.93
CA GLU F 63 -14.17 39.51 -15.12
C GLU F 63 -15.02 38.25 -14.84
N ASP F 64 -14.54 37.09 -15.29
CA ASP F 64 -15.26 35.84 -15.05
C ASP F 64 -15.32 35.56 -13.55
N ALA F 65 -14.25 35.96 -12.86
CA ALA F 65 -14.11 35.68 -11.44
C ALA F 65 -14.84 36.69 -10.54
N GLY F 66 -15.41 37.74 -11.13
CA GLY F 66 -16.21 38.71 -10.36
C GLY F 66 -15.78 40.17 -10.47
N ALA F 67 -14.66 40.46 -11.13
CA ALA F 67 -14.19 41.85 -11.23
C ALA F 67 -15.24 42.72 -11.90
N ASP F 68 -15.40 43.92 -11.37
CA ASP F 68 -16.40 44.86 -11.87
C ASP F 68 -15.78 45.77 -12.92
N ALA F 69 -14.45 45.88 -12.89
CA ALA F 69 -13.71 46.60 -13.91
C ALA F 69 -12.30 46.02 -14.04
N ILE F 70 -11.65 46.28 -15.18
CA ILE F 70 -10.25 45.96 -15.37
C ILE F 70 -9.46 47.26 -15.49
N THR F 71 -8.39 47.37 -14.72
CA THR F 71 -7.53 48.53 -14.74
C THR F 71 -6.17 48.17 -15.33
N LEU F 72 -5.64 49.02 -16.19
CA LEU F 72 -4.28 48.85 -16.68
C LEU F 72 -3.65 50.20 -17.00
N HIS F 73 -2.41 50.35 -16.58
CA HIS F 73 -1.68 51.61 -16.72
C HIS F 73 -0.75 51.54 -17.92
N LEU F 74 -1.16 52.18 -19.01
CA LEU F 74 -0.29 52.33 -20.18
C LEU F 74 0.66 53.46 -19.86
N ARG F 75 1.88 53.11 -19.47
CA ARG F 75 2.89 54.12 -19.15
C ARG F 75 3.49 54.70 -20.42
N GLU F 76 4.07 55.89 -20.28
CA GLU F 76 4.72 56.57 -21.40
C GLU F 76 5.91 55.73 -21.88
N ASP F 77 6.62 55.14 -20.92
CA ASP F 77 7.77 54.28 -21.19
C ASP F 77 7.43 52.79 -21.41
N ARG F 78 6.13 52.47 -21.55
CA ARG F 78 5.68 51.09 -21.77
C ARG F 78 6.46 50.03 -20.95
N ARG F 79 6.68 50.33 -19.68
CA ARG F 79 7.46 49.43 -18.80
C ARG F 79 6.79 48.06 -18.62
N HIS F 80 5.47 48.03 -18.45
CA HIS F 80 4.74 46.79 -18.29
C HIS F 80 3.70 46.56 -19.39
N ILE F 81 2.52 47.16 -19.24
CA ILE F 81 1.49 47.12 -20.25
C ILE F 81 1.95 47.88 -21.47
N VAL F 82 1.66 47.34 -22.63
CA VAL F 82 2.05 47.95 -23.90
C VAL F 82 0.80 48.26 -24.71
N ASP F 83 0.97 48.99 -25.80
CA ASP F 83 -0.15 49.48 -26.60
C ASP F 83 -1.02 48.36 -27.16
N ALA F 84 -0.38 47.29 -27.65
CA ALA F 84 -1.13 46.14 -28.18
C ALA F 84 -2.02 45.48 -27.13
N ASP F 85 -1.58 45.49 -25.87
CA ASP F 85 -2.42 44.97 -24.77
C ASP F 85 -3.74 45.75 -24.71
N VAL F 86 -3.66 47.08 -24.61
CA VAL F 86 -4.87 47.92 -24.52
C VAL F 86 -5.81 47.76 -25.74
N ARG F 87 -5.24 47.74 -26.94
CA ARG F 87 -6.01 47.64 -28.18
C ARG F 87 -6.70 46.28 -28.39
N THR F 88 -6.01 45.20 -28.02
CA THR F 88 -6.56 43.86 -28.14
C THR F 88 -7.67 43.61 -27.14
N LEU F 89 -7.50 44.11 -25.91
CA LEU F 89 -8.48 43.89 -24.83
C LEU F 89 -9.76 44.72 -24.99
N ARG F 90 -9.66 45.92 -25.55
CA ARG F 90 -10.76 46.88 -25.48
C ARG F 90 -12.09 46.36 -26.01
N PRO F 91 -12.11 45.73 -27.20
CA PRO F 91 -13.41 45.23 -27.70
C PRO F 91 -13.87 43.94 -27.04
N ARG F 92 -13.05 43.35 -26.19
CA ARG F 92 -13.38 42.08 -25.55
C ARG F 92 -13.90 42.27 -24.13
N VAL F 93 -13.80 43.48 -23.60
CA VAL F 93 -14.21 43.78 -22.24
C VAL F 93 -15.70 43.52 -22.05
N LYS F 94 -16.05 42.66 -21.10
CA LYS F 94 -17.45 42.34 -20.79
C LYS F 94 -18.00 43.22 -19.66
N THR F 95 -17.10 43.84 -18.89
CA THR F 95 -17.48 44.74 -17.80
C THR F 95 -17.10 46.19 -18.14
N ARG F 96 -16.07 46.73 -17.49
CA ARG F 96 -15.54 48.07 -17.76
C ARG F 96 -14.02 48.05 -17.85
N MET F 97 -13.46 48.91 -18.71
CA MET F 97 -12.02 49.16 -18.78
C MET F 97 -11.73 50.51 -18.13
N ASN F 98 -10.83 50.48 -17.15
CA ASN F 98 -10.30 51.67 -16.50
C ASN F 98 -8.84 51.88 -16.93
N LEU F 99 -8.62 52.84 -17.83
CA LEU F 99 -7.30 53.08 -18.41
C LEU F 99 -6.55 54.17 -17.63
N GLU F 100 -5.51 53.77 -16.91
CA GLU F 100 -4.66 54.72 -16.21
C GLU F 100 -3.64 55.28 -17.20
N CYS F 101 -3.52 56.61 -17.26
CA CYS F 101 -2.51 57.23 -18.11
C CYS F 101 -2.14 58.64 -17.65
N ALA F 102 -1.03 59.16 -18.18
CA ALA F 102 -0.50 60.46 -17.79
C ALA F 102 -1.20 61.58 -18.53
N VAL F 103 -0.96 62.81 -18.06
CA VAL F 103 -1.52 64.00 -18.69
C VAL F 103 -0.53 64.53 -19.70
N THR F 104 -0.42 63.84 -20.84
CA THR F 104 0.40 64.27 -21.98
C THR F 104 -0.46 64.09 -23.25
N PRO F 105 -0.21 64.90 -24.30
CA PRO F 105 -1.10 64.79 -25.47
C PRO F 105 -1.11 63.45 -26.19
N GLU F 106 0.03 62.76 -26.30
CA GLU F 106 0.09 61.44 -26.97
C GLU F 106 -0.83 60.44 -26.29
N MET F 107 -0.62 60.30 -24.98
CA MET F 107 -1.35 59.33 -24.18
C MET F 107 -2.84 59.69 -24.12
N LEU F 108 -3.16 60.98 -24.03
CA LEU F 108 -4.56 61.42 -24.10
C LEU F 108 -5.16 61.12 -25.46
N ASP F 109 -4.38 61.27 -26.52
CA ASP F 109 -4.85 60.93 -27.88
C ASP F 109 -5.14 59.44 -28.02
N ILE F 110 -4.29 58.60 -27.43
CA ILE F 110 -4.54 57.16 -27.45
C ILE F 110 -5.78 56.79 -26.63
N ALA F 111 -5.93 57.40 -25.46
CA ALA F 111 -7.12 57.17 -24.63
C ALA F 111 -8.41 57.55 -25.36
N CYS F 112 -8.41 58.68 -26.05
CA CYS F 112 -9.61 59.12 -26.76
CA CYS F 112 -9.58 59.16 -26.78
C CYS F 112 -9.91 58.28 -27.99
N GLU F 113 -8.92 57.53 -28.45
CA GLU F 113 -9.10 56.63 -29.60
C GLU F 113 -9.63 55.27 -29.13
N ILE F 114 -9.15 54.81 -27.98
CA ILE F 114 -9.59 53.54 -27.39
C ILE F 114 -10.99 53.64 -26.76
N ARG F 115 -11.38 54.84 -26.31
CA ARG F 115 -12.68 55.08 -25.67
C ARG F 115 -12.99 54.08 -24.53
N PRO F 116 -12.07 53.97 -23.56
CA PRO F 116 -12.35 53.13 -22.42
C PRO F 116 -13.51 53.70 -21.63
N HIS F 117 -14.13 52.89 -20.80
CA HIS F 117 -15.29 53.36 -20.02
C HIS F 117 -14.80 54.42 -19.04
N ASP F 118 -13.70 54.10 -18.37
CA ASP F 118 -13.09 54.96 -17.38
C ASP F 118 -11.64 55.24 -17.74
N ALA F 119 -11.19 56.44 -17.41
CA ALA F 119 -9.77 56.80 -17.44
C ALA F 119 -9.40 57.40 -16.08
N CYS F 120 -8.23 57.03 -15.55
CA CYS F 120 -7.73 57.60 -14.31
C CYS F 120 -6.41 58.30 -14.62
N LEU F 121 -6.40 59.61 -14.40
CA LEU F 121 -5.23 60.43 -14.69
C LEU F 121 -4.27 60.30 -13.54
N VAL F 122 -3.04 59.88 -13.83
CA VAL F 122 -2.02 59.61 -12.82
C VAL F 122 -0.72 60.36 -13.13
N PRO F 123 0.05 60.70 -12.09
CA PRO F 123 1.33 61.33 -12.34
C PRO F 123 2.40 60.32 -12.76
N GLU F 124 3.17 60.65 -13.78
CA GLU F 124 4.35 59.85 -14.14
C GLU F 124 5.64 60.67 -13.91
N LYS F 125 5.68 61.89 -14.44
CA LYS F 125 6.87 62.75 -14.26
C LYS F 125 6.98 63.28 -12.83
N ARG F 126 8.21 63.54 -12.39
CA ARG F 126 8.48 64.15 -11.08
C ARG F 126 7.90 65.55 -10.92
N SER F 127 7.68 66.26 -12.03
CA SER F 127 7.09 67.59 -11.98
C SER F 127 5.55 67.58 -11.75
N GLU F 128 4.93 66.39 -11.78
CA GLU F 128 3.49 66.20 -11.62
C GLU F 128 3.14 65.61 -10.26
N LEU F 129 4.15 65.34 -9.44
CA LEU F 129 3.99 64.60 -8.19
C LEU F 129 4.02 65.51 -6.98
N THR F 130 3.10 65.28 -6.05
CA THR F 130 3.26 65.76 -4.68
C THR F 130 4.28 64.86 -3.97
N THR F 131 4.77 65.29 -2.81
CA THR F 131 5.71 64.46 -2.08
C THR F 131 5.03 63.16 -1.60
N GLU F 132 3.74 63.23 -1.31
CA GLU F 132 2.97 62.02 -0.95
C GLU F 132 2.80 61.04 -2.14
N GLY F 133 2.65 61.57 -3.35
CA GLY F 133 2.66 60.75 -4.56
C GLY F 133 1.47 60.85 -5.49
N GLY F 134 0.44 61.60 -5.10
CA GLY F 134 -0.70 61.82 -5.99
C GLY F 134 -0.41 62.90 -7.02
N LEU F 135 -1.31 63.04 -7.97
CA LEU F 135 -1.22 64.09 -8.98
C LEU F 135 -1.40 65.48 -8.36
N ASP F 136 -0.49 66.39 -8.69
CA ASP F 136 -0.61 67.79 -8.26
C ASP F 136 -1.63 68.52 -9.13
N VAL F 137 -2.90 68.38 -8.78
CA VAL F 137 -3.96 68.99 -9.56
C VAL F 137 -3.95 70.51 -9.38
N VAL F 138 -3.68 70.98 -8.17
CA VAL F 138 -3.54 72.42 -7.91
C VAL F 138 -2.50 73.04 -8.85
N GLY F 139 -1.38 72.35 -9.00
CA GLY F 139 -0.25 72.85 -9.74
C GLY F 139 -0.38 72.77 -11.24
N HIS F 140 -1.21 71.85 -11.74
CA HIS F 140 -1.36 71.65 -13.19
C HIS F 140 -2.83 71.73 -13.57
N PHE F 141 -3.56 72.61 -12.88
CA PHE F 141 -5.00 72.69 -13.00
C PHE F 141 -5.49 72.81 -14.43
N ASP F 142 -4.92 73.77 -15.17
CA ASP F 142 -5.40 74.03 -16.52
C ASP F 142 -5.17 72.82 -17.42
N ALA F 143 -4.01 72.18 -17.28
CA ALA F 143 -3.70 70.96 -18.05
C ALA F 143 -4.69 69.85 -17.72
N VAL F 144 -4.90 69.64 -16.44
CA VAL F 144 -5.78 68.57 -15.97
C VAL F 144 -7.22 68.80 -16.38
N ARG F 145 -7.69 70.06 -16.26
CA ARG F 145 -9.05 70.40 -16.67
C ARG F 145 -9.28 70.18 -18.16
N ALA F 146 -8.29 70.53 -18.97
CA ALA F 146 -8.42 70.38 -20.43
C ALA F 146 -8.43 68.89 -20.79
N ALA F 147 -7.62 68.10 -20.11
CA ALA F 147 -7.60 66.65 -20.30
C ALA F 147 -8.94 66.04 -19.91
N CYS F 148 -9.55 66.57 -18.84
CA CYS F 148 -10.89 66.15 -18.43
C CYS F 148 -11.95 66.44 -19.48
N LYS F 149 -11.92 67.65 -20.03
CA LYS F 149 -12.84 68.05 -21.10
C LYS F 149 -12.64 67.15 -22.32
N GLN F 150 -11.37 66.85 -22.61
CA GLN F 150 -11.03 66.08 -23.79
C GLN F 150 -11.50 64.63 -23.67
N LEU F 151 -11.34 64.03 -22.50
CA LEU F 151 -11.80 62.66 -22.31
C LEU F 151 -13.33 62.59 -22.20
N ALA F 152 -13.93 63.62 -21.59
CA ALA F 152 -15.38 63.66 -21.44
C ALA F 152 -16.06 63.77 -22.81
N ASP F 153 -15.45 64.51 -23.74
CA ASP F 153 -15.98 64.63 -25.10
C ASP F 153 -15.96 63.30 -25.86
N ALA F 154 -15.07 62.39 -25.45
CA ALA F 154 -14.97 61.06 -26.04
C ALA F 154 -15.77 60.01 -25.26
N GLY F 155 -16.63 60.47 -24.34
CA GLY F 155 -17.52 59.59 -23.58
C GLY F 155 -16.85 58.78 -22.49
N VAL F 156 -15.68 59.24 -22.02
CA VAL F 156 -14.94 58.56 -20.96
C VAL F 156 -15.23 59.23 -19.62
N ARG F 157 -15.57 58.41 -18.62
CA ARG F 157 -15.71 58.89 -17.25
CA ARG F 157 -15.71 58.87 -17.24
C ARG F 157 -14.33 59.01 -16.61
N VAL F 158 -13.94 60.26 -16.30
CA VAL F 158 -12.60 60.58 -15.83
C VAL F 158 -12.44 60.59 -14.33
N SER F 159 -11.31 60.06 -13.89
CA SER F 159 -10.94 60.01 -12.49
C SER F 159 -9.55 60.62 -12.33
N LEU F 160 -9.31 61.24 -11.17
CA LEU F 160 -8.01 61.85 -10.87
C LEU F 160 -7.43 61.17 -9.65
N PHE F 161 -6.20 60.67 -9.76
CA PHE F 161 -5.53 60.01 -8.67
C PHE F 161 -4.89 61.07 -7.78
N ILE F 162 -5.28 61.12 -6.50
CA ILE F 162 -4.82 62.19 -5.60
C ILE F 162 -4.66 61.78 -4.16
N ASP F 163 -3.91 62.59 -3.43
CA ASP F 163 -3.74 62.42 -2.00
C ASP F 163 -5.04 62.81 -1.30
N PRO F 164 -5.30 62.22 -0.12
CA PRO F 164 -6.46 62.60 0.68
C PRO F 164 -6.25 63.97 1.33
N ASP F 165 -6.22 64.99 0.48
CA ASP F 165 -5.89 66.34 0.88
C ASP F 165 -6.99 67.24 0.40
N GLU F 166 -7.60 67.98 1.32
CA GLU F 166 -8.82 68.69 1.00
C GLU F 166 -8.67 69.67 -0.15
N ALA F 167 -7.51 70.29 -0.28
CA ALA F 167 -7.25 71.26 -1.34
C ALA F 167 -7.17 70.61 -2.71
N GLN F 168 -6.55 69.43 -2.77
CA GLN F 168 -6.48 68.67 -4.01
C GLN F 168 -7.87 68.13 -4.36
N ILE F 169 -8.57 67.65 -3.34
CA ILE F 169 -9.95 67.20 -3.57
C ILE F 169 -10.78 68.31 -4.17
N ARG F 170 -10.66 69.53 -3.65
CA ARG F 170 -11.36 70.70 -4.19
C ARG F 170 -10.94 70.99 -5.61
N ALA F 171 -9.64 71.03 -5.85
CA ALA F 171 -9.13 71.29 -7.19
C ALA F 171 -9.65 70.21 -8.15
N ALA F 172 -9.63 68.96 -7.69
CA ALA F 172 -10.14 67.85 -8.52
C ALA F 172 -11.56 68.18 -8.94
N HIS F 173 -12.38 68.60 -7.98
CA HIS F 173 -13.77 68.93 -8.27
C HIS F 173 -13.93 70.08 -9.26
N GLU F 174 -13.07 71.10 -9.16
CA GLU F 174 -13.17 72.24 -10.07
C GLU F 174 -12.78 71.86 -11.50
N THR F 175 -12.04 70.77 -11.68
CA THR F 175 -11.63 70.38 -13.03
C THR F 175 -12.81 69.87 -13.84
N GLY F 176 -13.86 69.43 -13.15
CA GLY F 176 -15.00 68.82 -13.79
C GLY F 176 -14.94 67.29 -13.80
N ALA F 177 -13.86 66.72 -13.29
CA ALA F 177 -13.75 65.26 -13.19
C ALA F 177 -14.85 64.76 -12.26
N PRO F 178 -15.60 63.73 -12.68
CA PRO F 178 -16.66 63.17 -11.84
C PRO F 178 -16.17 62.24 -10.74
N VAL F 179 -14.95 61.70 -10.89
CA VAL F 179 -14.43 60.71 -9.95
C VAL F 179 -13.04 61.16 -9.43
N ILE F 180 -12.74 60.80 -8.19
CA ILE F 180 -11.40 60.87 -7.65
C ILE F 180 -11.00 59.50 -7.08
N GLU F 181 -9.72 59.17 -7.15
CA GLU F 181 -9.20 58.02 -6.48
C GLU F 181 -8.17 58.50 -5.46
N LEU F 182 -8.40 58.15 -4.20
CA LEU F 182 -7.53 58.53 -3.11
C LEU F 182 -6.35 57.57 -3.00
N HIS F 183 -5.17 58.15 -2.72
CA HIS F 183 -3.92 57.43 -2.54
C HIS F 183 -3.82 56.82 -1.15
N THR F 184 -4.08 55.51 -1.06
CA THR F 184 -4.07 54.77 0.20
C THR F 184 -2.71 54.22 0.61
N GLY F 185 -1.66 54.60 -0.11
CA GLY F 185 -0.31 54.07 0.09
C GLY F 185 0.33 54.36 1.45
N ARG F 186 0.03 55.52 2.03
CA ARG F 186 0.55 55.83 3.37
C ARG F 186 -0.13 55.00 4.43
N TYR F 187 -1.46 54.90 4.32
CA TYR F 187 -2.24 53.95 5.10
C TYR F 187 -1.71 52.53 4.93
N ALA F 188 -1.49 52.12 3.69
CA ALA F 188 -1.03 50.75 3.39
C ALA F 188 0.36 50.48 3.95
N ASP F 189 1.24 51.47 3.89
CA ASP F 189 2.64 51.32 4.32
C ASP F 189 2.92 51.84 5.73
N ALA F 190 1.88 52.12 6.50
CA ALA F 190 2.05 52.58 7.88
C ALA F 190 2.88 51.58 8.68
N HIS F 191 3.81 52.11 9.47
CA HIS F 191 4.78 51.29 10.20
C HIS F 191 4.25 50.73 11.54
N ASP F 192 3.11 51.24 11.99
CA ASP F 192 2.48 50.80 13.24
C ASP F 192 0.99 51.19 13.30
N ALA F 193 0.27 50.64 14.28
CA ALA F 193 -1.18 50.84 14.40
C ALA F 193 -1.62 52.29 14.58
N ALA F 194 -0.87 53.06 15.37
CA ALA F 194 -1.17 54.47 15.57
C ALA F 194 -1.10 55.23 14.25
N GLU F 195 0.01 55.06 13.53
CA GLU F 195 0.20 55.70 12.25
C GLU F 195 -0.86 55.27 11.23
N GLN F 196 -1.13 53.96 11.18
CA GLN F 196 -2.17 53.42 10.31
C GLN F 196 -3.56 53.98 10.62
N GLN F 197 -3.87 54.19 11.89
CA GLN F 197 -5.20 54.74 12.25
C GLN F 197 -5.33 56.19 11.82
N ARG F 198 -4.27 56.99 12.03
CA ARG F 198 -4.28 58.39 11.65
C ARG F 198 -4.43 58.55 10.14
N GLU F 199 -3.70 57.73 9.38
CA GLU F 199 -3.79 57.69 7.93
C GLU F 199 -5.17 57.18 7.45
N PHE F 200 -5.76 56.26 8.20
CA PHE F 200 -7.13 55.86 7.94
C PHE F 200 -8.09 57.04 8.10
N GLU F 201 -7.91 57.82 9.16
CA GLU F 201 -8.80 58.97 9.43
C GLU F 201 -8.73 59.99 8.29
N ARG F 202 -7.52 60.16 7.73
CA ARG F 202 -7.31 61.05 6.58
C ARG F 202 -8.09 60.60 5.35
N ILE F 203 -8.13 59.29 5.10
CA ILE F 203 -8.88 58.72 3.96
C ILE F 203 -10.38 58.86 4.18
N ALA F 204 -10.82 58.46 5.37
CA ALA F 204 -12.22 58.66 5.78
C ALA F 204 -12.69 60.10 5.61
N THR F 205 -11.88 61.06 6.07
CA THR F 205 -12.21 62.49 5.95
C THR F 205 -12.22 62.93 4.48
N GLY F 206 -11.25 62.44 3.71
CA GLY F 206 -11.22 62.66 2.28
C GLY F 206 -12.45 62.14 1.55
N VAL F 207 -12.88 60.93 1.90
CA VAL F 207 -14.11 60.37 1.36
C VAL F 207 -15.32 61.28 1.67
N ASP F 208 -15.46 61.70 2.93
CA ASP F 208 -16.55 62.64 3.30
C ASP F 208 -16.49 63.92 2.49
N ALA F 209 -15.29 64.49 2.39
CA ALA F 209 -15.06 65.74 1.64
C ALA F 209 -15.43 65.61 0.17
N GLY F 210 -14.99 64.54 -0.47
CA GLY F 210 -15.28 64.30 -1.89
C GLY F 210 -16.76 64.04 -2.17
N ILE F 211 -17.39 63.25 -1.32
CA ILE F 211 -18.84 63.00 -1.44
C ILE F 211 -19.70 64.25 -1.15
N ALA F 212 -19.18 65.14 -0.31
CA ALA F 212 -19.87 66.40 -0.02
C ALA F 212 -19.90 67.32 -1.24
N LEU F 213 -19.00 67.10 -2.20
CA LEU F 213 -18.95 67.88 -3.45
C LEU F 213 -19.60 67.17 -4.63
N GLY F 214 -20.09 65.96 -4.43
CA GLY F 214 -20.75 65.22 -5.50
C GLY F 214 -19.80 64.27 -6.24
N LEU F 215 -18.59 64.09 -5.73
CA LEU F 215 -17.64 63.22 -6.40
C LEU F 215 -17.88 61.76 -6.02
N LYS F 216 -17.63 60.85 -6.97
CA LYS F 216 -17.45 59.43 -6.64
C LYS F 216 -16.04 59.30 -6.14
N VAL F 217 -15.83 58.55 -5.07
CA VAL F 217 -14.48 58.34 -4.59
C VAL F 217 -14.06 56.87 -4.55
N ASN F 218 -12.90 56.61 -5.15
CA ASN F 218 -12.31 55.29 -5.26
C ASN F 218 -11.05 55.25 -4.39
N ALA F 219 -10.48 54.07 -4.19
CA ALA F 219 -9.18 53.92 -3.50
C ALA F 219 -8.48 52.67 -4.02
N GLY F 220 -7.34 52.29 -3.47
CA GLY F 220 -6.79 50.96 -3.78
C GLY F 220 -5.27 50.76 -3.86
N HIS F 221 -4.52 51.84 -3.99
CA HIS F 221 -3.07 51.74 -4.01
C HIS F 221 -2.59 51.08 -2.71
N GLY F 222 -1.84 49.99 -2.86
CA GLY F 222 -1.25 49.30 -1.72
C GLY F 222 -2.18 48.42 -0.89
N LEU F 223 -3.44 48.32 -1.27
CA LEU F 223 -4.37 47.53 -0.50
C LEU F 223 -4.13 46.04 -0.74
N HIS F 224 -4.34 45.24 0.30
CA HIS F 224 -4.16 43.81 0.22
C HIS F 224 -5.12 43.08 1.16
N TYR F 225 -4.89 41.80 1.45
CA TYR F 225 -5.95 40.94 2.04
C TYR F 225 -6.17 41.09 3.54
N THR F 226 -5.28 41.77 4.25
CA THR F 226 -5.59 42.11 5.65
C THR F 226 -5.72 43.60 5.95
N ASN F 227 -5.55 44.48 4.97
CA ASN F 227 -5.79 45.92 5.19
C ASN F 227 -6.92 46.50 4.36
N VAL F 228 -7.54 45.69 3.51
CA VAL F 228 -8.61 46.18 2.65
C VAL F 228 -9.94 46.33 3.42
N GLN F 229 -10.09 45.60 4.50
CA GLN F 229 -11.38 45.46 5.17
C GLN F 229 -11.88 46.81 5.68
N ALA F 230 -11.01 47.54 6.38
CA ALA F 230 -11.34 48.85 6.95
C ALA F 230 -11.76 49.85 5.89
N ILE F 231 -11.09 49.82 4.73
CA ILE F 231 -11.41 50.73 3.65
C ILE F 231 -12.73 50.31 2.99
N ALA F 232 -12.90 49.01 2.77
CA ALA F 232 -14.16 48.49 2.18
C ALA F 232 -15.36 48.84 3.07
N ALA F 233 -15.15 48.91 4.38
CA ALA F 233 -16.21 49.22 5.33
C ALA F 233 -16.72 50.67 5.27
N LEU F 234 -15.97 51.58 4.65
CA LEU F 234 -16.42 52.97 4.47
C LEU F 234 -17.48 53.05 3.39
N PRO F 235 -18.72 53.47 3.77
CA PRO F 235 -19.85 53.43 2.83
C PRO F 235 -19.69 54.28 1.58
N GLY F 236 -18.92 55.36 1.67
CA GLY F 236 -18.78 56.31 0.58
C GLY F 236 -17.86 55.88 -0.56
N ILE F 237 -17.05 54.86 -0.33
CA ILE F 237 -16.16 54.33 -1.35
C ILE F 237 -16.92 53.49 -2.39
N ALA F 238 -16.83 53.91 -3.65
CA ALA F 238 -17.51 53.24 -4.77
C ALA F 238 -16.73 52.03 -5.32
N GLU F 239 -15.41 52.15 -5.41
CA GLU F 239 -14.60 51.10 -6.05
C GLU F 239 -13.19 51.06 -5.49
N LEU F 240 -12.67 49.86 -5.30
CA LEU F 240 -11.29 49.66 -4.94
C LEU F 240 -10.57 49.06 -6.12
N ASN F 241 -9.51 49.74 -6.57
CA ASN F 241 -8.70 49.37 -7.72
C ASN F 241 -7.41 48.78 -7.19
N ILE F 242 -7.30 47.46 -7.24
CA ILE F 242 -6.21 46.76 -6.58
C ILE F 242 -5.40 45.95 -7.58
N GLY F 243 -4.08 46.01 -7.45
CA GLY F 243 -3.17 45.34 -8.39
C GLY F 243 -2.24 44.30 -7.81
N HIS F 244 -1.10 44.76 -7.30
CA HIS F 244 -0.02 43.86 -6.95
C HIS F 244 -0.43 42.77 -5.96
N ALA F 245 -1.24 43.12 -4.95
CA ALA F 245 -1.65 42.14 -3.93
C ALA F 245 -2.37 40.92 -4.53
N ILE F 246 -3.16 41.14 -5.58
CA ILE F 246 -3.89 40.06 -6.23
C ILE F 246 -2.94 39.15 -7.02
N VAL F 247 -1.98 39.76 -7.70
CA VAL F 247 -0.98 38.99 -8.45
C VAL F 247 -0.07 38.20 -7.51
N ALA F 248 0.39 38.84 -6.45
CA ALA F 248 1.25 38.18 -5.47
C ALA F 248 0.56 36.98 -4.83
N HIS F 249 -0.72 37.14 -4.52
CA HIS F 249 -1.54 36.05 -3.99
C HIS F 249 -1.82 34.94 -5.04
N ALA F 250 -2.15 35.37 -6.27
CA ALA F 250 -2.43 34.44 -7.38
C ALA F 250 -1.30 33.48 -7.69
N VAL F 251 -0.05 33.92 -7.53
CA VAL F 251 1.04 33.01 -7.83
C VAL F 251 0.92 31.74 -7.01
N PHE F 252 0.49 31.86 -5.76
CA PHE F 252 0.32 30.66 -4.91
C PHE F 252 -1.05 30.03 -5.04
N VAL F 253 -2.04 30.85 -5.32
CA VAL F 253 -3.44 30.48 -5.14
C VAL F 253 -4.19 30.32 -6.45
N GLY F 254 -3.64 30.87 -7.53
CA GLY F 254 -4.33 30.94 -8.81
C GLY F 254 -5.15 32.22 -8.90
N TRP F 255 -5.13 32.81 -10.10
CA TRP F 255 -5.71 34.13 -10.39
C TRP F 255 -7.20 34.24 -10.07
N ASP F 256 -7.97 33.25 -10.54
CA ASP F 256 -9.42 33.22 -10.36
C ASP F 256 -9.76 33.29 -8.88
N ASN F 257 -9.12 32.42 -8.11
CA ASN F 257 -9.30 32.39 -6.67
C ASN F 257 -8.93 33.71 -6.01
N ALA F 258 -7.84 34.32 -6.46
CA ALA F 258 -7.33 35.53 -5.80
C ALA F 258 -8.28 36.70 -5.98
N VAL F 259 -8.88 36.78 -7.16
CA VAL F 259 -9.80 37.83 -7.50
C VAL F 259 -11.13 37.65 -6.76
N ARG F 260 -11.70 36.45 -6.84
CA ARG F 260 -12.97 36.16 -6.20
C ARG F 260 -12.84 36.36 -4.70
N GLU F 261 -11.72 35.91 -4.12
CA GLU F 261 -11.52 36.06 -2.68
C GLU F 261 -11.46 37.53 -2.24
N MET F 262 -10.75 38.38 -2.98
CA MET F 262 -10.69 39.80 -2.66
C MET F 262 -12.08 40.42 -2.74
N LYS F 263 -12.83 40.07 -3.79
CA LYS F 263 -14.17 40.57 -3.97
C LYS F 263 -15.06 40.18 -2.78
N ALA F 264 -15.01 38.91 -2.38
CA ALA F 264 -15.83 38.40 -1.28
C ALA F 264 -15.54 39.10 0.04
N ILE F 265 -14.25 39.22 0.36
CA ILE F 265 -13.81 39.94 1.56
C ILE F 265 -14.31 41.38 1.58
N MET F 266 -14.19 42.06 0.44
CA MET F 266 -14.66 43.43 0.30
C MET F 266 -16.16 43.52 0.53
N VAL F 267 -16.92 42.64 -0.11
CA VAL F 267 -18.38 42.62 0.05
C VAL F 267 -18.78 42.24 1.48
N ALA F 268 -18.09 41.27 2.07
CA ALA F 268 -18.35 40.92 3.47
C ALA F 268 -18.26 42.15 4.38
N ALA F 269 -17.17 42.90 4.23
CA ALA F 269 -16.87 44.04 5.09
C ALA F 269 -17.89 45.17 4.92
N ARG F 270 -18.24 45.44 3.68
CA ARG F 270 -19.15 46.51 3.36
C ARG F 270 -20.52 46.21 3.97
N VAL F 271 -21.04 45.00 3.74
CA VAL F 271 -22.40 44.66 4.17
C VAL F 271 -22.55 44.61 5.69
N ALA F 272 -21.55 44.03 6.36
CA ALA F 272 -21.55 43.98 7.81
C ALA F 272 -21.46 45.38 8.43
N ALA F 273 -20.80 46.30 7.74
CA ALA F 273 -20.59 47.67 8.22
C ALA F 273 -21.87 48.49 8.25
N LEU F 274 -22.76 48.24 7.28
CA LEU F 274 -24.04 48.95 7.18
C LEU F 274 -25.04 48.53 8.26
N ALA G 31 -11.00 35.97 16.81
CA ALA G 31 -12.25 36.78 16.85
C ALA G 31 -13.48 35.96 16.46
N ILE G 32 -13.31 34.99 15.56
CA ILE G 32 -14.35 34.00 15.28
C ILE G 32 -13.67 32.73 14.76
N ASP G 33 -14.19 31.57 15.13
CA ASP G 33 -13.58 30.29 14.77
C ASP G 33 -14.31 29.59 13.63
N LEU G 34 -13.55 28.85 12.82
CA LEU G 34 -14.13 28.01 11.77
C LEU G 34 -13.81 26.55 12.05
N GLY G 35 -14.87 25.76 12.23
CA GLY G 35 -14.73 24.31 12.28
C GLY G 35 -15.06 23.78 10.91
N VAL G 36 -14.18 22.98 10.33
CA VAL G 36 -14.39 22.43 8.99
C VAL G 36 -14.82 20.98 9.14
N ASN G 37 -16.00 20.68 8.65
CA ASN G 37 -16.56 19.34 8.77
C ASN G 37 -16.21 18.54 7.52
N ILE G 38 -15.65 17.34 7.74
CA ILE G 38 -15.04 16.56 6.65
C ILE G 38 -15.84 15.32 6.25
N ASP G 39 -17.10 15.24 6.69
CA ASP G 39 -17.94 14.07 6.43
C ASP G 39 -18.03 13.78 4.93
N HIS G 40 -18.32 14.81 4.15
CA HIS G 40 -18.61 14.62 2.74
C HIS G 40 -17.37 14.38 1.87
N VAL G 41 -16.18 14.54 2.43
CA VAL G 41 -14.97 14.05 1.77
C VAL G 41 -15.02 12.53 1.77
N ALA G 42 -15.38 11.95 2.92
CA ALA G 42 -15.51 10.51 3.09
C ALA G 42 -16.62 9.93 2.24
N THR G 43 -17.74 10.66 2.17
CA THR G 43 -18.84 10.32 1.28
C THR G 43 -18.35 10.06 -0.13
N LEU G 44 -17.41 10.88 -0.56
CA LEU G 44 -16.86 10.79 -1.90
C LEU G 44 -15.93 9.58 -2.01
N ARG G 45 -15.19 9.31 -0.95
CA ARG G 45 -14.29 8.16 -0.90
C ARG G 45 -15.06 6.84 -0.95
N ASN G 46 -16.11 6.73 -0.13
CA ASN G 46 -16.87 5.50 0.00
C ASN G 46 -17.61 5.13 -1.29
N ALA G 47 -17.97 6.15 -2.07
CA ALA G 47 -18.54 5.94 -3.39
C ALA G 47 -17.70 4.97 -4.24
N ARG G 48 -16.38 5.10 -4.19
CA ARG G 48 -15.49 4.30 -5.04
C ARG G 48 -14.93 3.10 -4.29
N GLY G 49 -14.68 3.27 -3.00
CA GLY G 49 -14.14 2.19 -2.19
C GLY G 49 -12.62 2.09 -2.21
N THR G 50 -11.93 3.16 -2.57
CA THR G 50 -10.48 3.25 -2.39
C THR G 50 -10.23 4.16 -1.18
N ALA G 51 -8.98 4.50 -0.90
CA ALA G 51 -8.66 5.38 0.22
C ALA G 51 -8.79 6.88 -0.12
N TYR G 52 -9.20 7.21 -1.35
CA TYR G 52 -9.17 8.58 -1.81
C TYR G 52 -10.54 9.06 -2.27
N PRO G 53 -10.84 10.36 -2.07
CA PRO G 53 -10.00 11.34 -1.39
C PRO G 53 -9.96 11.06 0.11
N ASP G 54 -8.80 11.30 0.72
CA ASP G 54 -8.57 10.89 2.10
C ASP G 54 -9.11 11.94 3.08
N PRO G 55 -10.06 11.55 3.94
CA PRO G 55 -10.60 12.49 4.93
C PRO G 55 -9.56 13.01 5.91
N VAL G 56 -8.54 12.20 6.21
CA VAL G 56 -7.48 12.57 7.14
C VAL G 56 -6.60 13.68 6.57
N ARG G 57 -6.22 13.54 5.29
CA ARG G 57 -5.45 14.57 4.59
C ARG G 57 -6.24 15.87 4.52
N ALA G 58 -7.53 15.77 4.19
CA ALA G 58 -8.40 16.95 4.12
C ALA G 58 -8.40 17.67 5.46
N ALA G 59 -8.49 16.92 6.55
CA ALA G 59 -8.56 17.49 7.88
C ALA G 59 -7.32 18.32 8.15
N LEU G 60 -6.16 17.72 7.91
CA LEU G 60 -4.89 18.34 8.22
C LEU G 60 -4.60 19.54 7.34
N ALA G 61 -5.02 19.46 6.08
CA ALA G 61 -4.81 20.55 5.13
C ALA G 61 -5.73 21.72 5.44
N ALA G 62 -6.89 21.44 6.05
CA ALA G 62 -7.82 22.48 6.49
C ALA G 62 -7.22 23.29 7.63
N GLU G 63 -6.56 22.61 8.56
CA GLU G 63 -5.85 23.31 9.64
C GLU G 63 -4.80 24.26 9.08
N ASP G 64 -4.00 23.81 8.10
CA ASP G 64 -2.97 24.65 7.45
C ASP G 64 -3.57 25.85 6.73
N ALA G 65 -4.81 25.70 6.28
CA ALA G 65 -5.52 26.77 5.59
C ALA G 65 -6.17 27.78 6.51
N GLY G 66 -6.22 27.52 7.82
CA GLY G 66 -6.81 28.45 8.79
C GLY G 66 -7.97 27.95 9.64
N ALA G 67 -8.38 26.70 9.46
CA ALA G 67 -9.46 26.14 10.27
C ALA G 67 -8.97 26.06 11.70
N ASP G 68 -9.85 26.36 12.65
CA ASP G 68 -9.52 26.35 14.07
C ASP G 68 -9.85 25.02 14.69
N ALA G 69 -10.74 24.27 14.03
CA ALA G 69 -11.13 22.95 14.49
C ALA G 69 -11.51 22.08 13.30
N ILE G 70 -11.36 20.77 13.49
CA ILE G 70 -11.83 19.79 12.54
C ILE G 70 -13.02 19.05 13.12
N THR G 71 -14.10 18.99 12.35
CA THR G 71 -15.32 18.34 12.78
C THR G 71 -15.57 17.10 11.94
N LEU G 72 -15.95 16.02 12.61
CA LEU G 72 -16.32 14.79 11.94
C LEU G 72 -17.41 14.09 12.72
N HIS G 73 -18.37 13.53 12.00
CA HIS G 73 -19.47 12.79 12.57
C HIS G 73 -19.27 11.29 12.34
N LEU G 74 -18.90 10.58 13.40
CA LEU G 74 -18.86 9.12 13.41
C LEU G 74 -20.27 8.61 13.70
N ARG G 75 -21.01 8.27 12.66
CA ARG G 75 -22.38 7.77 12.79
C ARG G 75 -22.38 6.32 13.24
N GLU G 76 -23.47 5.92 13.90
CA GLU G 76 -23.63 4.53 14.38
C GLU G 76 -23.64 3.53 13.21
N ASP G 77 -24.18 3.94 12.05
CA ASP G 77 -24.14 3.09 10.83
C ASP G 77 -22.86 3.27 9.98
N ARG G 78 -21.98 4.19 10.37
CA ARG G 78 -20.70 4.38 9.68
C ARG G 78 -20.91 4.72 8.19
N ARG G 79 -21.89 5.56 7.89
CA ARG G 79 -22.24 5.85 6.49
C ARG G 79 -21.15 6.61 5.74
N HIS G 80 -20.50 7.60 6.38
CA HIS G 80 -19.35 8.27 5.74
C HIS G 80 -18.05 8.07 6.49
N ILE G 81 -17.91 8.69 7.65
CA ILE G 81 -16.71 8.55 8.48
C ILE G 81 -16.74 7.21 9.19
N VAL G 82 -15.59 6.56 9.28
CA VAL G 82 -15.46 5.26 9.91
C VAL G 82 -14.49 5.36 11.08
N ASP G 83 -14.39 4.30 11.88
CA ASP G 83 -13.57 4.34 13.10
C ASP G 83 -12.10 4.59 12.78
N ALA G 84 -11.61 3.99 11.70
CA ALA G 84 -10.21 4.20 11.30
C ALA G 84 -9.91 5.69 11.04
N ASP G 85 -10.85 6.39 10.40
CA ASP G 85 -10.64 7.82 10.12
C ASP G 85 -10.41 8.58 11.42
N VAL G 86 -11.28 8.35 12.40
CA VAL G 86 -11.24 9.09 13.66
C VAL G 86 -10.03 8.71 14.50
N ARG G 87 -9.73 7.42 14.55
CA ARG G 87 -8.59 6.92 15.33
C ARG G 87 -7.25 7.40 14.74
N THR G 88 -7.13 7.40 13.42
CA THR G 88 -5.87 7.77 12.76
C THR G 88 -5.66 9.30 12.76
N LEU G 89 -6.75 10.05 12.60
CA LEU G 89 -6.69 11.52 12.63
C LEU G 89 -6.36 12.11 14.01
N ARG G 90 -6.80 11.46 15.09
CA ARG G 90 -6.77 12.07 16.42
C ARG G 90 -5.38 12.50 16.93
N PRO G 91 -4.39 11.59 16.91
CA PRO G 91 -3.04 11.95 17.33
C PRO G 91 -2.36 13.01 16.45
N ARG G 92 -2.83 13.17 15.20
CA ARG G 92 -2.22 14.09 14.23
C ARG G 92 -2.83 15.49 14.22
N VAL G 93 -3.94 15.65 14.92
CA VAL G 93 -4.65 16.93 14.98
C VAL G 93 -3.80 18.00 15.66
N LYS G 94 -3.60 19.10 14.94
CA LYS G 94 -2.77 20.21 15.38
C LYS G 94 -3.60 21.30 16.05
N THR G 95 -4.90 21.30 15.78
CA THR G 95 -5.80 22.31 16.36
C THR G 95 -6.68 21.63 17.39
N ARG G 96 -7.93 21.35 17.05
CA ARG G 96 -8.75 20.51 17.91
C ARG G 96 -9.79 19.73 17.11
N MET G 97 -10.11 18.54 17.62
CA MET G 97 -11.10 17.68 17.02
C MET G 97 -12.44 17.88 17.72
N ASN G 98 -13.47 18.05 16.90
CA ASN G 98 -14.83 18.13 17.36
C ASN G 98 -15.60 16.90 16.84
N LEU G 99 -15.88 15.96 17.74
CA LEU G 99 -16.48 14.70 17.36
C LEU G 99 -17.97 14.83 17.53
N GLU G 100 -18.71 14.68 16.43
CA GLU G 100 -20.16 14.59 16.49
C GLU G 100 -20.49 13.12 16.68
N CYS G 101 -21.29 12.81 17.70
CA CYS G 101 -21.77 11.44 17.91
C CYS G 101 -23.15 11.44 18.59
N ALA G 102 -23.79 10.26 18.59
CA ALA G 102 -25.14 10.10 19.11
C ALA G 102 -25.13 9.76 20.60
N VAL G 103 -26.26 10.02 21.26
CA VAL G 103 -26.39 9.75 22.69
C VAL G 103 -26.78 8.27 22.89
N THR G 104 -25.81 7.38 22.71
CA THR G 104 -25.96 5.96 23.02
C THR G 104 -24.64 5.45 23.56
N PRO G 105 -24.67 4.42 24.42
CA PRO G 105 -23.47 3.92 25.07
C PRO G 105 -22.28 3.66 24.13
N GLU G 106 -22.49 2.88 23.07
CA GLU G 106 -21.41 2.51 22.14
C GLU G 106 -20.59 3.71 21.67
N MET G 107 -21.29 4.77 21.23
CA MET G 107 -20.62 5.91 20.64
C MET G 107 -20.05 6.82 21.72
N LEU G 108 -20.75 6.94 22.85
CA LEU G 108 -20.22 7.70 23.98
C LEU G 108 -18.95 7.05 24.52
N ASP G 109 -18.95 5.73 24.62
CA ASP G 109 -17.76 4.99 25.03
C ASP G 109 -16.62 5.19 24.03
N ILE G 110 -16.95 5.21 22.75
CA ILE G 110 -15.93 5.51 21.74
C ILE G 110 -15.40 6.95 21.91
N ALA G 111 -16.30 7.92 22.06
CA ALA G 111 -15.89 9.31 22.23
C ALA G 111 -14.94 9.50 23.42
N CYS G 112 -15.23 8.78 24.52
CA CYS G 112 -14.35 8.79 25.69
C CYS G 112 -12.98 8.14 25.40
N GLU G 113 -12.95 7.13 24.55
CA GLU G 113 -11.68 6.52 24.12
C GLU G 113 -10.85 7.54 23.35
N ILE G 114 -11.48 8.22 22.41
CA ILE G 114 -10.79 9.14 21.51
C ILE G 114 -10.29 10.39 22.26
N ARG G 115 -11.02 10.81 23.29
CA ARG G 115 -10.73 12.05 24.01
C ARG G 115 -10.60 13.25 23.08
N PRO G 116 -11.57 13.43 22.18
CA PRO G 116 -11.49 14.63 21.36
C PRO G 116 -11.57 15.85 22.25
N HIS G 117 -11.04 16.96 21.77
CA HIS G 117 -11.09 18.21 22.52
C HIS G 117 -12.56 18.63 22.74
N ASP G 118 -13.36 18.58 21.68
CA ASP G 118 -14.78 18.88 21.74
C ASP G 118 -15.61 17.68 21.30
N ALA G 119 -16.84 17.62 21.80
CA ALA G 119 -17.84 16.69 21.30
C ALA G 119 -19.12 17.48 21.08
N CYS G 120 -19.86 17.13 20.03
CA CYS G 120 -21.19 17.68 19.79
C CYS G 120 -22.22 16.55 19.69
N LEU G 121 -23.10 16.47 20.67
CA LEU G 121 -24.15 15.46 20.70
C LEU G 121 -25.25 15.85 19.72
N VAL G 122 -25.59 14.92 18.84
CA VAL G 122 -26.54 15.15 17.74
C VAL G 122 -27.53 13.99 17.63
N PRO G 123 -28.72 14.26 17.07
CA PRO G 123 -29.67 13.18 16.91
C PRO G 123 -29.42 12.37 15.64
N GLU G 124 -29.55 11.06 15.74
CA GLU G 124 -29.46 10.18 14.56
C GLU G 124 -30.73 9.38 14.30
N LYS G 125 -31.49 9.07 15.34
CA LYS G 125 -32.76 8.35 15.19
C LYS G 125 -33.96 9.28 15.29
N ARG G 126 -35.05 8.88 14.63
CA ARG G 126 -36.28 9.66 14.60
C ARG G 126 -36.81 9.98 16.01
N SER G 127 -36.62 9.04 16.95
CA SER G 127 -37.05 9.21 18.34
C SER G 127 -36.19 10.17 19.20
N GLU G 128 -35.12 10.74 18.64
CA GLU G 128 -34.23 11.63 19.39
C GLU G 128 -34.25 13.06 18.89
N LEU G 129 -35.02 13.34 17.84
CA LEU G 129 -35.01 14.66 17.22
C LEU G 129 -36.38 15.32 17.15
N THR G 130 -36.37 16.65 17.03
CA THR G 130 -37.59 17.43 16.87
C THR G 130 -38.01 17.46 15.39
N THR G 131 -39.15 18.05 15.10
CA THR G 131 -39.62 18.22 13.72
C THR G 131 -38.67 19.16 12.94
N GLU G 132 -38.11 20.14 13.64
CA GLU G 132 -37.09 21.02 13.05
C GLU G 132 -35.73 20.31 12.84
N GLY G 133 -35.43 19.27 13.63
CA GLY G 133 -34.23 18.45 13.42
C GLY G 133 -33.20 18.47 14.55
N GLY G 134 -33.35 19.38 15.50
CA GLY G 134 -32.45 19.42 16.65
C GLY G 134 -32.59 18.21 17.55
N LEU G 135 -31.65 18.05 18.48
CA LEU G 135 -31.76 17.02 19.51
C LEU G 135 -32.87 17.39 20.51
N ASP G 136 -33.80 16.49 20.75
CA ASP G 136 -34.88 16.75 21.69
C ASP G 136 -34.34 16.63 23.12
N VAL G 137 -33.75 17.71 23.62
CA VAL G 137 -33.04 17.66 24.89
C VAL G 137 -34.02 17.59 26.04
N VAL G 138 -35.03 18.47 26.01
CA VAL G 138 -36.11 18.44 26.99
C VAL G 138 -36.67 17.02 27.08
N GLY G 139 -36.83 16.35 25.94
CA GLY G 139 -37.44 15.01 25.91
C GLY G 139 -36.55 13.84 26.30
N HIS G 140 -35.23 14.05 26.27
CA HIS G 140 -34.28 13.02 26.64
C HIS G 140 -33.33 13.56 27.69
N PHE G 141 -33.87 14.37 28.59
CA PHE G 141 -33.06 15.10 29.54
C PHE G 141 -32.10 14.25 30.35
N ASP G 142 -32.62 13.21 31.00
CA ASP G 142 -31.80 12.35 31.86
C ASP G 142 -30.67 11.66 31.06
N ALA G 143 -30.97 11.13 29.89
CA ALA G 143 -29.93 10.56 28.98
C ALA G 143 -28.85 11.57 28.60
N VAL G 144 -29.25 12.78 28.20
CA VAL G 144 -28.27 13.82 27.79
C VAL G 144 -27.43 14.34 28.96
N ARG G 145 -28.07 14.64 30.09
CA ARG G 145 -27.31 15.00 31.30
C ARG G 145 -26.26 13.96 31.66
N ALA G 146 -26.63 12.69 31.62
CA ALA G 146 -25.68 11.58 31.90
C ALA G 146 -24.50 11.59 30.91
N ALA G 147 -24.82 11.71 29.61
CA ALA G 147 -23.82 11.82 28.54
C ALA G 147 -22.85 13.00 28.71
N CYS G 148 -23.39 14.14 29.14
CA CYS G 148 -22.58 15.34 29.39
C CYS G 148 -21.63 15.11 30.55
N LYS G 149 -22.11 14.39 31.56
CA LYS G 149 -21.30 14.01 32.74
C LYS G 149 -20.18 13.07 32.32
N GLN G 150 -20.53 12.03 31.57
CA GLN G 150 -19.58 11.01 31.15
C GLN G 150 -18.46 11.63 30.33
N LEU G 151 -18.83 12.48 29.38
CA LEU G 151 -17.86 13.11 28.50
C LEU G 151 -17.01 14.15 29.21
N ALA G 152 -17.61 14.91 30.14
CA ALA G 152 -16.86 15.91 30.91
C ALA G 152 -15.85 15.25 31.83
N ASP G 153 -16.20 14.07 32.35
CA ASP G 153 -15.29 13.28 33.18
C ASP G 153 -14.14 12.65 32.36
N ALA G 154 -14.31 12.56 31.05
CA ALA G 154 -13.22 12.20 30.14
C ALA G 154 -12.49 13.44 29.59
N GLY G 155 -12.82 14.63 30.10
CA GLY G 155 -12.09 15.84 29.72
C GLY G 155 -12.50 16.42 28.40
N VAL G 156 -13.61 15.93 27.84
CA VAL G 156 -14.17 16.42 26.60
C VAL G 156 -15.15 17.56 26.89
N ARG G 157 -15.11 18.62 26.08
CA ARG G 157 -15.99 19.75 26.31
C ARG G 157 -17.23 19.65 25.37
N VAL G 158 -18.41 19.62 25.99
CA VAL G 158 -19.58 19.10 25.31
C VAL G 158 -20.49 20.21 24.78
N SER G 159 -20.84 20.08 23.50
CA SER G 159 -21.84 20.91 22.85
C SER G 159 -23.06 20.05 22.56
N LEU G 160 -24.23 20.69 22.59
CA LEU G 160 -25.49 20.03 22.25
C LEU G 160 -26.07 20.73 21.02
N PHE G 161 -26.38 19.94 20.00
CA PHE G 161 -26.96 20.44 18.75
C PHE G 161 -28.47 20.52 18.93
N ILE G 162 -29.00 21.74 18.92
CA ILE G 162 -30.40 21.99 19.22
C ILE G 162 -30.99 23.08 18.35
N ASP G 163 -32.32 23.15 18.34
CA ASP G 163 -33.04 24.18 17.61
C ASP G 163 -32.92 25.48 18.37
N PRO G 164 -33.15 26.61 17.70
CA PRO G 164 -33.14 27.87 18.41
C PRO G 164 -34.46 28.18 19.13
N ASP G 165 -34.96 27.21 19.91
CA ASP G 165 -36.18 27.37 20.71
C ASP G 165 -35.78 27.48 22.18
N GLU G 166 -36.40 28.43 22.88
CA GLU G 166 -36.08 28.75 24.27
C GLU G 166 -36.16 27.54 25.20
N ALA G 167 -37.14 26.67 25.00
CA ALA G 167 -37.32 25.51 25.86
C ALA G 167 -36.11 24.57 25.79
N GLN G 168 -35.53 24.43 24.59
CA GLN G 168 -34.36 23.54 24.39
C GLN G 168 -33.04 24.18 24.86
N ILE G 169 -32.92 25.50 24.72
CA ILE G 169 -31.73 26.21 25.20
C ILE G 169 -31.65 26.19 26.73
N ARG G 170 -32.81 26.33 27.38
CA ARG G 170 -32.88 26.28 28.83
C ARG G 170 -32.54 24.90 29.35
N ALA G 171 -33.10 23.88 28.71
CA ALA G 171 -32.79 22.51 29.09
C ALA G 171 -31.30 22.23 28.86
N ALA G 172 -30.75 22.68 27.73
CA ALA G 172 -29.32 22.48 27.45
C ALA G 172 -28.49 22.97 28.64
N HIS G 173 -28.82 24.16 29.12
CA HIS G 173 -28.18 24.74 30.31
C HIS G 173 -28.37 23.84 31.55
N GLU G 174 -29.57 23.30 31.72
CA GLU G 174 -29.88 22.36 32.81
C GLU G 174 -29.00 21.08 32.78
N THR G 175 -28.50 20.70 31.60
CA THR G 175 -27.72 19.45 31.48
C THR G 175 -26.29 19.55 31.99
N GLY G 176 -25.76 20.78 32.04
CA GLY G 176 -24.37 20.99 32.48
C GLY G 176 -23.42 21.23 31.32
N ALA G 177 -23.88 20.90 30.10
CA ALA G 177 -23.16 21.16 28.87
C ALA G 177 -22.80 22.63 28.72
N PRO G 178 -21.49 22.93 28.54
CA PRO G 178 -21.04 24.32 28.42
C PRO G 178 -21.30 25.00 27.07
N VAL G 179 -21.74 24.25 26.06
CA VAL G 179 -21.87 24.78 24.70
C VAL G 179 -23.15 24.32 24.02
N ILE G 180 -23.72 25.17 23.17
CA ILE G 180 -24.82 24.77 22.30
C ILE G 180 -24.49 25.14 20.87
N GLU G 181 -24.96 24.34 19.93
CA GLU G 181 -24.85 24.69 18.51
C GLU G 181 -26.25 24.77 17.92
N LEU G 182 -26.58 25.93 17.36
CA LEU G 182 -27.91 26.22 16.86
C LEU G 182 -28.10 25.71 15.45
N HIS G 183 -29.26 25.12 15.20
CA HIS G 183 -29.59 24.51 13.93
C HIS G 183 -29.99 25.61 12.94
N THR G 184 -29.03 26.02 12.12
CA THR G 184 -29.23 27.10 11.16
C THR G 184 -29.87 26.61 9.86
N GLY G 185 -30.26 25.33 9.81
CA GLY G 185 -30.80 24.74 8.60
C GLY G 185 -32.02 25.41 8.02
N ARG G 186 -32.87 25.95 8.90
CA ARG G 186 -34.10 26.59 8.48
C ARG G 186 -33.80 27.98 7.94
N TYR G 187 -32.89 28.68 8.60
CA TYR G 187 -32.32 29.91 8.05
C TYR G 187 -31.74 29.65 6.66
N ALA G 188 -30.85 28.66 6.57
CA ALA G 188 -30.15 28.34 5.31
C ALA G 188 -31.07 27.96 4.16
N ASP G 189 -32.18 27.29 4.48
CA ASP G 189 -33.14 26.81 3.47
C ASP G 189 -34.24 27.81 3.15
N ALA G 190 -34.20 28.98 3.78
CA ALA G 190 -35.28 29.97 3.61
C ALA G 190 -35.57 30.24 2.14
N HIS G 191 -36.86 30.31 1.80
CA HIS G 191 -37.30 30.40 0.40
C HIS G 191 -37.52 31.84 -0.09
N ASP G 192 -37.46 32.81 0.82
CA ASP G 192 -37.51 34.23 0.42
C ASP G 192 -36.84 35.13 1.47
N ALA G 193 -36.70 36.41 1.13
CA ALA G 193 -36.07 37.38 2.02
C ALA G 193 -36.79 37.52 3.37
N ALA G 194 -38.12 37.52 3.33
CA ALA G 194 -38.94 37.67 4.52
C ALA G 194 -38.74 36.48 5.46
N GLU G 195 -38.91 35.27 4.93
CA GLU G 195 -38.64 34.06 5.69
C GLU G 195 -37.22 34.04 6.25
N GLN G 196 -36.26 34.52 5.47
CA GLN G 196 -34.88 34.52 5.94
C GLN G 196 -34.66 35.50 7.10
N GLN G 197 -35.34 36.64 7.10
CA GLN G 197 -35.29 37.55 8.26
C GLN G 197 -35.90 36.90 9.51
N ARG G 198 -37.13 36.39 9.38
CA ARG G 198 -37.78 35.70 10.49
CA ARG G 198 -37.80 35.65 10.46
C ARG G 198 -36.85 34.66 11.12
N GLU G 199 -36.27 33.78 10.30
CA GLU G 199 -35.38 32.73 10.80
C GLU G 199 -34.09 33.30 11.36
N PHE G 200 -33.56 34.35 10.74
CA PHE G 200 -32.38 35.02 11.25
C PHE G 200 -32.63 35.57 12.65
N GLU G 201 -33.81 36.12 12.87
CA GLU G 201 -34.18 36.69 14.17
C GLU G 201 -34.21 35.59 15.23
N ARG G 202 -34.73 34.41 14.86
CA ARG G 202 -34.71 33.24 15.76
C ARG G 202 -33.28 32.88 16.16
N ILE G 203 -32.36 32.87 15.20
CA ILE G 203 -30.96 32.54 15.54
C ILE G 203 -30.38 33.63 16.42
N ALA G 204 -30.63 34.89 16.09
CA ALA G 204 -30.12 36.02 16.89
C ALA G 204 -30.61 35.97 18.33
N THR G 205 -31.90 35.77 18.54
CA THR G 205 -32.44 35.78 19.90
C THR G 205 -32.03 34.48 20.64
N GLY G 206 -31.94 33.38 19.90
CA GLY G 206 -31.30 32.15 20.40
C GLY G 206 -29.90 32.37 20.95
N VAL G 207 -29.10 33.19 20.28
CA VAL G 207 -27.76 33.51 20.75
C VAL G 207 -27.83 34.30 22.06
N ASP G 208 -28.59 35.39 22.06
CA ASP G 208 -28.83 36.21 23.27
C ASP G 208 -29.20 35.33 24.47
N ALA G 209 -30.22 34.51 24.26
CA ALA G 209 -30.71 33.59 25.30
C ALA G 209 -29.64 32.63 25.82
N GLY G 210 -28.76 32.16 24.93
CA GLY G 210 -27.69 31.24 25.32
C GLY G 210 -26.57 31.90 26.10
N ILE G 211 -26.16 33.07 25.62
CA ILE G 211 -25.16 33.87 26.29
C ILE G 211 -25.64 34.33 27.67
N ALA G 212 -26.95 34.58 27.80
CA ALA G 212 -27.54 35.00 29.07
C ALA G 212 -27.44 33.92 30.16
N LEU G 213 -27.46 32.64 29.75
CA LEU G 213 -27.26 31.53 30.68
C LEU G 213 -25.79 31.12 30.84
N GLY G 214 -24.88 31.81 30.16
CA GLY G 214 -23.45 31.48 30.26
C GLY G 214 -22.97 30.39 29.32
N LEU G 215 -23.77 30.04 28.33
CA LEU G 215 -23.37 29.09 27.29
C LEU G 215 -22.52 29.76 26.21
N LYS G 216 -21.57 29.00 25.67
CA LYS G 216 -20.97 29.32 24.38
C LYS G 216 -21.96 28.88 23.30
N VAL G 217 -22.14 29.69 22.26
CA VAL G 217 -23.06 29.31 21.20
C VAL G 217 -22.38 29.24 19.82
N ASN G 218 -22.59 28.11 19.16
CA ASN G 218 -22.10 27.85 17.83
C ASN G 218 -23.27 27.78 16.87
N ALA G 219 -22.94 27.58 15.60
CA ALA G 219 -23.91 27.39 14.53
C ALA G 219 -23.16 26.70 13.40
N GLY G 220 -23.83 26.43 12.29
CA GLY G 220 -23.12 25.91 11.13
C GLY G 220 -23.92 25.20 10.06
N HIS G 221 -24.90 24.40 10.47
CA HIS G 221 -25.67 23.57 9.53
C HIS G 221 -26.26 24.40 8.39
N GLY G 222 -25.89 24.06 7.15
CA GLY G 222 -26.46 24.65 5.95
C GLY G 222 -25.87 25.97 5.51
N LEU G 223 -24.90 26.49 6.25
CA LEU G 223 -24.32 27.77 5.92
C LEU G 223 -23.36 27.65 4.73
N HIS G 224 -23.36 28.66 3.88
CA HIS G 224 -22.52 28.66 2.69
C HIS G 224 -21.95 30.08 2.40
N TYR G 225 -21.42 30.27 1.21
CA TYR G 225 -20.61 31.45 0.91
C TYR G 225 -21.41 32.75 0.71
N THR G 226 -22.74 32.67 0.65
CA THR G 226 -23.55 33.89 0.59
C THR G 226 -24.58 34.04 1.72
N ASN G 227 -24.60 33.13 2.69
CA ASN G 227 -25.46 33.31 3.86
C ASN G 227 -24.74 33.27 5.21
N VAL G 228 -23.44 32.99 5.21
CA VAL G 228 -22.67 32.94 6.46
C VAL G 228 -22.43 34.33 7.03
N GLN G 229 -22.47 35.36 6.18
CA GLN G 229 -22.08 36.72 6.58
C GLN G 229 -22.96 37.31 7.68
N ALA G 230 -24.28 37.22 7.50
CA ALA G 230 -25.22 37.72 8.53
C ALA G 230 -25.08 36.99 9.86
N ILE G 231 -24.70 35.70 9.82
CA ILE G 231 -24.51 34.91 11.03
C ILE G 231 -23.18 35.22 11.70
N ALA G 232 -22.15 35.42 10.86
CA ALA G 232 -20.84 35.82 11.34
C ALA G 232 -20.85 37.23 11.97
N ALA G 233 -21.77 38.09 11.52
CA ALA G 233 -21.91 39.44 12.07
C ALA G 233 -22.47 39.47 13.50
N LEU G 234 -23.03 38.36 13.97
CA LEU G 234 -23.54 38.26 15.34
C LEU G 234 -22.41 38.09 16.35
N PRO G 235 -22.15 39.12 17.17
CA PRO G 235 -20.98 39.04 18.07
C PRO G 235 -20.96 37.88 19.07
N GLY G 236 -22.14 37.32 19.36
CA GLY G 236 -22.25 36.23 20.33
C GLY G 236 -21.83 34.84 19.86
N ILE G 237 -21.74 34.65 18.55
CA ILE G 237 -21.39 33.36 17.97
C ILE G 237 -19.88 33.08 18.06
N ALA G 238 -19.51 32.03 18.79
CA ALA G 238 -18.10 31.68 18.98
C ALA G 238 -17.50 31.01 17.74
N GLU G 239 -18.16 29.97 17.26
CA GLU G 239 -17.61 29.11 16.21
C GLU G 239 -18.68 28.70 15.21
N LEU G 240 -18.34 28.74 13.92
CA LEU G 240 -19.18 28.16 12.87
C LEU G 240 -18.56 26.87 12.38
N ASN G 241 -19.33 25.79 12.47
CA ASN G 241 -18.91 24.48 12.02
C ASN G 241 -19.58 24.25 10.67
N ILE G 242 -18.79 24.32 9.59
CA ILE G 242 -19.36 24.22 8.25
C ILE G 242 -18.77 23.04 7.48
N GLY G 243 -19.64 22.37 6.71
CA GLY G 243 -19.30 21.12 6.06
C GLY G 243 -19.46 21.15 4.57
N HIS G 244 -20.68 20.89 4.12
CA HIS G 244 -20.92 20.60 2.71
C HIS G 244 -20.60 21.76 1.75
N ALA G 245 -20.85 22.99 2.17
CA ALA G 245 -20.57 24.15 1.30
C ALA G 245 -19.10 24.19 0.92
N ILE G 246 -18.21 23.88 1.86
CA ILE G 246 -16.78 23.94 1.61
C ILE G 246 -16.34 22.83 0.66
N VAL G 247 -16.82 21.61 0.89
CA VAL G 247 -16.44 20.51 0.01
C VAL G 247 -16.99 20.77 -1.40
N ALA G 248 -18.17 21.37 -1.48
CA ALA G 248 -18.81 21.64 -2.75
C ALA G 248 -18.03 22.71 -3.51
N HIS G 249 -17.56 23.71 -2.77
CA HIS G 249 -16.77 24.78 -3.37
C HIS G 249 -15.40 24.19 -3.75
N ALA G 250 -14.82 23.39 -2.86
CA ALA G 250 -13.50 22.80 -3.07
C ALA G 250 -13.35 22.02 -4.39
N VAL G 251 -14.42 21.36 -4.84
CA VAL G 251 -14.40 20.61 -6.08
C VAL G 251 -13.98 21.49 -7.27
N PHE G 252 -14.39 22.75 -7.26
CA PHE G 252 -14.06 23.67 -8.34
C PHE G 252 -12.79 24.49 -8.08
N VAL G 253 -12.53 24.85 -6.82
CA VAL G 253 -11.47 25.82 -6.51
C VAL G 253 -10.30 25.25 -5.73
N GLY G 254 -10.46 24.02 -5.23
CA GLY G 254 -9.43 23.39 -4.40
C GLY G 254 -9.68 23.64 -2.91
N TRP G 255 -9.31 22.65 -2.10
CA TRP G 255 -9.66 22.58 -0.69
C TRP G 255 -9.09 23.72 0.14
N ASP G 256 -7.79 23.95 0.00
CA ASP G 256 -7.10 24.97 0.77
C ASP G 256 -7.79 26.31 0.50
N ASN G 257 -8.13 26.56 -0.75
CA ASN G 257 -8.72 27.83 -1.13
C ASN G 257 -10.13 28.00 -0.60
N ALA G 258 -10.91 26.92 -0.60
CA ALA G 258 -12.28 26.98 -0.17
C ALA G 258 -12.34 27.19 1.34
N VAL G 259 -11.40 26.61 2.06
CA VAL G 259 -11.34 26.78 3.51
C VAL G 259 -10.88 28.19 3.88
N ARG G 260 -9.79 28.65 3.27
CA ARG G 260 -9.21 29.97 3.58
C ARG G 260 -10.21 31.08 3.29
N GLU G 261 -10.94 30.92 2.20
CA GLU G 261 -11.87 31.92 1.71
C GLU G 261 -13.11 31.98 2.60
N MET G 262 -13.52 30.84 3.14
CA MET G 262 -14.64 30.82 4.07
C MET G 262 -14.22 31.53 5.37
N LYS G 263 -13.05 31.20 5.89
CA LYS G 263 -12.52 31.88 7.07
C LYS G 263 -12.42 33.39 6.89
N ALA G 264 -11.92 33.83 5.72
CA ALA G 264 -11.70 35.26 5.47
C ALA G 264 -12.99 36.04 5.37
N ILE G 265 -14.02 35.42 4.81
CA ILE G 265 -15.35 36.03 4.76
C ILE G 265 -15.95 36.11 6.18
N MET G 266 -15.68 35.10 7.00
CA MET G 266 -16.18 35.10 8.37
C MET G 266 -15.53 36.20 9.18
N VAL G 267 -14.20 36.29 9.08
CA VAL G 267 -13.46 37.31 9.80
C VAL G 267 -13.86 38.70 9.32
N ALA G 268 -14.00 38.88 8.00
CA ALA G 268 -14.33 40.19 7.43
C ALA G 268 -15.66 40.69 7.96
N ALA G 269 -16.67 39.82 7.95
CA ALA G 269 -18.00 40.16 8.42
C ALA G 269 -18.04 40.43 9.93
N ARG G 270 -17.33 39.63 10.70
CA ARG G 270 -17.31 39.76 12.15
C ARG G 270 -16.68 41.09 12.55
N VAL G 271 -15.42 41.30 12.12
CA VAL G 271 -14.66 42.49 12.47
C VAL G 271 -15.37 43.80 12.05
N ALA G 272 -15.99 43.80 10.88
CA ALA G 272 -16.64 44.99 10.38
C ALA G 272 -17.94 45.27 11.14
N ALA G 273 -18.57 44.21 11.66
CA ALA G 273 -19.75 44.35 12.50
C ALA G 273 -19.41 44.97 13.85
N LEU G 274 -18.20 44.75 14.35
CA LEU G 274 -17.77 45.33 15.64
C LEU G 274 -17.37 46.80 15.57
N HIS G 275 -16.93 47.30 14.42
CA HIS G 275 -16.37 48.66 14.31
C HIS G 275 -17.29 49.60 13.53
N ALA H 30 16.48 -6.09 -5.90
CA ALA H 30 16.82 -7.07 -4.83
C ALA H 30 18.25 -6.84 -4.37
N ALA H 31 18.42 -6.64 -3.07
CA ALA H 31 19.71 -6.20 -2.51
C ALA H 31 20.84 -7.18 -2.79
N ILE H 32 20.50 -8.46 -2.85
CA ILE H 32 21.45 -9.53 -3.15
C ILE H 32 20.64 -10.70 -3.72
N ASP H 33 21.20 -11.38 -4.70
CA ASP H 33 20.49 -12.47 -5.38
C ASP H 33 20.78 -13.84 -4.75
N LEU H 34 19.77 -14.69 -4.75
CA LEU H 34 19.90 -16.07 -4.30
C LEU H 34 19.61 -17.01 -5.46
N GLY H 35 20.61 -17.79 -5.85
CA GLY H 35 20.40 -18.90 -6.74
C GLY H 35 20.28 -20.13 -5.90
N VAL H 36 19.26 -20.96 -6.14
CA VAL H 36 19.04 -22.17 -5.33
C VAL H 36 19.42 -23.39 -6.15
N ASN H 37 20.38 -24.16 -5.66
CA ASN H 37 20.89 -25.29 -6.40
C ASN H 37 20.05 -26.48 -6.01
N ILE H 38 19.44 -27.11 -7.01
CA ILE H 38 18.50 -28.23 -6.79
C ILE H 38 19.12 -29.64 -6.95
N ASP H 39 20.44 -29.74 -7.09
CA ASP H 39 21.11 -31.03 -7.40
C ASP H 39 20.70 -32.14 -6.44
N HIS H 40 20.70 -31.82 -5.15
CA HIS H 40 20.54 -32.81 -4.09
C HIS H 40 19.09 -33.20 -3.81
N VAL H 41 18.15 -32.49 -4.42
CA VAL H 41 16.79 -33.02 -4.52
C VAL H 41 16.89 -34.27 -5.42
N ALA H 42 17.55 -34.12 -6.57
CA ALA H 42 17.84 -35.25 -7.46
C ALA H 42 18.62 -36.38 -6.80
N THR H 43 19.50 -36.06 -5.85
CA THR H 43 20.24 -37.10 -5.13
C THR H 43 19.30 -38.03 -4.39
N LEU H 44 18.32 -37.41 -3.72
CA LEU H 44 17.25 -38.11 -3.01
C LEU H 44 16.38 -38.96 -3.97
N ARG H 45 15.95 -38.35 -5.07
CA ARG H 45 15.17 -39.06 -6.06
C ARG H 45 15.91 -40.27 -6.63
N ASN H 46 17.16 -40.09 -7.02
CA ASN H 46 17.91 -41.17 -7.65
C ASN H 46 18.19 -42.34 -6.69
N ALA H 47 18.11 -42.10 -5.38
CA ALA H 47 18.31 -43.17 -4.38
C ALA H 47 17.17 -44.19 -4.39
N ARG H 48 16.02 -43.81 -4.91
CA ARG H 48 14.85 -44.71 -4.95
C ARG H 48 14.50 -45.14 -6.37
N GLY H 49 14.66 -44.26 -7.36
CA GLY H 49 14.32 -44.59 -8.74
C GLY H 49 12.95 -44.13 -9.24
N THR H 50 12.12 -43.58 -8.34
CA THR H 50 10.86 -42.95 -8.74
C THR H 50 11.12 -41.53 -9.26
N ALA H 51 10.06 -40.83 -9.63
CA ALA H 51 10.17 -39.42 -9.99
C ALA H 51 10.30 -38.49 -8.77
N TYR H 52 10.17 -39.02 -7.55
CA TYR H 52 9.99 -38.18 -6.36
C TYR H 52 11.14 -38.30 -5.38
N PRO H 53 11.54 -37.18 -4.73
CA PRO H 53 11.06 -35.81 -4.92
C PRO H 53 11.49 -35.21 -6.26
N ASP H 54 10.63 -34.39 -6.86
CA ASP H 54 10.84 -33.91 -8.22
C ASP H 54 11.61 -32.58 -8.26
N PRO H 55 12.83 -32.58 -8.82
CA PRO H 55 13.66 -31.37 -8.95
C PRO H 55 13.03 -30.24 -9.75
N VAL H 56 12.15 -30.59 -10.67
CA VAL H 56 11.47 -29.60 -11.48
C VAL H 56 10.50 -28.84 -10.60
N ARG H 57 9.81 -29.56 -9.72
CA ARG H 57 8.90 -28.92 -8.77
C ARG H 57 9.68 -28.06 -7.77
N ALA H 58 10.78 -28.59 -7.24
CA ALA H 58 11.60 -27.82 -6.29
C ALA H 58 12.04 -26.50 -6.90
N ALA H 59 12.42 -26.53 -8.18
CA ALA H 59 12.90 -25.37 -8.89
C ALA H 59 11.83 -24.29 -9.03
N LEU H 60 10.68 -24.67 -9.58
CA LEU H 60 9.63 -23.71 -9.82
C LEU H 60 9.09 -23.16 -8.49
N ALA H 61 9.08 -23.98 -7.45
CA ALA H 61 8.62 -23.55 -6.14
C ALA H 61 9.67 -22.70 -5.39
N ALA H 62 10.95 -22.88 -5.73
CA ALA H 62 11.96 -22.03 -5.14
C ALA H 62 11.82 -20.63 -5.71
N GLU H 63 11.46 -20.51 -6.99
CA GLU H 63 11.18 -19.20 -7.57
C GLU H 63 9.96 -18.56 -6.91
N ASP H 64 8.93 -19.35 -6.62
CA ASP H 64 7.74 -18.84 -5.90
C ASP H 64 8.10 -18.36 -4.50
N ALA H 65 9.13 -18.95 -3.90
CA ALA H 65 9.57 -18.59 -2.55
C ALA H 65 10.62 -17.46 -2.49
N GLY H 66 10.96 -16.88 -3.64
CA GLY H 66 11.85 -15.71 -3.68
C GLY H 66 13.27 -15.95 -4.18
N ALA H 67 13.54 -17.15 -4.69
CA ALA H 67 14.81 -17.44 -5.35
C ALA H 67 14.89 -16.61 -6.63
N ASP H 68 16.09 -16.10 -6.93
CA ASP H 68 16.31 -15.25 -8.11
C ASP H 68 16.81 -16.06 -9.30
N ALA H 69 17.31 -17.26 -9.02
CA ALA H 69 17.77 -18.17 -10.06
C ALA H 69 17.74 -19.60 -9.55
N ILE H 70 17.65 -20.52 -10.50
CA ILE H 70 17.77 -21.94 -10.21
C ILE H 70 19.08 -22.40 -10.80
N THR H 71 19.86 -23.11 -10.01
CA THR H 71 21.13 -23.63 -10.44
C THR H 71 21.02 -25.14 -10.46
N LEU H 72 21.54 -25.75 -11.50
CA LEU H 72 21.60 -27.20 -11.54
C LEU H 72 22.80 -27.68 -12.34
N HIS H 73 23.38 -28.78 -11.91
CA HIS H 73 24.61 -29.29 -12.49
C HIS H 73 24.35 -30.59 -13.23
N LEU H 74 24.25 -30.49 -14.56
CA LEU H 74 24.18 -31.68 -15.42
C LEU H 74 25.60 -32.24 -15.56
N ARG H 75 25.91 -33.24 -14.73
CA ARG H 75 27.21 -33.90 -14.78
C ARG H 75 27.31 -34.81 -16.00
N GLU H 76 28.53 -35.15 -16.41
CA GLU H 76 28.72 -36.04 -17.54
C GLU H 76 28.28 -37.45 -17.16
N ASP H 77 28.56 -37.85 -15.92
CA ASP H 77 28.06 -39.13 -15.38
C ASP H 77 26.58 -39.13 -14.93
N ARG H 78 25.89 -38.00 -15.05
CA ARG H 78 24.45 -37.90 -14.68
C ARG H 78 24.16 -38.44 -13.29
N ARG H 79 25.01 -38.11 -12.35
CA ARG H 79 24.93 -38.64 -10.99
C ARG H 79 23.57 -38.29 -10.34
N HIS H 80 23.16 -37.03 -10.45
CA HIS H 80 21.90 -36.56 -9.87
C HIS H 80 20.96 -35.99 -10.94
N ILE H 81 21.19 -34.75 -11.35
CA ILE H 81 20.40 -34.13 -12.41
C ILE H 81 20.66 -34.91 -13.71
N VAL H 82 19.58 -35.19 -14.44
CA VAL H 82 19.65 -35.85 -15.75
C VAL H 82 19.12 -34.90 -16.82
N ASP H 83 19.45 -35.22 -18.07
CA ASP H 83 19.18 -34.32 -19.19
C ASP H 83 17.72 -33.88 -19.24
N ALA H 84 16.83 -34.81 -18.96
CA ALA H 84 15.39 -34.53 -19.01
C ALA H 84 14.98 -33.46 -18.02
N ASP H 85 15.63 -33.44 -16.84
CA ASP H 85 15.36 -32.40 -15.85
C ASP H 85 15.59 -31.02 -16.45
N VAL H 86 16.72 -30.86 -17.13
CA VAL H 86 17.10 -29.56 -17.69
C VAL H 86 16.12 -29.11 -18.77
N ARG H 87 15.85 -30.00 -19.71
CA ARG H 87 14.97 -29.66 -20.84
C ARG H 87 13.53 -29.38 -20.43
N THR H 88 13.03 -30.13 -19.45
CA THR H 88 11.69 -29.86 -18.91
C THR H 88 11.67 -28.50 -18.24
N LEU H 89 12.68 -28.24 -17.44
CA LEU H 89 12.75 -27.04 -16.64
C LEU H 89 13.00 -25.78 -17.48
N ARG H 90 13.78 -25.90 -18.55
CA ARG H 90 14.23 -24.72 -19.29
C ARG H 90 13.13 -23.79 -19.78
N PRO H 91 12.09 -24.29 -20.45
CA PRO H 91 11.04 -23.37 -20.93
C PRO H 91 10.05 -22.91 -19.86
N ARG H 92 10.09 -23.51 -18.67
CA ARG H 92 9.14 -23.19 -17.59
C ARG H 92 9.72 -22.22 -16.58
N VAL H 93 11.01 -22.30 -16.35
CA VAL H 93 11.73 -21.33 -15.50
C VAL H 93 11.22 -19.90 -15.68
N LYS H 94 10.91 -19.24 -14.56
CA LYS H 94 10.30 -17.90 -14.58
C LYS H 94 11.26 -16.77 -14.17
N THR H 95 12.42 -17.12 -13.62
CA THR H 95 13.50 -16.16 -13.36
C THR H 95 14.67 -16.44 -14.32
N ARG H 96 15.73 -17.08 -13.84
CA ARG H 96 16.91 -17.41 -14.65
C ARG H 96 17.34 -18.84 -14.35
N MET H 97 17.79 -19.56 -15.38
CA MET H 97 18.45 -20.86 -15.20
C MET H 97 19.95 -20.69 -15.23
N ASN H 98 20.63 -21.29 -14.25
CA ASN H 98 22.10 -21.34 -14.21
C ASN H 98 22.61 -22.79 -14.32
N LEU H 99 23.14 -23.15 -15.49
CA LEU H 99 23.57 -24.53 -15.75
C LEU H 99 25.02 -24.66 -15.41
N GLU H 100 25.33 -25.53 -14.45
CA GLU H 100 26.71 -25.89 -14.19
C GLU H 100 27.08 -27.01 -15.15
N CYS H 101 28.23 -26.91 -15.79
CA CYS H 101 28.74 -28.01 -16.58
C CYS H 101 30.24 -27.96 -16.74
N ALA H 102 30.78 -29.10 -17.19
CA ALA H 102 32.19 -29.29 -17.42
C ALA H 102 32.61 -28.72 -18.77
N VAL H 103 33.90 -28.53 -18.94
CA VAL H 103 34.45 -28.04 -20.20
C VAL H 103 34.89 -29.25 -21.01
N THR H 104 33.89 -29.93 -21.60
CA THR H 104 34.10 -30.95 -22.63
C THR H 104 33.03 -30.72 -23.69
N PRO H 105 33.32 -31.15 -24.94
CA PRO H 105 32.41 -30.95 -26.09
C PRO H 105 30.96 -31.38 -25.86
N GLU H 106 30.75 -32.60 -25.35
CA GLU H 106 29.39 -33.15 -25.14
C GLU H 106 28.54 -32.19 -24.31
N MET H 107 29.06 -31.78 -23.15
CA MET H 107 28.28 -30.98 -22.21
C MET H 107 28.13 -29.53 -22.67
N LEU H 108 29.20 -28.96 -23.22
CA LEU H 108 29.14 -27.60 -23.78
C LEU H 108 28.15 -27.49 -24.94
N ASP H 109 28.04 -28.54 -25.74
CA ASP H 109 27.10 -28.53 -26.86
C ASP H 109 25.66 -28.64 -26.37
N ILE H 110 25.43 -29.42 -25.31
CA ILE H 110 24.12 -29.49 -24.67
C ILE H 110 23.72 -28.10 -24.13
N ALA H 111 24.66 -27.44 -23.45
CA ALA H 111 24.42 -26.11 -22.90
C ALA H 111 24.03 -25.10 -23.97
N CYS H 112 24.72 -25.13 -25.11
CA CYS H 112 24.40 -24.25 -26.23
C CYS H 112 23.05 -24.57 -26.90
N GLU H 113 22.65 -25.84 -26.87
CA GLU H 113 21.33 -26.24 -27.33
C GLU H 113 20.27 -25.65 -26.39
N ILE H 114 20.50 -25.76 -25.08
CA ILE H 114 19.54 -25.34 -24.06
C ILE H 114 19.47 -23.82 -23.89
N ARG H 115 20.61 -23.15 -24.07
CA ARG H 115 20.69 -21.69 -23.96
C ARG H 115 20.19 -21.18 -22.62
N PRO H 116 20.75 -21.71 -21.52
CA PRO H 116 20.39 -21.16 -20.22
C PRO H 116 20.83 -19.71 -20.14
N HIS H 117 20.19 -18.94 -19.27
CA HIS H 117 20.54 -17.52 -19.11
C HIS H 117 22.00 -17.46 -18.65
N ASP H 118 22.36 -18.39 -17.78
CA ASP H 118 23.64 -18.43 -17.14
C ASP H 118 24.21 -19.85 -17.20
N ALA H 119 25.54 -19.93 -17.26
CA ALA H 119 26.24 -21.18 -17.16
C ALA H 119 27.46 -20.96 -16.28
N CYS H 120 27.79 -21.94 -15.46
CA CYS H 120 28.99 -21.87 -14.63
C CYS H 120 29.87 -23.06 -14.98
N LEU H 121 31.12 -22.80 -15.36
CA LEU H 121 32.01 -23.88 -15.74
C LEU H 121 32.72 -24.40 -14.50
N VAL H 122 32.61 -25.70 -14.27
CA VAL H 122 33.10 -26.33 -13.05
C VAL H 122 33.92 -27.54 -13.43
N PRO H 123 34.85 -27.95 -12.57
CA PRO H 123 35.64 -29.15 -12.85
C PRO H 123 34.87 -30.42 -12.49
N GLU H 124 35.06 -31.50 -13.26
CA GLU H 124 34.53 -32.83 -12.93
C GLU H 124 35.61 -33.92 -12.86
N LYS H 125 36.81 -33.63 -13.37
CA LYS H 125 37.92 -34.60 -13.36
C LYS H 125 39.05 -33.99 -12.59
N ARG H 126 39.83 -34.82 -11.88
CA ARG H 126 40.92 -34.29 -11.07
C ARG H 126 41.96 -33.50 -11.88
N SER H 127 42.05 -33.80 -13.17
CA SER H 127 42.94 -33.08 -14.09
C SER H 127 42.48 -31.63 -14.35
N GLU H 128 41.20 -31.34 -14.09
CA GLU H 128 40.61 -30.02 -14.32
C GLU H 128 40.65 -29.15 -13.08
N LEU H 129 40.95 -29.72 -11.92
CA LEU H 129 40.84 -28.97 -10.67
C LEU H 129 42.15 -28.78 -9.91
N THR H 130 42.20 -27.67 -9.15
CA THR H 130 43.29 -27.41 -8.22
C THR H 130 43.09 -28.25 -6.97
N THR H 131 44.09 -28.27 -6.08
CA THR H 131 43.98 -28.97 -4.81
C THR H 131 42.88 -28.35 -3.92
N GLU H 132 42.66 -27.04 -4.02
CA GLU H 132 41.55 -26.38 -3.30
C GLU H 132 40.19 -26.78 -3.89
N GLY H 133 40.17 -27.02 -5.20
CA GLY H 133 39.03 -27.69 -5.83
C GLY H 133 38.26 -26.90 -6.86
N GLY H 134 38.66 -25.64 -7.07
CA GLY H 134 38.08 -24.84 -8.13
C GLY H 134 38.63 -25.22 -9.50
N LEU H 135 38.09 -24.61 -10.54
CA LEU H 135 38.54 -24.85 -11.93
C LEU H 135 39.96 -24.35 -12.10
N ASP H 136 40.84 -25.23 -12.57
CA ASP H 136 42.21 -24.83 -12.94
C ASP H 136 42.21 -24.07 -14.25
N VAL H 137 41.84 -22.80 -14.20
CA VAL H 137 41.75 -21.96 -15.39
C VAL H 137 43.13 -21.70 -16.01
N VAL H 138 44.13 -21.52 -15.16
CA VAL H 138 45.49 -21.25 -15.63
C VAL H 138 46.03 -22.41 -16.46
N GLY H 139 45.97 -23.61 -15.91
CA GLY H 139 46.45 -24.81 -16.59
C GLY H 139 45.65 -25.25 -17.81
N HIS H 140 44.41 -24.78 -17.94
CA HIS H 140 43.58 -25.15 -19.09
C HIS H 140 43.03 -23.91 -19.78
N PHE H 141 43.79 -22.82 -19.79
CA PHE H 141 43.31 -21.52 -20.30
C PHE H 141 42.68 -21.55 -21.68
N ASP H 142 43.31 -22.21 -22.65
CA ASP H 142 42.78 -22.20 -24.02
C ASP H 142 41.45 -22.96 -24.14
N ALA H 143 41.38 -24.13 -23.51
CA ALA H 143 40.13 -24.87 -23.45
C ALA H 143 39.01 -24.04 -22.79
N VAL H 144 39.32 -23.33 -21.71
CA VAL H 144 38.29 -22.53 -21.00
C VAL H 144 37.91 -21.25 -21.75
N ARG H 145 38.90 -20.53 -22.29
CA ARG H 145 38.60 -19.37 -23.14
C ARG H 145 37.75 -19.75 -24.35
N ALA H 146 38.03 -20.91 -24.94
CA ALA H 146 37.23 -21.38 -26.08
C ALA H 146 35.80 -21.68 -25.67
N ALA H 147 35.62 -22.29 -24.50
CA ALA H 147 34.28 -22.59 -23.97
C ALA H 147 33.49 -21.31 -23.70
N CYS H 148 34.15 -20.29 -23.15
CA CYS H 148 33.52 -18.99 -22.90
C CYS H 148 33.02 -18.32 -24.17
N LYS H 149 33.77 -18.47 -25.26
CA LYS H 149 33.40 -17.87 -26.54
C LYS H 149 32.19 -18.62 -27.12
N GLN H 150 32.26 -19.94 -27.10
CA GLN H 150 31.19 -20.81 -27.61
C GLN H 150 29.84 -20.53 -26.92
N LEU H 151 29.83 -20.45 -25.60
CA LEU H 151 28.59 -20.18 -24.85
C LEU H 151 28.12 -18.73 -25.02
N ALA H 152 29.05 -17.78 -25.04
CA ALA H 152 28.71 -16.36 -25.26
C ALA H 152 28.07 -16.13 -26.63
N ASP H 153 28.54 -16.85 -27.65
CA ASP H 153 27.93 -16.79 -28.99
C ASP H 153 26.50 -17.32 -28.97
N ALA H 154 26.20 -18.22 -28.02
CA ALA H 154 24.86 -18.76 -27.84
C ALA H 154 24.03 -17.98 -26.82
N GLY H 155 24.38 -16.71 -26.59
CA GLY H 155 23.64 -15.82 -25.69
C GLY H 155 23.78 -16.08 -24.19
N VAL H 156 24.70 -16.95 -23.80
CA VAL H 156 24.81 -17.39 -22.41
C VAL H 156 25.79 -16.53 -21.61
N ARG H 157 25.38 -16.14 -20.40
CA ARG H 157 26.22 -15.37 -19.46
C ARG H 157 27.07 -16.37 -18.66
N VAL H 158 28.40 -16.32 -18.83
CA VAL H 158 29.26 -17.38 -18.35
C VAL H 158 30.01 -17.01 -17.07
N SER H 159 29.99 -17.93 -16.11
CA SER H 159 30.73 -17.80 -14.87
C SER H 159 31.75 -18.92 -14.77
N LEU H 160 32.90 -18.63 -14.15
CA LEU H 160 33.90 -19.64 -13.88
C LEU H 160 34.01 -19.85 -12.38
N PHE H 161 33.91 -21.11 -11.96
CA PHE H 161 34.02 -21.50 -10.55
C PHE H 161 35.49 -21.68 -10.18
N ILE H 162 36.02 -20.79 -9.34
CA ILE H 162 37.46 -20.75 -9.05
C ILE H 162 37.79 -20.49 -7.58
N ASP H 163 38.96 -20.96 -7.17
CA ASP H 163 39.51 -20.64 -5.84
C ASP H 163 39.68 -19.13 -5.73
N PRO H 164 39.58 -18.58 -4.51
CA PRO H 164 39.88 -17.16 -4.31
C PRO H 164 41.39 -16.97 -4.32
N ASP H 165 41.94 -17.08 -5.53
CA ASP H 165 43.37 -17.17 -5.77
C ASP H 165 43.72 -16.18 -6.87
N GLU H 166 44.69 -15.31 -6.59
CA GLU H 166 44.99 -14.17 -7.46
C GLU H 166 45.22 -14.59 -8.93
N ALA H 167 45.99 -15.64 -9.13
CA ALA H 167 46.36 -16.05 -10.48
C ALA H 167 45.15 -16.64 -11.21
N GLN H 168 44.35 -17.44 -10.51
CA GLN H 168 43.13 -17.95 -11.12
C GLN H 168 42.13 -16.81 -11.42
N ILE H 169 41.99 -15.85 -10.52
CA ILE H 169 41.09 -14.70 -10.75
C ILE H 169 41.58 -13.87 -11.93
N ARG H 170 42.88 -13.73 -12.07
CA ARG H 170 43.49 -13.01 -13.18
C ARG H 170 43.25 -13.74 -14.50
N ALA H 171 43.49 -15.06 -14.51
CA ALA H 171 43.26 -15.89 -15.71
C ALA H 171 41.78 -15.90 -16.12
N ALA H 172 40.90 -15.94 -15.12
CA ALA H 172 39.47 -15.84 -15.38
C ALA H 172 39.14 -14.59 -16.19
N HIS H 173 39.80 -13.46 -15.89
CA HIS H 173 39.55 -12.21 -16.61
C HIS H 173 40.04 -12.25 -18.05
N GLU H 174 41.25 -12.76 -18.25
CA GLU H 174 41.81 -12.89 -19.61
C GLU H 174 41.00 -13.87 -20.46
N THR H 175 40.22 -14.70 -19.80
CA THR H 175 39.32 -15.64 -20.46
C THR H 175 38.18 -14.96 -21.25
N GLY H 176 37.67 -13.82 -20.77
CA GLY H 176 36.57 -13.13 -21.44
C GLY H 176 35.25 -13.23 -20.69
N ALA H 177 35.05 -14.31 -19.93
CA ALA H 177 33.86 -14.50 -19.10
C ALA H 177 33.59 -13.27 -18.21
N PRO H 178 32.32 -12.81 -18.14
CA PRO H 178 31.99 -11.65 -17.31
C PRO H 178 31.74 -11.95 -15.82
N VAL H 179 31.86 -13.20 -15.40
CA VAL H 179 31.49 -13.58 -14.05
C VAL H 179 32.44 -14.63 -13.49
N ILE H 180 32.78 -14.48 -12.20
CA ILE H 180 33.41 -15.57 -11.43
C ILE H 180 32.58 -15.92 -10.21
N GLU H 181 32.63 -17.20 -9.82
CA GLU H 181 32.07 -17.64 -8.58
C GLU H 181 33.20 -18.16 -7.74
N LEU H 182 33.44 -17.48 -6.62
CA LEU H 182 34.52 -17.83 -5.72
C LEU H 182 34.16 -19.06 -4.89
N HIS H 183 35.13 -19.96 -4.74
CA HIS H 183 34.96 -21.23 -4.01
C HIS H 183 35.03 -21.00 -2.49
N THR H 184 33.87 -20.91 -1.85
CA THR H 184 33.79 -20.66 -0.42
C THR H 184 33.85 -21.92 0.46
N GLY H 185 34.42 -23.01 -0.08
CA GLY H 185 34.49 -24.29 0.64
C GLY H 185 35.40 -24.31 1.85
N ARG H 186 36.60 -23.75 1.75
CA ARG H 186 37.49 -23.72 2.91
C ARG H 186 36.94 -22.79 3.98
N TYR H 187 36.41 -21.64 3.59
CA TYR H 187 35.69 -20.80 4.52
C TYR H 187 34.63 -21.62 5.26
N ALA H 188 33.79 -22.32 4.49
CA ALA H 188 32.68 -23.10 5.05
C ALA H 188 33.13 -24.24 5.95
N ASP H 189 34.19 -24.93 5.54
CA ASP H 189 34.66 -26.10 6.28
C ASP H 189 35.67 -25.77 7.39
N ALA H 190 35.95 -24.49 7.62
CA ALA H 190 36.86 -24.09 8.69
C ALA H 190 36.35 -24.50 10.08
N HIS H 191 37.26 -25.02 10.89
CA HIS H 191 36.93 -25.56 12.21
C HIS H 191 36.89 -24.47 13.29
N ASP H 192 38.01 -23.81 13.52
CA ASP H 192 38.12 -22.77 14.56
C ASP H 192 37.81 -21.38 14.00
N ALA H 193 37.53 -20.44 14.91
CA ALA H 193 37.20 -19.06 14.56
C ALA H 193 38.34 -18.34 13.83
N ALA H 194 39.57 -18.75 14.13
CA ALA H 194 40.76 -18.15 13.53
C ALA H 194 40.90 -18.59 12.07
N GLU H 195 40.80 -19.89 11.83
CA GLU H 195 40.86 -20.47 10.49
C GLU H 195 39.79 -19.88 9.56
N GLN H 196 38.58 -19.68 10.10
CA GLN H 196 37.48 -19.10 9.32
C GLN H 196 37.72 -17.61 9.05
N GLN H 197 38.25 -16.91 10.05
CA GLN H 197 38.69 -15.53 9.86
C GLN H 197 39.67 -15.41 8.68
N ARG H 198 40.72 -16.24 8.70
CA ARG H 198 41.73 -16.24 7.63
C ARG H 198 41.12 -16.48 6.23
N GLU H 199 40.22 -17.47 6.14
CA GLU H 199 39.61 -17.81 4.86
C GLU H 199 38.62 -16.74 4.42
N PHE H 200 37.96 -16.11 5.37
CA PHE H 200 37.07 -14.99 5.05
C PHE H 200 37.83 -13.89 4.32
N GLU H 201 38.99 -13.53 4.85
CA GLU H 201 39.81 -12.48 4.24
C GLU H 201 40.19 -12.87 2.79
N ARG H 202 40.51 -14.15 2.56
CA ARG H 202 40.83 -14.61 1.20
C ARG H 202 39.68 -14.30 0.24
N ILE H 203 38.46 -14.61 0.67
CA ILE H 203 37.27 -14.31 -0.12
C ILE H 203 37.02 -12.82 -0.26
N ALA H 204 37.16 -12.08 0.83
CA ALA H 204 36.99 -10.61 0.76
C ALA H 204 37.92 -10.03 -0.29
N THR H 205 39.20 -10.38 -0.22
CA THR H 205 40.18 -9.81 -1.12
C THR H 205 39.94 -10.32 -2.56
N GLY H 206 39.53 -11.58 -2.69
CA GLY H 206 39.15 -12.12 -3.99
C GLY H 206 38.01 -11.35 -4.66
N VAL H 207 37.04 -10.94 -3.86
CA VAL H 207 35.93 -10.12 -4.34
C VAL H 207 36.42 -8.77 -4.87
N ASP H 208 37.24 -8.07 -4.08
CA ASP H 208 37.83 -6.79 -4.50
C ASP H 208 38.67 -6.93 -5.78
N ALA H 209 39.48 -7.99 -5.85
CA ALA H 209 40.32 -8.23 -7.03
C ALA H 209 39.49 -8.38 -8.30
N GLY H 210 38.36 -9.06 -8.20
CA GLY H 210 37.49 -9.35 -9.34
C GLY H 210 36.74 -8.13 -9.79
N ILE H 211 36.19 -7.41 -8.83
CA ILE H 211 35.56 -6.11 -9.10
C ILE H 211 36.56 -5.15 -9.73
N ALA H 212 37.80 -5.18 -9.24
CA ALA H 212 38.86 -4.32 -9.77
C ALA H 212 39.17 -4.62 -11.24
N LEU H 213 38.92 -5.86 -11.66
CA LEU H 213 39.13 -6.25 -13.06
C LEU H 213 37.86 -6.15 -13.92
N GLY H 214 36.77 -5.66 -13.33
CA GLY H 214 35.49 -5.49 -14.04
C GLY H 214 34.60 -6.74 -14.10
N LEU H 215 34.88 -7.72 -13.23
CA LEU H 215 34.08 -8.95 -13.16
C LEU H 215 32.94 -8.85 -12.15
N LYS H 216 31.90 -9.65 -12.34
CA LYS H 216 30.90 -9.84 -11.30
C LYS H 216 31.36 -11.00 -10.48
N VAL H 217 31.18 -10.92 -9.16
CA VAL H 217 31.58 -12.04 -8.33
C VAL H 217 30.41 -12.66 -7.58
N ASN H 218 30.43 -13.99 -7.58
CA ASN H 218 29.45 -14.80 -6.91
C ASN H 218 30.18 -15.68 -5.91
N ALA H 219 29.40 -16.39 -5.10
CA ALA H 219 29.90 -17.34 -4.12
C ALA H 219 28.78 -18.34 -3.82
N GLY H 220 29.00 -19.25 -2.89
CA GLY H 220 27.90 -20.12 -2.44
C GLY H 220 28.25 -21.48 -1.89
N HIS H 221 29.37 -22.04 -2.33
CA HIS H 221 29.69 -23.43 -2.02
C HIS H 221 29.90 -23.61 -0.51
N GLY H 222 29.26 -24.64 0.04
CA GLY H 222 29.32 -24.92 1.48
C GLY H 222 28.62 -23.93 2.41
N LEU H 223 28.01 -22.88 1.87
CA LEU H 223 27.40 -21.86 2.72
C LEU H 223 26.07 -22.33 3.32
N HIS H 224 25.89 -22.09 4.62
CA HIS H 224 24.68 -22.47 5.32
C HIS H 224 24.14 -21.33 6.20
N TYR H 225 23.23 -21.66 7.12
CA TYR H 225 22.38 -20.63 7.76
C TYR H 225 23.07 -19.89 8.90
N THR H 226 24.26 -20.31 9.30
CA THR H 226 25.07 -19.53 10.26
C THR H 226 26.43 -19.05 9.74
N ASN H 227 26.79 -19.31 8.48
CA ASN H 227 28.01 -18.72 7.91
C ASN H 227 27.78 -17.85 6.70
N VAL H 228 26.54 -17.81 6.19
CA VAL H 228 26.21 -17.01 5.03
C VAL H 228 26.24 -15.50 5.33
N GLN H 229 25.95 -15.12 6.58
CA GLN H 229 25.73 -13.70 6.92
C GLN H 229 26.95 -12.82 6.65
N ALA H 230 28.12 -13.30 7.06
CA ALA H 230 29.37 -12.57 6.85
C ALA H 230 29.65 -12.35 5.35
N ILE H 231 29.34 -13.36 4.54
CA ILE H 231 29.62 -13.34 3.12
C ILE H 231 28.63 -12.42 2.40
N ALA H 232 27.34 -12.52 2.75
CA ALA H 232 26.31 -11.62 2.19
C ALA H 232 26.51 -10.15 2.62
N ALA H 233 27.12 -9.97 3.79
CA ALA H 233 27.52 -8.65 4.28
C ALA H 233 28.42 -7.90 3.28
N LEU H 234 29.33 -8.62 2.63
CA LEU H 234 30.24 -8.04 1.63
C LEU H 234 29.45 -7.47 0.44
N PRO H 235 29.55 -6.15 0.21
CA PRO H 235 28.66 -5.56 -0.79
C PRO H 235 29.02 -5.93 -2.24
N GLY H 236 30.24 -6.38 -2.48
CA GLY H 236 30.68 -6.77 -3.82
C GLY H 236 30.03 -8.03 -4.40
N ILE H 237 29.54 -8.91 -3.54
CA ILE H 237 28.95 -10.15 -4.01
C ILE H 237 27.61 -9.90 -4.69
N ALA H 238 27.51 -10.34 -5.93
CA ALA H 238 26.28 -10.22 -6.71
C ALA H 238 25.26 -11.27 -6.28
N GLU H 239 25.67 -12.54 -6.34
CA GLU H 239 24.75 -13.64 -6.09
C GLU H 239 25.41 -14.74 -5.28
N LEU H 240 24.65 -15.29 -4.34
CA LEU H 240 25.05 -16.49 -3.64
C LEU H 240 24.21 -17.65 -4.18
N ASN H 241 24.90 -18.66 -4.68
CA ASN H 241 24.28 -19.86 -5.22
C ASN H 241 24.42 -20.96 -4.19
N ILE H 242 23.34 -21.24 -3.48
CA ILE H 242 23.36 -22.18 -2.37
C ILE H 242 22.50 -23.40 -2.70
N GLY H 243 22.99 -24.57 -2.29
CA GLY H 243 22.34 -25.84 -2.62
C GLY H 243 22.05 -26.71 -1.41
N HIS H 244 23.06 -27.41 -0.94
CA HIS H 244 22.86 -28.51 0.01
C HIS H 244 22.32 -28.05 1.38
N ALA H 245 22.74 -26.87 1.82
CA ALA H 245 22.29 -26.35 3.10
C ALA H 245 20.77 -26.17 3.07
N ILE H 246 20.25 -25.81 1.90
CA ILE H 246 18.83 -25.53 1.72
C ILE H 246 17.99 -26.80 1.68
N VAL H 247 18.51 -27.83 1.00
CA VAL H 247 17.87 -29.15 0.97
C VAL H 247 17.92 -29.79 2.36
N ALA H 248 19.07 -29.69 3.03
CA ALA H 248 19.24 -30.23 4.38
C ALA H 248 18.19 -29.68 5.35
N HIS H 249 18.04 -28.36 5.32
CA HIS H 249 17.16 -27.63 6.22
C HIS H 249 15.71 -27.93 5.85
N ALA H 250 15.43 -27.94 4.55
CA ALA H 250 14.09 -28.24 4.05
C ALA H 250 13.50 -29.57 4.51
N VAL H 251 14.31 -30.60 4.73
CA VAL H 251 13.76 -31.89 5.11
C VAL H 251 12.97 -31.74 6.41
N PHE H 252 13.47 -30.89 7.31
CA PHE H 252 12.84 -30.63 8.61
C PHE H 252 11.78 -29.54 8.56
N VAL H 253 11.99 -28.55 7.72
CA VAL H 253 11.25 -27.29 7.82
C VAL H 253 10.32 -27.01 6.63
N GLY H 254 10.53 -27.71 5.51
CA GLY H 254 9.77 -27.45 4.28
C GLY H 254 10.58 -26.61 3.29
N TRP H 255 10.41 -26.90 2.00
CA TRP H 255 11.22 -26.30 0.94
C TRP H 255 10.96 -24.80 0.79
N ASP H 256 9.68 -24.43 0.72
CA ASP H 256 9.27 -23.04 0.71
C ASP H 256 9.91 -22.27 1.86
N ASN H 257 9.85 -22.83 3.07
CA ASN H 257 10.37 -22.13 4.23
C ASN H 257 11.89 -22.01 4.20
N ALA H 258 12.56 -23.09 3.78
CA ALA H 258 14.03 -23.12 3.73
C ALA H 258 14.58 -22.06 2.77
N VAL H 259 13.91 -21.87 1.64
CA VAL H 259 14.33 -20.91 0.64
C VAL H 259 14.07 -19.48 1.18
N ARG H 260 12.82 -19.22 1.56
CA ARG H 260 12.41 -17.90 2.05
C ARG H 260 13.34 -17.42 3.18
N GLU H 261 13.65 -18.31 4.12
CA GLU H 261 14.46 -17.95 5.27
C GLU H 261 15.89 -17.58 4.84
N MET H 262 16.51 -18.39 4.00
CA MET H 262 17.87 -18.12 3.54
C MET H 262 17.94 -16.79 2.81
N LYS H 263 16.96 -16.53 1.95
CA LYS H 263 16.87 -15.24 1.26
C LYS H 263 16.75 -14.08 2.26
N ALA H 264 15.87 -14.22 3.24
CA ALA H 264 15.58 -13.15 4.21
C ALA H 264 16.80 -12.82 5.05
N ILE H 265 17.49 -13.86 5.50
CA ILE H 265 18.74 -13.70 6.23
C ILE H 265 19.83 -13.04 5.40
N MET H 266 19.85 -13.32 4.11
CA MET H 266 20.87 -12.73 3.21
C MET H 266 20.59 -11.26 2.99
N VAL H 267 19.32 -10.94 2.74
CA VAL H 267 18.92 -9.57 2.54
C VAL H 267 19.20 -8.74 3.79
N ALA H 268 18.80 -9.27 4.95
CA ALA H 268 18.98 -8.58 6.21
C ALA H 268 20.46 -8.26 6.45
N ALA H 269 21.32 -9.26 6.28
CA ALA H 269 22.75 -9.09 6.48
C ALA H 269 23.31 -8.06 5.52
N ARG H 270 22.84 -8.08 4.28
CA ARG H 270 23.34 -7.19 3.23
C ARG H 270 22.91 -5.73 3.47
N VAL H 271 21.62 -5.49 3.65
CA VAL H 271 21.15 -4.12 3.85
C VAL H 271 21.67 -3.51 5.15
N ALA H 272 21.74 -4.32 6.21
CA ALA H 272 22.27 -3.84 7.48
C ALA H 272 23.74 -3.44 7.35
N ALA H 273 24.50 -4.21 6.56
CA ALA H 273 25.92 -3.91 6.31
C ALA H 273 26.10 -2.65 5.46
N LEU H 274 25.16 -2.37 4.57
CA LEU H 274 25.28 -1.20 3.69
C LEU H 274 25.07 0.11 4.45
N HIS H 275 24.27 0.08 5.51
CA HIS H 275 23.82 1.30 6.19
C HIS H 275 24.37 1.40 7.62
#